data_8RLZ
#
_entry.id   8RLZ
#
loop_
_entity.id
_entity.type
_entity.pdbx_description
1 polymer 'Antisigma factor DdvA'
2 non-polymer 'ZINC ION'
#
_entity_poly.entity_id   1
_entity_poly.type   'polypeptide(L)'
_entity_poly.pdbx_seq_one_letter_code
;GSSHHHHHHSSGLVPRGSHMMSSSPCDQLQSFADGDLPPMEAQAFGQHLADCEKCQVELTRLLQLDQLGRGYIERHGPVD
IPWHALPRNR
;
_entity_poly.pdbx_strand_id   A
#
# COMPACT_ATOMS: atom_id res chain seq x y z
N LEU A 13 -0.31 7.48 29.76
CA LEU A 13 -0.94 8.74 30.23
C LEU A 13 -1.16 9.69 29.04
N VAL A 14 -2.39 9.77 28.52
CA VAL A 14 -2.78 10.59 27.35
C VAL A 14 -4.21 11.14 27.48
N PRO A 15 -4.54 12.29 26.84
CA PRO A 15 -5.90 12.84 26.82
C PRO A 15 -6.85 12.00 25.96
N ARG A 16 -8.16 12.27 26.09
CA ARG A 16 -9.23 11.66 25.28
C ARG A 16 -9.56 12.55 24.08
N GLY A 17 -9.63 11.95 22.90
CA GLY A 17 -9.85 12.58 21.59
C GLY A 17 -10.60 11.65 20.64
N SER A 18 -10.42 11.85 19.32
CA SER A 18 -11.03 11.04 18.27
C SER A 18 -10.77 9.54 18.44
N HIS A 19 -11.80 8.75 18.78
CA HIS A 19 -11.70 7.29 18.86
C HIS A 19 -11.43 6.68 17.48
N MET A 20 -10.27 6.01 17.34
CA MET A 20 -9.93 5.20 16.15
C MET A 20 -10.89 4.01 15.95
N MET A 21 -10.73 3.32 14.81
CA MET A 21 -11.50 2.14 14.40
C MET A 21 -10.58 0.93 14.16
N SER A 22 -11.14 -0.27 14.23
CA SER A 22 -10.43 -1.50 13.86
C SER A 22 -10.06 -1.50 12.36
N SER A 23 -8.88 -2.03 12.03
CA SER A 23 -8.37 -2.13 10.65
C SER A 23 -7.43 -3.34 10.52
N SER A 24 -7.28 -3.87 9.30
CA SER A 24 -6.55 -5.10 8.99
C SER A 24 -5.18 -4.81 8.35
N PRO A 25 -4.15 -5.65 8.57
CA PRO A 25 -2.79 -5.40 8.07
C PRO A 25 -2.68 -5.49 6.53
N CYS A 26 -3.63 -6.15 5.87
CA CYS A 26 -3.76 -6.14 4.40
C CYS A 26 -4.08 -4.73 3.85
N ASP A 27 -4.69 -3.86 4.66
CA ASP A 27 -5.01 -2.47 4.32
C ASP A 27 -3.95 -1.48 4.85
N GLN A 28 -3.23 -1.82 5.93
CA GLN A 28 -2.22 -0.96 6.55
C GLN A 28 -1.03 -0.67 5.63
N LEU A 29 -0.76 -1.56 4.67
CA LEU A 29 0.27 -1.36 3.65
C LEU A 29 0.03 -0.11 2.79
N GLN A 30 -1.20 0.41 2.77
CA GLN A 30 -1.53 1.63 2.06
C GLN A 30 -0.71 2.81 2.58
N SER A 31 -0.63 2.96 3.91
CA SER A 31 0.23 3.94 4.59
C SER A 31 1.73 3.67 4.40
N PHE A 32 2.14 2.40 4.30
CA PHE A 32 3.53 2.03 4.01
C PHE A 32 3.99 2.55 2.65
N ALA A 33 3.25 2.25 1.57
CA ALA A 33 3.65 2.64 0.21
C ALA A 33 3.59 4.17 -0.02
N ASP A 34 2.62 4.84 0.62
CA ASP A 34 2.53 6.32 0.64
C ASP A 34 3.67 6.99 1.43
N GLY A 35 4.42 6.24 2.25
CA GLY A 35 5.59 6.72 3.00
C GLY A 35 5.24 7.36 4.35
N ASP A 36 4.19 6.89 5.03
CA ASP A 36 3.59 7.49 6.23
C ASP A 36 3.34 6.46 7.36
N LEU A 37 4.20 5.45 7.48
CA LEU A 37 4.13 4.38 8.48
C LEU A 37 5.41 4.34 9.36
N PRO A 38 5.30 4.30 10.71
CA PRO A 38 6.45 4.31 11.62
C PRO A 38 7.22 2.98 11.64
N PRO A 39 8.49 2.94 12.08
CA PRO A 39 9.35 1.77 12.00
C PRO A 39 8.89 0.59 12.88
N MET A 40 8.28 0.87 14.04
CA MET A 40 7.73 -0.16 14.93
C MET A 40 6.56 -0.91 14.29
N GLU A 41 5.58 -0.16 13.77
CA GLU A 41 4.41 -0.74 13.09
C GLU A 41 4.78 -1.38 11.74
N ALA A 42 5.82 -0.85 11.06
CA ALA A 42 6.37 -1.42 9.83
C ALA A 42 6.88 -2.87 10.00
N GLN A 43 7.41 -3.23 11.18
CA GLN A 43 7.72 -4.63 11.49
C GLN A 43 6.46 -5.43 11.85
N ALA A 44 5.51 -4.85 12.59
CA ALA A 44 4.30 -5.52 13.05
C ALA A 44 3.36 -5.98 11.91
N PHE A 45 3.05 -5.11 10.94
CA PHE A 45 2.29 -5.51 9.74
C PHE A 45 3.14 -6.33 8.75
N GLY A 46 4.48 -6.25 8.86
CA GLY A 46 5.46 -6.91 7.99
C GLY A 46 5.29 -8.44 7.92
N GLN A 47 4.85 -9.08 9.01
CA GLN A 47 4.52 -10.52 9.03
C GLN A 47 3.38 -10.88 8.07
N HIS A 48 2.37 -10.02 7.92
CA HIS A 48 1.25 -10.20 6.98
C HIS A 48 1.57 -9.72 5.56
N LEU A 49 2.56 -8.83 5.41
CA LEU A 49 3.10 -8.39 4.10
C LEU A 49 3.84 -9.50 3.34
N ALA A 50 4.00 -10.69 3.94
CA ALA A 50 4.35 -11.93 3.24
C ALA A 50 3.42 -12.22 2.03
N ASP A 51 3.80 -13.18 1.18
CA ASP A 51 3.12 -13.55 -0.07
C ASP A 51 1.58 -13.70 0.08
N CYS A 52 0.85 -12.70 -0.43
CA CYS A 52 -0.60 -12.52 -0.27
C CYS A 52 -1.13 -11.69 -1.45
N GLU A 53 -1.97 -12.28 -2.32
CA GLU A 53 -2.52 -11.58 -3.49
C GLU A 53 -3.31 -10.33 -3.10
N LYS A 54 -4.14 -10.42 -2.05
CA LYS A 54 -4.91 -9.28 -1.50
C LYS A 54 -4.01 -8.12 -1.05
N CYS A 55 -2.83 -8.41 -0.50
CA CYS A 55 -1.83 -7.38 -0.18
C CYS A 55 -1.24 -6.76 -1.47
N GLN A 56 -0.81 -7.59 -2.43
CA GLN A 56 -0.16 -7.12 -3.65
C GLN A 56 -1.09 -6.25 -4.51
N VAL A 57 -2.38 -6.59 -4.58
CA VAL A 57 -3.44 -5.79 -5.22
C VAL A 57 -3.58 -4.40 -4.58
N GLU A 58 -3.58 -4.31 -3.23
CA GLU A 58 -3.65 -3.03 -2.53
C GLU A 58 -2.37 -2.19 -2.72
N LEU A 59 -1.19 -2.82 -2.80
CA LEU A 59 0.10 -2.14 -3.00
C LEU A 59 0.21 -1.58 -4.43
N THR A 60 0.01 -2.43 -5.45
CA THR A 60 0.16 -2.05 -6.87
C THR A 60 -0.82 -0.96 -7.31
N ARG A 61 -2.00 -0.86 -6.66
CA ARG A 61 -2.97 0.25 -6.82
C ARG A 61 -2.33 1.62 -6.59
N LEU A 62 -1.40 1.70 -5.63
CA LEU A 62 -0.71 2.95 -5.28
C LEU A 62 0.47 3.18 -6.22
N LEU A 63 1.21 2.13 -6.58
CA LEU A 63 2.31 2.24 -7.54
C LEU A 63 1.83 2.71 -8.92
N GLN A 64 0.61 2.33 -9.32
CA GLN A 64 -0.03 2.74 -10.57
C GLN A 64 -0.12 4.29 -10.76
N LEU A 65 -0.02 5.06 -9.67
CA LEU A 65 -0.09 6.54 -9.67
C LEU A 65 1.08 7.23 -8.94
N ASP A 66 1.83 6.51 -8.10
CA ASP A 66 3.02 7.02 -7.39
C ASP A 66 4.35 6.65 -8.07
N GLN A 67 4.45 5.45 -8.67
CA GLN A 67 5.60 5.03 -9.49
C GLN A 67 5.56 5.68 -10.89
N LEU A 68 4.36 6.00 -11.38
CA LEU A 68 4.12 6.74 -12.62
C LEU A 68 4.76 8.15 -12.58
N GLY A 69 5.86 8.34 -13.30
CA GLY A 69 6.65 9.58 -13.26
C GLY A 69 8.11 9.41 -13.71
N ARG A 70 8.32 9.14 -15.02
CA ARG A 70 9.67 8.96 -15.60
C ARG A 70 10.66 10.07 -15.21
N GLY A 71 11.90 9.66 -14.91
CA GLY A 71 12.98 10.51 -14.41
C GLY A 71 13.37 10.21 -12.95
N TYR A 72 12.42 9.77 -12.13
CA TYR A 72 12.65 9.30 -10.76
C TYR A 72 13.03 7.81 -10.74
N ILE A 73 14.31 7.54 -10.51
CA ILE A 73 14.94 6.21 -10.41
C ILE A 73 16.00 6.20 -9.29
N GLU A 74 16.51 5.01 -8.96
CA GLU A 74 17.62 4.82 -8.00
C GLU A 74 18.64 3.80 -8.55
N ARG A 75 19.92 3.99 -8.18
CA ARG A 75 21.07 3.18 -8.66
C ARG A 75 22.03 2.71 -7.55
N HIS A 76 21.89 3.28 -6.35
CA HIS A 76 22.59 2.90 -5.12
C HIS A 76 21.55 2.83 -3.99
N GLY A 77 21.34 1.64 -3.45
CA GLY A 77 20.37 1.35 -2.39
C GLY A 77 21.02 0.61 -1.21
N PRO A 78 22.04 1.20 -0.55
CA PRO A 78 22.74 0.57 0.56
C PRO A 78 21.80 0.35 1.75
N VAL A 79 22.08 -0.69 2.55
CA VAL A 79 21.28 -1.07 3.73
C VAL A 79 22.20 -1.18 4.94
N ASP A 80 22.15 -0.15 5.78
CA ASP A 80 22.96 0.01 6.99
C ASP A 80 22.12 0.69 8.08
N ILE A 81 22.36 0.35 9.35
CA ILE A 81 21.61 0.85 10.52
C ILE A 81 22.55 1.40 11.61
N PRO A 82 22.12 2.43 12.37
CA PRO A 82 22.93 3.04 13.43
C PRO A 82 23.11 2.10 14.63
N TRP A 83 24.26 2.24 15.33
CA TRP A 83 24.59 1.44 16.52
C TRP A 83 24.00 2.02 17.81
N HIS A 84 23.87 3.35 17.91
CA HIS A 84 23.29 4.04 19.09
C HIS A 84 21.79 3.78 19.30
N ALA A 85 21.05 3.55 18.21
CA ALA A 85 19.65 3.13 18.24
C ALA A 85 19.45 1.75 18.91
N LEU A 86 18.19 1.34 19.11
CA LEU A 86 17.81 0.13 19.87
C LEU A 86 18.44 0.15 21.29
N PRO A 87 18.02 1.09 22.17
CA PRO A 87 18.53 1.19 23.54
C PRO A 87 18.12 -0.01 24.41
N ARG A 88 18.74 -0.14 25.59
CA ARG A 88 18.61 -1.27 26.54
C ARG A 88 17.27 -1.26 27.31
N ASN A 89 16.15 -1.27 26.60
CA ASN A 89 14.80 -1.20 27.13
C ASN A 89 14.10 -2.59 27.10
N ARG A 90 13.08 -2.76 27.95
CA ARG A 90 12.30 -4.00 28.16
C ARG A 90 10.80 -3.70 28.22
N LEU A 13 -28.54 10.57 16.09
CA LEU A 13 -27.17 10.59 15.49
C LEU A 13 -26.24 11.49 16.34
N VAL A 14 -26.02 11.10 17.61
CA VAL A 14 -25.14 11.85 18.54
C VAL A 14 -23.67 11.50 18.24
N PRO A 15 -22.75 12.47 18.10
CA PRO A 15 -21.33 12.18 17.89
C PRO A 15 -20.69 11.52 19.12
N ARG A 16 -19.74 10.61 18.89
CA ARG A 16 -19.06 9.82 19.92
C ARG A 16 -17.54 9.99 19.82
N GLY A 17 -16.85 9.98 20.96
CA GLY A 17 -15.39 10.16 21.05
C GLY A 17 -14.56 8.95 20.61
N SER A 18 -15.19 7.82 20.26
CA SER A 18 -14.54 6.56 19.87
C SER A 18 -13.88 6.64 18.48
N HIS A 19 -12.62 7.09 18.45
CA HIS A 19 -11.78 7.19 17.24
C HIS A 19 -10.57 6.22 17.25
N MET A 20 -10.63 5.18 18.10
CA MET A 20 -9.63 4.12 18.21
C MET A 20 -10.09 2.84 17.48
N MET A 21 -9.92 2.84 16.16
CA MET A 21 -10.11 1.67 15.28
C MET A 21 -8.86 1.41 14.44
N SER A 22 -8.64 0.14 14.10
CA SER A 22 -7.44 -0.37 13.42
C SER A 22 -7.84 -1.42 12.38
N SER A 23 -7.85 -1.02 11.11
CA SER A 23 -8.21 -1.90 9.99
C SER A 23 -7.22 -3.07 9.81
N SER A 24 -7.64 -4.10 9.07
CA SER A 24 -6.84 -5.30 8.78
C SER A 24 -5.48 -4.99 8.14
N PRO A 25 -4.42 -5.80 8.42
CA PRO A 25 -3.06 -5.50 7.96
C PRO A 25 -2.87 -5.60 6.44
N CYS A 26 -3.81 -6.25 5.73
CA CYS A 26 -3.89 -6.24 4.26
C CYS A 26 -4.17 -4.84 3.67
N ASP A 27 -4.64 -3.89 4.48
CA ASP A 27 -4.98 -2.51 4.10
C ASP A 27 -4.01 -1.49 4.75
N GLN A 28 -3.36 -1.86 5.85
CA GLN A 28 -2.32 -1.05 6.54
C GLN A 28 -1.12 -0.74 5.64
N LEU A 29 -0.83 -1.63 4.69
CA LEU A 29 0.21 -1.47 3.68
C LEU A 29 0.04 -0.22 2.80
N GLN A 30 -1.16 0.32 2.71
CA GLN A 30 -1.40 1.54 1.93
C GLN A 30 -0.60 2.72 2.52
N SER A 31 -0.63 2.87 3.85
CA SER A 31 0.17 3.86 4.59
C SER A 31 1.68 3.59 4.50
N PHE A 32 2.10 2.33 4.41
CA PHE A 32 3.51 1.97 4.16
C PHE A 32 3.98 2.48 2.78
N ALA A 33 3.25 2.17 1.71
CA ALA A 33 3.64 2.54 0.35
C ALA A 33 3.60 4.07 0.12
N ASP A 34 2.65 4.77 0.74
CA ASP A 34 2.58 6.23 0.75
C ASP A 34 3.71 6.90 1.57
N GLY A 35 4.42 6.14 2.42
CA GLY A 35 5.55 6.64 3.23
C GLY A 35 5.13 7.33 4.53
N ASP A 36 4.03 6.88 5.16
CA ASP A 36 3.40 7.52 6.33
C ASP A 36 3.13 6.53 7.49
N LEU A 37 3.94 5.47 7.58
CA LEU A 37 3.84 4.42 8.61
C LEU A 37 5.09 4.40 9.52
N PRO A 38 4.94 4.36 10.86
CA PRO A 38 6.07 4.36 11.80
C PRO A 38 6.81 3.00 11.84
N PRO A 39 8.09 2.96 12.30
CA PRO A 39 8.93 1.77 12.23
C PRO A 39 8.43 0.60 13.10
N MET A 40 7.86 0.89 14.27
CA MET A 40 7.27 -0.11 15.18
C MET A 40 6.06 -0.83 14.55
N GLU A 41 5.22 -0.10 13.81
CA GLU A 41 4.06 -0.68 13.13
C GLU A 41 4.45 -1.32 11.79
N ALA A 42 5.51 -0.84 11.14
CA ALA A 42 6.08 -1.42 9.94
C ALA A 42 6.56 -2.88 10.12
N GLN A 43 7.11 -3.21 11.30
CA GLN A 43 7.41 -4.60 11.66
C GLN A 43 6.15 -5.42 11.99
N ALA A 44 5.16 -4.80 12.67
CA ALA A 44 3.92 -5.48 13.10
C ALA A 44 3.05 -5.95 11.92
N PHE A 45 2.76 -5.07 10.95
CA PHE A 45 2.04 -5.47 9.71
C PHE A 45 2.92 -6.27 8.73
N GLY A 46 4.25 -6.10 8.83
CA GLY A 46 5.25 -6.76 7.99
C GLY A 46 5.13 -8.28 7.91
N GLN A 47 4.68 -8.91 9.01
CA GLN A 47 4.41 -10.35 9.09
C GLN A 47 3.29 -10.81 8.13
N HIS A 48 2.26 -9.98 7.93
CA HIS A 48 1.16 -10.21 6.97
C HIS A 48 1.51 -9.74 5.54
N LEU A 49 2.48 -8.83 5.39
CA LEU A 49 3.02 -8.38 4.09
C LEU A 49 3.78 -9.48 3.32
N ALA A 50 3.97 -10.66 3.91
CA ALA A 50 4.33 -11.90 3.22
C ALA A 50 3.44 -12.17 1.97
N ASP A 51 3.88 -13.07 1.09
CA ASP A 51 3.23 -13.41 -0.19
C ASP A 51 1.71 -13.61 -0.05
N CYS A 52 0.94 -12.64 -0.56
CA CYS A 52 -0.50 -12.50 -0.37
C CYS A 52 -1.09 -11.67 -1.52
N GLU A 53 -1.82 -12.31 -2.44
CA GLU A 53 -2.45 -11.63 -3.59
C GLU A 53 -3.27 -10.40 -3.18
N LYS A 54 -4.02 -10.50 -2.08
CA LYS A 54 -4.83 -9.41 -1.50
C LYS A 54 -3.96 -8.21 -1.07
N CYS A 55 -2.74 -8.45 -0.59
CA CYS A 55 -1.77 -7.40 -0.28
C CYS A 55 -1.16 -6.79 -1.54
N GLN A 56 -0.69 -7.61 -2.49
CA GLN A 56 -0.05 -7.12 -3.71
C GLN A 56 -1.00 -6.28 -4.58
N VAL A 57 -2.29 -6.65 -4.66
CA VAL A 57 -3.35 -5.83 -5.31
C VAL A 57 -3.48 -4.46 -4.64
N GLU A 58 -3.50 -4.41 -3.31
CA GLU A 58 -3.63 -3.15 -2.56
C GLU A 58 -2.38 -2.25 -2.70
N LEU A 59 -1.18 -2.83 -2.84
CA LEU A 59 0.08 -2.12 -3.03
C LEU A 59 0.20 -1.57 -4.45
N THR A 60 0.04 -2.41 -5.46
CA THR A 60 0.22 -2.03 -6.88
C THR A 60 -0.77 -0.95 -7.33
N ARG A 61 -1.98 -0.90 -6.75
CA ARG A 61 -2.95 0.20 -6.91
C ARG A 61 -2.37 1.58 -6.64
N LEU A 62 -1.43 1.70 -5.68
CA LEU A 62 -0.78 2.96 -5.33
C LEU A 62 0.40 3.24 -6.26
N LEU A 63 1.19 2.21 -6.58
CA LEU A 63 2.35 2.34 -7.49
C LEU A 63 1.91 2.73 -8.91
N GLN A 64 0.74 2.27 -9.34
CA GLN A 64 0.12 2.61 -10.62
C GLN A 64 -0.09 4.13 -10.77
N LEU A 65 -0.52 4.81 -9.70
CA LEU A 65 -0.67 6.28 -9.65
C LEU A 65 0.69 6.98 -9.48
N ASP A 66 1.60 6.41 -8.71
CA ASP A 66 2.96 6.93 -8.50
C ASP A 66 3.82 6.96 -9.79
N GLN A 67 3.49 6.12 -10.78
CA GLN A 67 4.13 6.12 -12.11
C GLN A 67 3.79 7.38 -12.94
N LEU A 68 2.57 7.93 -12.82
CA LEU A 68 2.16 9.15 -13.52
C LEU A 68 2.91 10.38 -12.97
N GLY A 69 3.40 11.24 -13.89
CA GLY A 69 4.12 12.47 -13.55
C GLY A 69 5.51 12.64 -14.20
N ARG A 70 5.79 11.92 -15.31
CA ARG A 70 7.09 11.89 -16.00
C ARG A 70 7.69 13.27 -16.27
N GLY A 71 9.01 13.37 -16.18
CA GLY A 71 9.79 14.61 -16.35
C GLY A 71 9.93 15.46 -15.07
N TYR A 72 8.96 15.37 -14.14
CA TYR A 72 9.06 15.98 -12.80
C TYR A 72 9.91 15.12 -11.84
N ILE A 73 10.20 15.65 -10.66
CA ILE A 73 10.93 14.94 -9.59
C ILE A 73 10.16 13.71 -9.09
N GLU A 74 10.87 12.58 -9.02
CA GLU A 74 10.35 11.33 -8.42
C GLU A 74 11.43 10.53 -7.66
N ARG A 75 12.56 10.21 -8.30
CA ARG A 75 13.67 9.41 -7.73
C ARG A 75 15.06 10.04 -7.98
N HIS A 76 15.10 11.37 -8.10
CA HIS A 76 16.33 12.17 -8.24
C HIS A 76 16.33 13.37 -7.28
N GLY A 77 17.52 13.74 -6.81
CA GLY A 77 17.76 14.85 -5.88
C GLY A 77 19.16 14.81 -5.23
N PRO A 78 19.56 15.87 -4.49
CA PRO A 78 20.84 15.92 -3.79
C PRO A 78 20.87 15.01 -2.55
N VAL A 79 22.07 14.78 -2.01
CA VAL A 79 22.29 14.01 -0.76
C VAL A 79 22.38 14.94 0.45
N ASP A 80 21.77 14.54 1.56
CA ASP A 80 21.84 15.20 2.87
C ASP A 80 21.73 14.14 3.98
N ILE A 81 22.64 14.19 4.96
CA ILE A 81 22.61 13.34 6.15
C ILE A 81 21.38 13.61 7.05
N PRO A 82 20.90 12.62 7.84
CA PRO A 82 19.83 12.84 8.81
C PRO A 82 20.26 13.74 9.99
N TRP A 83 19.27 14.22 10.74
CA TRP A 83 19.45 15.13 11.89
C TRP A 83 18.79 14.62 13.18
N HIS A 84 17.62 13.96 13.08
CA HIS A 84 16.90 13.37 14.22
C HIS A 84 17.53 12.07 14.74
N ALA A 85 18.38 11.44 13.93
CA ALA A 85 19.21 10.27 14.26
C ALA A 85 20.61 10.41 13.61
N LEU A 86 21.60 9.68 14.13
CA LEU A 86 22.97 9.64 13.60
C LEU A 86 23.24 8.30 12.87
N PRO A 87 24.24 8.26 11.97
CA PRO A 87 24.69 7.01 11.33
C PRO A 87 25.30 6.06 12.38
N ARG A 88 24.70 4.88 12.57
CA ARG A 88 25.21 3.84 13.48
C ARG A 88 26.55 3.28 12.99
N ASN A 89 27.65 3.62 13.66
CA ASN A 89 28.99 3.07 13.40
C ASN A 89 29.03 1.54 13.58
N ARG A 90 29.96 0.90 12.86
CA ARG A 90 30.19 -0.56 12.88
C ARG A 90 30.72 -1.07 14.24
N LEU A 13 -13.39 24.41 14.18
CA LEU A 13 -13.16 24.23 12.71
C LEU A 13 -12.65 22.83 12.36
N VAL A 14 -11.47 22.41 12.85
CA VAL A 14 -10.82 21.11 12.53
C VAL A 14 -10.42 20.39 13.82
N PRO A 15 -11.39 19.81 14.57
CA PRO A 15 -11.11 19.03 15.78
C PRO A 15 -10.40 17.71 15.44
N ARG A 16 -9.84 17.05 16.47
CA ARG A 16 -9.27 15.69 16.36
C ARG A 16 -10.28 14.66 15.84
N GLY A 17 -9.78 13.58 15.23
CA GLY A 17 -10.61 12.48 14.73
C GLY A 17 -11.44 11.80 15.83
N SER A 18 -12.67 11.39 15.49
CA SER A 18 -13.56 10.63 16.38
C SER A 18 -13.04 9.21 16.67
N HIS A 19 -13.57 8.57 17.72
CA HIS A 19 -13.25 7.17 18.05
C HIS A 19 -13.66 6.24 16.89
N MET A 20 -12.69 5.49 16.36
CA MET A 20 -12.86 4.55 15.24
C MET A 20 -11.97 3.32 15.41
N MET A 21 -12.39 2.17 14.86
CA MET A 21 -11.68 0.89 14.98
C MET A 21 -10.64 0.72 13.86
N SER A 22 -9.47 0.18 14.20
CA SER A 22 -8.35 -0.05 13.27
C SER A 22 -8.69 -1.02 12.13
N SER A 23 -8.14 -0.77 10.94
CA SER A 23 -8.32 -1.62 9.74
C SER A 23 -7.45 -2.89 9.77
N SER A 24 -7.76 -3.86 8.89
CA SER A 24 -7.02 -5.11 8.71
C SER A 24 -5.58 -4.88 8.21
N PRO A 25 -4.61 -5.76 8.54
CA PRO A 25 -3.21 -5.61 8.14
C PRO A 25 -2.98 -5.77 6.63
N CYS A 26 -3.94 -6.34 5.89
CA CYS A 26 -3.92 -6.40 4.42
C CYS A 26 -4.13 -5.03 3.75
N ASP A 27 -4.68 -4.04 4.46
CA ASP A 27 -4.90 -2.68 3.99
C ASP A 27 -3.89 -1.68 4.61
N GLN A 28 -3.27 -2.04 5.75
CA GLN A 28 -2.25 -1.25 6.45
C GLN A 28 -1.04 -0.90 5.58
N LEU A 29 -0.71 -1.75 4.59
CA LEU A 29 0.34 -1.51 3.61
C LEU A 29 0.18 -0.20 2.83
N GLN A 30 -1.04 0.36 2.81
CA GLN A 30 -1.32 1.62 2.15
C GLN A 30 -0.46 2.75 2.73
N SER A 31 -0.31 2.78 4.05
CA SER A 31 0.56 3.72 4.77
C SER A 31 2.06 3.47 4.53
N PHE A 32 2.48 2.21 4.39
CA PHE A 32 3.86 1.82 4.08
C PHE A 32 4.30 2.36 2.72
N ALA A 33 3.54 2.11 1.65
CA ALA A 33 3.91 2.56 0.29
C ALA A 33 3.74 4.08 0.10
N ASP A 34 2.74 4.69 0.75
CA ASP A 34 2.58 6.15 0.79
C ASP A 34 3.71 6.88 1.55
N GLY A 35 4.41 6.18 2.46
CA GLY A 35 5.57 6.68 3.19
C GLY A 35 5.24 7.34 4.53
N ASP A 36 4.21 6.84 5.23
CA ASP A 36 3.60 7.46 6.42
C ASP A 36 3.35 6.44 7.55
N LEU A 37 4.25 5.47 7.70
CA LEU A 37 4.19 4.38 8.70
C LEU A 37 5.52 4.29 9.48
N PRO A 38 5.50 4.29 10.83
CA PRO A 38 6.72 4.26 11.65
C PRO A 38 7.36 2.87 11.66
N PRO A 39 8.68 2.74 11.95
CA PRO A 39 9.41 1.48 11.83
C PRO A 39 8.92 0.39 12.79
N MET A 40 8.49 0.78 14.00
CA MET A 40 7.93 -0.14 15.01
C MET A 40 6.64 -0.83 14.55
N GLU A 41 5.76 -0.12 13.83
CA GLU A 41 4.54 -0.68 13.25
C GLU A 41 4.82 -1.36 11.90
N ALA A 42 5.79 -0.89 11.13
CA ALA A 42 6.17 -1.48 9.84
C ALA A 42 6.64 -2.95 9.97
N GLN A 43 7.33 -3.30 11.06
CA GLN A 43 7.65 -4.71 11.37
C GLN A 43 6.42 -5.50 11.87
N ALA A 44 5.53 -4.87 12.64
CA ALA A 44 4.35 -5.52 13.22
C ALA A 44 3.32 -5.99 12.16
N PHE A 45 2.92 -5.13 11.22
CA PHE A 45 2.08 -5.53 10.08
C PHE A 45 2.85 -6.32 9.01
N GLY A 46 4.18 -6.16 8.97
CA GLY A 46 5.12 -6.83 8.06
C GLY A 46 4.93 -8.35 7.97
N GLN A 47 4.54 -8.98 9.09
CA GLN A 47 4.20 -10.41 9.18
C GLN A 47 3.10 -10.83 8.18
N HIS A 48 2.09 -9.99 7.96
CA HIS A 48 1.00 -10.22 6.98
C HIS A 48 1.30 -9.62 5.59
N LEU A 49 2.15 -8.59 5.51
CA LEU A 49 2.63 -8.02 4.25
C LEU A 49 3.47 -8.99 3.39
N ALA A 50 4.00 -10.06 4.00
CA ALA A 50 4.56 -11.23 3.31
C ALA A 50 3.63 -11.75 2.17
N ASP A 51 4.24 -12.26 1.09
CA ASP A 51 3.63 -12.64 -0.19
C ASP A 51 2.14 -13.09 -0.12
N CYS A 52 1.24 -12.18 -0.46
CA CYS A 52 -0.21 -12.30 -0.34
C CYS A 52 -0.89 -11.55 -1.49
N GLU A 53 -1.75 -12.22 -2.27
CA GLU A 53 -2.46 -11.62 -3.41
C GLU A 53 -3.25 -10.36 -3.00
N LYS A 54 -4.05 -10.47 -1.93
CA LYS A 54 -4.89 -9.37 -1.42
C LYS A 54 -4.05 -8.15 -1.01
N CYS A 55 -2.83 -8.38 -0.49
CA CYS A 55 -1.87 -7.31 -0.21
C CYS A 55 -1.31 -6.70 -1.51
N GLN A 56 -0.81 -7.52 -2.43
CA GLN A 56 -0.22 -7.03 -3.70
C GLN A 56 -1.23 -6.25 -4.56
N VAL A 57 -2.50 -6.66 -4.59
CA VAL A 57 -3.61 -5.94 -5.24
C VAL A 57 -3.79 -4.52 -4.65
N GLU A 58 -3.68 -4.35 -3.34
CA GLU A 58 -3.76 -3.03 -2.70
C GLU A 58 -2.48 -2.21 -2.91
N LEU A 59 -1.29 -2.85 -2.88
CA LEU A 59 0.00 -2.17 -3.05
C LEU A 59 0.16 -1.62 -4.47
N THR A 60 -0.05 -2.45 -5.49
CA THR A 60 0.10 -2.07 -6.89
C THR A 60 -0.88 -0.96 -7.31
N ARG A 61 -2.06 -0.88 -6.67
CA ARG A 61 -3.02 0.22 -6.84
C ARG A 61 -2.36 1.59 -6.58
N LEU A 62 -1.50 1.67 -5.56
CA LEU A 62 -0.77 2.89 -5.22
C LEU A 62 0.37 3.16 -6.21
N LEU A 63 1.15 2.13 -6.56
CA LEU A 63 2.28 2.28 -7.48
C LEU A 63 1.83 2.73 -8.88
N GLN A 64 0.68 2.19 -9.34
CA GLN A 64 0.06 2.54 -10.62
C GLN A 64 -0.29 4.03 -10.71
N LEU A 65 -0.77 4.63 -9.61
CA LEU A 65 -1.10 6.07 -9.52
C LEU A 65 0.14 6.93 -9.27
N ASP A 66 1.07 6.47 -8.44
CA ASP A 66 2.33 7.18 -8.13
C ASP A 66 3.21 7.38 -9.38
N GLN A 67 3.14 6.46 -10.35
CA GLN A 67 3.85 6.51 -11.63
C GLN A 67 2.90 6.79 -12.82
N LEU A 68 1.68 7.28 -12.59
CA LEU A 68 0.71 7.66 -13.63
C LEU A 68 1.17 8.94 -14.36
N GLY A 69 1.61 8.79 -15.61
CA GLY A 69 1.93 9.88 -16.54
C GLY A 69 3.11 9.58 -17.46
N ARG A 70 3.21 10.33 -18.57
CA ARG A 70 4.35 10.25 -19.51
C ARG A 70 5.64 10.73 -18.85
N GLY A 71 6.75 10.04 -19.14
CA GLY A 71 8.10 10.35 -18.64
C GLY A 71 8.62 9.30 -17.65
N TYR A 72 7.73 8.71 -16.85
CA TYR A 72 8.04 7.56 -15.99
C TYR A 72 8.15 6.25 -16.80
N ILE A 73 9.05 5.37 -16.38
CA ILE A 73 9.35 4.07 -17.00
C ILE A 73 9.71 3.03 -15.92
N GLU A 74 9.73 1.75 -16.29
CA GLU A 74 10.22 0.66 -15.43
C GLU A 74 11.72 0.80 -15.10
N ARG A 75 12.12 0.40 -13.89
CA ARG A 75 13.52 0.45 -13.40
C ARG A 75 14.20 -0.93 -13.34
N HIS A 76 13.60 -1.96 -13.96
CA HIS A 76 14.20 -3.28 -14.14
C HIS A 76 15.53 -3.20 -14.93
N GLY A 77 16.42 -4.16 -14.69
CA GLY A 77 17.77 -4.21 -15.27
C GLY A 77 18.43 -5.58 -15.10
N PRO A 78 18.73 -6.02 -13.86
CA PRO A 78 19.12 -7.40 -13.59
C PRO A 78 17.94 -8.37 -13.78
N VAL A 79 18.26 -9.62 -14.06
CA VAL A 79 17.30 -10.73 -14.23
C VAL A 79 17.96 -12.06 -13.85
N ASP A 80 17.16 -12.99 -13.33
CA ASP A 80 17.58 -14.35 -12.98
C ASP A 80 16.75 -15.36 -13.79
N ILE A 81 17.41 -16.42 -14.25
CA ILE A 81 16.83 -17.48 -15.10
C ILE A 81 17.08 -18.87 -14.49
N PRO A 82 16.20 -19.86 -14.75
CA PRO A 82 16.38 -21.22 -14.24
C PRO A 82 17.59 -21.92 -14.87
N TRP A 83 17.99 -23.05 -14.27
CA TRP A 83 19.07 -23.92 -14.78
C TRP A 83 18.79 -24.46 -16.20
N HIS A 84 19.84 -24.96 -16.86
CA HIS A 84 19.78 -25.61 -18.18
C HIS A 84 19.00 -26.96 -18.22
N ALA A 85 18.30 -27.31 -17.14
CA ALA A 85 17.51 -28.54 -16.99
C ALA A 85 16.46 -28.72 -18.13
N LEU A 86 16.09 -29.98 -18.36
CA LEU A 86 15.24 -30.43 -19.47
C LEU A 86 13.85 -30.86 -18.96
N PRO A 87 12.79 -30.75 -19.80
CA PRO A 87 11.44 -31.15 -19.43
C PRO A 87 11.31 -32.67 -19.20
N ARG A 88 10.38 -33.06 -18.31
CA ARG A 88 10.03 -34.45 -18.01
C ARG A 88 8.88 -34.95 -18.90
N ASN A 89 8.60 -36.25 -18.86
CA ASN A 89 7.52 -36.89 -19.64
C ASN A 89 6.13 -36.28 -19.36
N ARG A 90 5.83 -36.02 -18.08
CA ARG A 90 4.59 -35.39 -17.56
C ARG A 90 4.74 -34.95 -16.09
N LEU A 13 13.89 1.05 25.85
CA LEU A 13 13.49 1.34 27.26
C LEU A 13 12.16 2.13 27.35
N VAL A 14 11.28 2.06 26.34
CA VAL A 14 10.01 2.83 26.27
C VAL A 14 8.87 1.89 25.84
N PRO A 15 8.37 1.02 26.74
CA PRO A 15 7.23 0.15 26.45
C PRO A 15 5.94 0.97 26.29
N ARG A 16 5.05 0.53 25.39
CA ARG A 16 3.78 1.18 25.04
C ARG A 16 2.73 0.14 24.66
N GLY A 17 1.51 0.27 25.19
CA GLY A 17 0.39 -0.63 24.90
C GLY A 17 -0.07 -0.59 23.44
N SER A 18 -0.53 -1.72 22.91
CA SER A 18 -1.03 -1.84 21.53
C SER A 18 -2.36 -1.11 21.34
N HIS A 19 -2.44 -0.21 20.36
CA HIS A 19 -3.70 0.46 19.94
C HIS A 19 -4.69 -0.53 19.29
N MET A 20 -5.97 -0.13 19.26
CA MET A 20 -7.05 -0.92 18.64
C MET A 20 -6.82 -1.14 17.13
N MET A 21 -7.20 -2.30 16.62
CA MET A 21 -7.14 -2.68 15.20
C MET A 21 -8.27 -2.03 14.37
N SER A 22 -8.20 -0.70 14.18
CA SER A 22 -9.19 0.10 13.42
C SER A 22 -9.40 -0.36 11.98
N SER A 23 -8.37 -0.94 11.35
CA SER A 23 -8.39 -1.51 9.99
C SER A 23 -7.47 -2.73 9.89
N SER A 24 -7.81 -3.68 9.02
CA SER A 24 -7.03 -4.90 8.77
C SER A 24 -5.63 -4.62 8.18
N PRO A 25 -4.61 -5.45 8.45
CA PRO A 25 -3.24 -5.21 8.00
C PRO A 25 -3.05 -5.32 6.47
N CYS A 26 -3.98 -5.95 5.76
CA CYS A 26 -4.04 -5.96 4.29
C CYS A 26 -4.32 -4.57 3.67
N ASP A 27 -4.76 -3.59 4.46
CA ASP A 27 -4.99 -2.20 4.06
C ASP A 27 -4.04 -1.22 4.78
N GLN A 28 -3.35 -1.63 5.85
CA GLN A 28 -2.32 -0.82 6.53
C GLN A 28 -1.12 -0.54 5.62
N LEU A 29 -0.89 -1.39 4.62
CA LEU A 29 0.13 -1.21 3.59
C LEU A 29 -0.04 0.07 2.75
N GLN A 30 -1.26 0.63 2.73
CA GLN A 30 -1.55 1.88 2.03
C GLN A 30 -0.63 3.00 2.53
N SER A 31 -0.55 3.17 3.86
CA SER A 31 0.32 4.13 4.53
C SER A 31 1.81 3.81 4.38
N PHE A 32 2.18 2.53 4.34
CA PHE A 32 3.56 2.10 4.07
C PHE A 32 4.05 2.57 2.68
N ALA A 33 3.27 2.30 1.63
CA ALA A 33 3.60 2.66 0.25
C ALA A 33 3.67 4.18 0.01
N ASP A 34 2.75 4.94 0.63
CA ASP A 34 2.77 6.41 0.66
C ASP A 34 3.95 7.01 1.46
N GLY A 35 4.67 6.20 2.24
CA GLY A 35 5.84 6.62 3.04
C GLY A 35 5.47 7.32 4.36
N ASP A 36 4.35 6.93 4.97
CA ASP A 36 3.73 7.58 6.13
C ASP A 36 3.31 6.56 7.22
N LEU A 37 4.19 5.57 7.48
CA LEU A 37 4.02 4.53 8.50
C LEU A 37 5.29 4.46 9.40
N PRO A 38 5.16 4.49 10.75
CA PRO A 38 6.31 4.49 11.67
C PRO A 38 6.98 3.10 11.76
N PRO A 39 8.25 3.01 12.19
CA PRO A 39 9.04 1.78 12.14
C PRO A 39 8.51 0.64 13.04
N MET A 40 7.90 0.97 14.18
CA MET A 40 7.29 -0.01 15.09
C MET A 40 6.07 -0.69 14.47
N GLU A 41 5.16 0.10 13.86
CA GLU A 41 4.00 -0.45 13.13
C GLU A 41 4.41 -1.16 11.84
N ALA A 42 5.47 -0.69 11.17
CA ALA A 42 6.02 -1.32 9.97
C ALA A 42 6.48 -2.77 10.19
N GLN A 43 7.00 -3.11 11.38
CA GLN A 43 7.29 -4.51 11.75
C GLN A 43 6.02 -5.30 12.10
N ALA A 44 5.03 -4.66 12.75
CA ALA A 44 3.79 -5.31 13.18
C ALA A 44 2.91 -5.79 12.00
N PHE A 45 2.61 -4.92 11.03
CA PHE A 45 1.88 -5.31 9.81
C PHE A 45 2.76 -6.14 8.84
N GLY A 46 4.09 -6.02 8.94
CA GLY A 46 5.09 -6.73 8.13
C GLY A 46 4.91 -8.24 8.10
N GLN A 47 4.40 -8.84 9.19
CA GLN A 47 4.05 -10.26 9.29
C GLN A 47 2.96 -10.68 8.29
N HIS A 48 1.97 -9.81 8.04
CA HIS A 48 0.90 -10.03 7.06
C HIS A 48 1.27 -9.58 5.64
N LEU A 49 2.27 -8.70 5.50
CA LEU A 49 2.87 -8.30 4.22
C LEU A 49 3.63 -9.44 3.49
N ALA A 50 3.77 -10.62 4.13
CA ALA A 50 4.13 -11.87 3.47
C ALA A 50 3.24 -12.19 2.24
N ASP A 51 3.66 -13.12 1.38
CA ASP A 51 3.02 -13.44 0.09
C ASP A 51 1.48 -13.60 0.18
N CYS A 52 0.76 -12.59 -0.30
CA CYS A 52 -0.69 -12.42 -0.17
C CYS A 52 -1.22 -11.61 -1.36
N GLU A 53 -2.00 -12.23 -2.25
CA GLU A 53 -2.56 -11.57 -3.45
C GLU A 53 -3.39 -10.32 -3.10
N LYS A 54 -4.17 -10.39 -2.00
CA LYS A 54 -4.97 -9.28 -1.47
C LYS A 54 -4.10 -8.07 -1.08
N CYS A 55 -2.92 -8.31 -0.47
CA CYS A 55 -1.94 -7.25 -0.19
C CYS A 55 -1.35 -6.69 -1.48
N GLN A 56 -0.89 -7.55 -2.39
CA GLN A 56 -0.14 -7.11 -3.57
C GLN A 56 -1.00 -6.32 -4.56
N VAL A 57 -2.30 -6.66 -4.69
CA VAL A 57 -3.29 -5.86 -5.42
C VAL A 57 -3.46 -4.47 -4.80
N GLU A 58 -3.60 -4.37 -3.48
CA GLU A 58 -3.68 -3.08 -2.78
C GLU A 58 -2.40 -2.25 -2.95
N LEU A 59 -1.22 -2.86 -2.91
CA LEU A 59 0.06 -2.17 -3.07
C LEU A 59 0.24 -1.64 -4.50
N THR A 60 0.10 -2.50 -5.52
CA THR A 60 0.33 -2.13 -6.93
C THR A 60 -0.64 -1.05 -7.42
N ARG A 61 -1.88 -1.02 -6.89
CA ARG A 61 -2.85 0.09 -7.11
C ARG A 61 -2.28 1.47 -6.79
N LEU A 62 -1.36 1.58 -5.83
CA LEU A 62 -0.69 2.85 -5.48
C LEU A 62 0.51 3.10 -6.40
N LEU A 63 1.35 2.08 -6.63
CA LEU A 63 2.53 2.20 -7.50
C LEU A 63 2.15 2.61 -8.93
N GLN A 64 1.01 2.12 -9.43
CA GLN A 64 0.46 2.44 -10.76
C GLN A 64 0.16 3.94 -10.94
N LEU A 65 -0.13 4.66 -9.84
CA LEU A 65 -0.44 6.10 -9.84
C LEU A 65 0.77 6.95 -9.42
N ASP A 66 1.58 6.46 -8.47
CA ASP A 66 2.83 7.10 -8.04
C ASP A 66 3.94 7.07 -9.12
N GLN A 67 3.82 6.19 -10.11
CA GLN A 67 4.78 6.00 -11.22
C GLN A 67 4.08 6.01 -12.59
N LEU A 68 2.93 6.70 -12.68
CA LEU A 68 2.10 6.84 -13.88
C LEU A 68 2.89 7.48 -15.05
N GLY A 69 3.24 6.66 -16.05
CA GLY A 69 4.09 7.04 -17.19
C GLY A 69 3.32 7.70 -18.34
N ARG A 70 2.85 8.94 -18.14
CA ARG A 70 2.10 9.75 -19.14
C ARG A 70 2.78 9.75 -20.51
N GLY A 71 1.97 9.61 -21.57
CA GLY A 71 2.41 9.50 -22.97
C GLY A 71 2.09 8.14 -23.62
N TYR A 72 1.78 7.12 -22.81
CA TYR A 72 1.29 5.82 -23.28
C TYR A 72 -0.04 5.94 -24.06
N ILE A 73 -0.27 4.99 -24.99
CA ILE A 73 -1.41 4.95 -25.91
C ILE A 73 -2.01 3.53 -26.04
N GLU A 74 -1.81 2.70 -25.02
CA GLU A 74 -2.28 1.30 -24.97
C GLU A 74 -3.80 1.17 -25.20
N ARG A 75 -4.19 0.09 -25.88
CA ARG A 75 -5.57 -0.20 -26.33
C ARG A 75 -6.44 -0.86 -25.24
N HIS A 76 -6.15 -0.59 -23.96
CA HIS A 76 -6.83 -1.17 -22.79
C HIS A 76 -8.35 -0.95 -22.84
N GLY A 77 -9.13 -1.99 -22.50
CA GLY A 77 -10.58 -2.00 -22.66
C GLY A 77 -11.05 -1.85 -24.12
N PRO A 78 -10.64 -2.74 -25.05
CA PRO A 78 -10.99 -2.65 -26.47
C PRO A 78 -12.51 -2.76 -26.70
N VAL A 79 -12.97 -2.26 -27.85
CA VAL A 79 -14.39 -2.17 -28.23
C VAL A 79 -14.63 -2.97 -29.52
N ASP A 80 -15.66 -3.82 -29.50
CA ASP A 80 -16.10 -4.63 -30.64
C ASP A 80 -17.31 -3.97 -31.34
N ILE A 81 -17.60 -4.40 -32.57
CA ILE A 81 -18.71 -3.89 -33.38
C ILE A 81 -19.65 -5.07 -33.71
N PRO A 82 -20.59 -5.42 -32.82
CA PRO A 82 -21.53 -6.52 -33.04
C PRO A 82 -22.61 -6.16 -34.08
N TRP A 83 -23.21 -7.20 -34.68
CA TRP A 83 -24.26 -7.08 -35.73
C TRP A 83 -25.49 -7.97 -35.51
N HIS A 84 -25.42 -8.96 -34.61
CA HIS A 84 -26.52 -9.89 -34.27
C HIS A 84 -26.89 -9.88 -32.77
N ALA A 85 -26.24 -9.02 -31.98
CA ALA A 85 -26.45 -8.87 -30.53
C ALA A 85 -27.69 -7.99 -30.20
N LEU A 86 -28.88 -8.47 -30.58
CA LEU A 86 -30.16 -7.78 -30.36
C LEU A 86 -31.25 -8.75 -29.84
N PRO A 87 -31.08 -9.30 -28.62
CA PRO A 87 -32.01 -10.26 -28.03
C PRO A 87 -33.37 -9.63 -27.68
N ARG A 88 -34.44 -10.45 -27.65
CA ARG A 88 -35.81 -10.02 -27.32
C ARG A 88 -36.17 -10.10 -25.83
N ASN A 89 -35.43 -10.89 -25.05
CA ASN A 89 -35.65 -11.06 -23.61
C ASN A 89 -35.25 -9.76 -22.84
N ARG A 90 -35.94 -9.47 -21.73
CA ARG A 90 -35.86 -8.20 -20.96
C ARG A 90 -35.78 -8.46 -19.45
N LEU A 13 -23.02 -8.35 38.47
CA LEU A 13 -22.84 -7.71 37.13
C LEU A 13 -22.00 -8.63 36.21
N VAL A 14 -21.87 -8.26 34.94
CA VAL A 14 -21.15 -9.01 33.88
C VAL A 14 -20.17 -8.08 33.14
N PRO A 15 -19.05 -8.60 32.59
CA PRO A 15 -18.06 -7.79 31.87
C PRO A 15 -18.62 -7.28 30.53
N ARG A 16 -18.89 -5.97 30.45
CA ARG A 16 -19.30 -5.27 29.22
C ARG A 16 -18.22 -5.32 28.13
N GLY A 17 -16.94 -5.36 28.53
CA GLY A 17 -15.78 -5.23 27.65
C GLY A 17 -15.55 -3.81 27.13
N SER A 18 -14.52 -3.65 26.30
CA SER A 18 -14.14 -2.40 25.63
C SER A 18 -14.15 -2.58 24.09
N HIS A 19 -13.89 -1.49 23.36
CA HIS A 19 -13.80 -1.48 21.89
C HIS A 19 -12.66 -0.59 21.38
N MET A 20 -12.24 -0.82 20.14
CA MET A 20 -11.32 0.04 19.38
C MET A 20 -11.58 -0.12 17.87
N MET A 21 -11.47 0.97 17.11
CA MET A 21 -11.75 1.02 15.68
C MET A 21 -10.45 0.88 14.87
N SER A 22 -10.15 -0.35 14.43
CA SER A 22 -8.87 -0.74 13.82
C SER A 22 -9.08 -1.57 12.55
N SER A 23 -8.27 -1.28 11.52
CA SER A 23 -8.30 -1.94 10.20
C SER A 23 -7.34 -3.13 10.13
N SER A 24 -7.55 -4.03 9.15
CA SER A 24 -6.66 -5.18 8.90
C SER A 24 -5.25 -4.77 8.45
N PRO A 25 -4.21 -5.59 8.69
CA PRO A 25 -2.85 -5.33 8.21
C PRO A 25 -2.73 -5.41 6.68
N CYS A 26 -3.71 -6.04 5.99
CA CYS A 26 -3.82 -6.04 4.53
C CYS A 26 -4.12 -4.64 3.94
N ASP A 27 -4.60 -3.70 4.78
CA ASP A 27 -4.92 -2.32 4.41
C ASP A 27 -3.98 -1.28 5.07
N GLN A 28 -3.13 -1.70 6.03
CA GLN A 28 -2.09 -0.84 6.62
C GLN A 28 -0.96 -0.52 5.62
N LEU A 29 -0.77 -1.37 4.61
CA LEU A 29 0.21 -1.16 3.55
C LEU A 29 0.00 0.13 2.75
N GLN A 30 -1.23 0.66 2.77
CA GLN A 30 -1.60 1.93 2.14
C GLN A 30 -0.67 3.06 2.63
N SER A 31 -0.47 3.11 3.96
CA SER A 31 0.41 4.08 4.64
C SER A 31 1.90 3.78 4.42
N PHE A 32 2.29 2.50 4.37
CA PHE A 32 3.66 2.08 4.05
C PHE A 32 4.10 2.59 2.67
N ALA A 33 3.30 2.34 1.63
CA ALA A 33 3.58 2.72 0.24
C ALA A 33 3.59 4.25 0.05
N ASP A 34 2.66 4.96 0.69
CA ASP A 34 2.62 6.43 0.73
C ASP A 34 3.80 7.07 1.49
N GLY A 35 4.53 6.30 2.31
CA GLY A 35 5.71 6.74 3.06
C GLY A 35 5.39 7.36 4.43
N ASP A 36 4.33 6.90 5.08
CA ASP A 36 3.73 7.51 6.28
C ASP A 36 3.35 6.46 7.36
N LEU A 37 4.24 5.47 7.57
CA LEU A 37 4.10 4.40 8.57
C LEU A 37 5.38 4.31 9.43
N PRO A 38 5.29 4.36 10.79
CA PRO A 38 6.47 4.36 11.65
C PRO A 38 7.15 2.97 11.71
N PRO A 39 8.44 2.89 12.11
CA PRO A 39 9.24 1.67 12.02
C PRO A 39 8.74 0.52 12.92
N MET A 40 8.12 0.83 14.06
CA MET A 40 7.52 -0.17 14.95
C MET A 40 6.31 -0.86 14.30
N GLU A 41 5.39 -0.08 13.72
CA GLU A 41 4.22 -0.62 13.00
C GLU A 41 4.63 -1.30 11.68
N ALA A 42 5.72 -0.85 11.04
CA ALA A 42 6.26 -1.47 9.83
C ALA A 42 6.69 -2.94 10.05
N GLN A 43 7.12 -3.31 11.25
CA GLN A 43 7.35 -4.71 11.63
C GLN A 43 6.05 -5.43 12.02
N ALA A 44 5.13 -4.74 12.71
CA ALA A 44 3.86 -5.30 13.18
C ALA A 44 2.92 -5.78 12.04
N PHE A 45 2.87 -5.07 10.91
CA PHE A 45 2.14 -5.51 9.70
C PHE A 45 3.02 -6.31 8.72
N GLY A 46 4.35 -6.21 8.83
CA GLY A 46 5.32 -6.87 7.94
C GLY A 46 5.14 -8.39 7.84
N GLN A 47 4.76 -9.02 8.95
CA GLN A 47 4.40 -10.45 9.03
C GLN A 47 3.21 -10.88 8.15
N HIS A 48 2.29 -9.95 7.80
CA HIS A 48 1.18 -10.17 6.85
C HIS A 48 1.48 -9.64 5.44
N LEU A 49 2.48 -8.75 5.30
CA LEU A 49 3.05 -8.34 4.00
C LEU A 49 3.80 -9.48 3.27
N ALA A 50 3.97 -10.65 3.90
CA ALA A 50 4.31 -11.92 3.24
C ALA A 50 3.35 -12.25 2.07
N ASP A 51 3.72 -13.22 1.23
CA ASP A 51 3.03 -13.59 -0.02
C ASP A 51 1.51 -13.71 0.12
N CYS A 52 0.80 -12.68 -0.35
CA CYS A 52 -0.65 -12.48 -0.22
C CYS A 52 -1.15 -11.66 -1.41
N GLU A 53 -1.94 -12.28 -2.31
CA GLU A 53 -2.47 -11.61 -3.51
C GLU A 53 -3.27 -10.33 -3.18
N LYS A 54 -4.08 -10.36 -2.12
CA LYS A 54 -4.85 -9.19 -1.66
C LYS A 54 -3.94 -8.01 -1.28
N CYS A 55 -2.83 -8.28 -0.58
CA CYS A 55 -1.81 -7.27 -0.27
C CYS A 55 -1.13 -6.73 -1.55
N GLN A 56 -0.73 -7.61 -2.48
CA GLN A 56 -0.07 -7.21 -3.72
C GLN A 56 -0.97 -6.35 -4.63
N VAL A 57 -2.27 -6.68 -4.72
CA VAL A 57 -3.28 -5.86 -5.42
C VAL A 57 -3.44 -4.49 -4.75
N GLU A 58 -3.59 -4.44 -3.42
CA GLU A 58 -3.68 -3.15 -2.69
C GLU A 58 -2.43 -2.29 -2.88
N LEU A 59 -1.23 -2.90 -2.92
CA LEU A 59 0.04 -2.19 -3.10
C LEU A 59 0.19 -1.65 -4.53
N THR A 60 0.05 -2.51 -5.55
CA THR A 60 0.28 -2.12 -6.95
C THR A 60 -0.71 -1.05 -7.44
N ARG A 61 -1.92 -1.00 -6.87
CA ARG A 61 -2.88 0.11 -7.05
C ARG A 61 -2.25 1.49 -6.79
N LEU A 62 -1.33 1.59 -5.81
CA LEU A 62 -0.68 2.86 -5.44
C LEU A 62 0.53 3.15 -6.34
N LEU A 63 1.30 2.11 -6.68
CA LEU A 63 2.45 2.22 -7.60
C LEU A 63 2.01 2.61 -9.02
N GLN A 64 0.84 2.16 -9.44
CA GLN A 64 0.25 2.50 -10.74
C GLN A 64 0.08 4.02 -10.93
N LEU A 65 -0.27 4.75 -9.87
CA LEU A 65 -0.44 6.21 -9.87
C LEU A 65 0.87 6.96 -10.14
N ASP A 66 2.01 6.37 -9.78
CA ASP A 66 3.34 6.95 -10.04
C ASP A 66 3.78 6.80 -11.52
N GLN A 67 3.40 5.70 -12.19
CA GLN A 67 3.63 5.50 -13.62
C GLN A 67 2.63 6.26 -14.51
N LEU A 68 1.37 6.40 -14.07
CA LEU A 68 0.33 7.17 -14.77
C LEU A 68 0.75 8.65 -14.92
N GLY A 69 0.72 9.16 -16.14
CA GLY A 69 1.07 10.55 -16.46
C GLY A 69 0.41 11.08 -17.74
N ARG A 70 0.53 12.40 -17.96
CA ARG A 70 -0.11 13.14 -19.06
C ARG A 70 0.26 12.57 -20.44
N GLY A 71 -0.75 12.25 -21.24
CA GLY A 71 -0.65 11.57 -22.54
C GLY A 71 -1.37 10.21 -22.58
N TYR A 72 -1.72 9.66 -21.41
CA TYR A 72 -2.50 8.43 -21.23
C TYR A 72 -3.82 8.71 -20.47
N ILE A 73 -4.68 7.70 -20.32
CA ILE A 73 -5.97 7.79 -19.59
C ILE A 73 -5.76 8.15 -18.11
N GLU A 74 -6.84 8.53 -17.41
CA GLU A 74 -6.80 8.94 -16.01
C GLU A 74 -7.71 8.04 -15.14
N ARG A 75 -7.08 7.29 -14.22
CA ARG A 75 -7.76 6.32 -13.35
C ARG A 75 -8.54 6.99 -12.22
N HIS A 76 -7.97 8.03 -11.62
CA HIS A 76 -8.64 8.92 -10.66
C HIS A 76 -9.63 9.84 -11.38
N GLY A 77 -10.87 9.90 -10.90
CA GLY A 77 -11.95 10.69 -11.52
C GLY A 77 -13.27 10.57 -10.75
N PRO A 78 -13.89 9.38 -10.66
CA PRO A 78 -15.01 9.13 -9.76
C PRO A 78 -14.54 9.13 -8.29
N VAL A 79 -15.43 9.55 -7.39
CA VAL A 79 -15.21 9.48 -5.93
C VAL A 79 -15.35 8.03 -5.45
N ASP A 80 -14.50 7.62 -4.50
CA ASP A 80 -14.56 6.33 -3.81
C ASP A 80 -14.95 6.52 -2.34
N ILE A 81 -15.65 5.53 -1.77
CA ILE A 81 -16.20 5.56 -0.41
C ILE A 81 -16.00 4.20 0.29
N PRO A 82 -15.83 4.17 1.64
CA PRO A 82 -15.61 2.93 2.37
C PRO A 82 -16.87 2.05 2.42
N TRP A 83 -16.67 0.74 2.27
CA TRP A 83 -17.74 -0.28 2.29
C TRP A 83 -17.52 -1.31 3.41
N HIS A 84 -16.30 -1.87 3.51
CA HIS A 84 -15.89 -2.77 4.61
C HIS A 84 -15.71 -2.05 5.97
N ALA A 85 -15.46 -0.74 5.95
CA ALA A 85 -15.17 0.10 7.12
C ALA A 85 -16.40 0.97 7.46
N LEU A 86 -17.41 0.34 8.09
CA LEU A 86 -18.70 0.94 8.43
C LEU A 86 -19.16 0.49 9.83
N PRO A 87 -19.66 1.40 10.70
CA PRO A 87 -20.28 1.02 11.97
C PRO A 87 -21.62 0.30 11.75
N ARG A 88 -22.12 -0.40 12.79
CA ARG A 88 -23.35 -1.21 12.77
C ARG A 88 -23.40 -2.24 11.61
N ASN A 89 -22.24 -2.78 11.21
CA ASN A 89 -22.14 -3.83 10.20
C ASN A 89 -22.90 -5.12 10.61
N ARG A 90 -23.40 -5.87 9.62
CA ARG A 90 -24.22 -7.08 9.79
C ARG A 90 -23.35 -8.35 9.97
N LEU A 13 -32.02 -20.43 11.85
CA LEU A 13 -31.62 -19.86 13.17
C LEU A 13 -31.22 -18.39 12.99
N VAL A 14 -31.40 -17.56 14.01
CA VAL A 14 -31.03 -16.13 14.06
C VAL A 14 -29.92 -15.86 15.10
N PRO A 15 -28.67 -16.34 14.87
CA PRO A 15 -27.56 -16.14 15.79
C PRO A 15 -27.16 -14.66 15.90
N ARG A 16 -26.47 -14.31 17.00
CA ARG A 16 -25.87 -12.96 17.17
C ARG A 16 -24.74 -12.72 16.17
N GLY A 17 -24.44 -11.45 15.92
CA GLY A 17 -23.53 -10.99 14.86
C GLY A 17 -22.84 -9.67 15.21
N SER A 18 -22.17 -9.63 16.36
CA SER A 18 -21.35 -8.49 16.79
C SER A 18 -20.24 -8.14 15.78
N HIS A 19 -19.88 -6.85 15.72
CA HIS A 19 -18.83 -6.28 14.86
C HIS A 19 -18.00 -5.23 15.60
N MET A 20 -16.89 -4.82 15.00
CA MET A 20 -15.89 -3.89 15.54
C MET A 20 -15.34 -2.98 14.44
N MET A 21 -14.54 -1.98 14.83
CA MET A 21 -14.03 -0.90 13.96
C MET A 21 -12.49 -0.81 13.96
N SER A 22 -11.83 -1.96 14.11
CA SER A 22 -10.37 -2.12 14.06
C SER A 22 -9.84 -2.16 12.62
N SER A 23 -8.72 -1.49 12.36
CA SER A 23 -8.00 -1.53 11.06
C SER A 23 -7.19 -2.83 10.92
N SER A 24 -7.25 -3.47 9.75
CA SER A 24 -6.51 -4.72 9.45
C SER A 24 -5.18 -4.45 8.75
N PRO A 25 -4.16 -5.31 8.90
CA PRO A 25 -2.82 -5.08 8.33
C PRO A 25 -2.81 -5.07 6.79
N CYS A 26 -3.79 -5.74 6.16
CA CYS A 26 -3.98 -5.73 4.70
C CYS A 26 -4.34 -4.34 4.12
N ASP A 27 -4.81 -3.40 4.94
CA ASP A 27 -5.09 -2.00 4.55
C ASP A 27 -4.10 -0.98 5.16
N GLN A 28 -3.23 -1.41 6.07
CA GLN A 28 -2.15 -0.57 6.63
C GLN A 28 -0.96 -0.42 5.67
N LEU A 29 -0.78 -1.38 4.75
CA LEU A 29 0.28 -1.34 3.74
C LEU A 29 0.23 -0.11 2.83
N GLN A 30 -0.95 0.51 2.70
CA GLN A 30 -1.08 1.75 1.94
C GLN A 30 -0.23 2.88 2.55
N SER A 31 -0.22 3.00 3.89
CA SER A 31 0.63 3.93 4.63
C SER A 31 2.12 3.60 4.49
N PHE A 32 2.48 2.31 4.32
CA PHE A 32 3.86 1.89 4.06
C PHE A 32 4.35 2.37 2.69
N ALA A 33 3.63 2.07 1.61
CA ALA A 33 4.05 2.45 0.25
C ALA A 33 3.98 3.98 0.01
N ASP A 34 3.03 4.67 0.66
CA ASP A 34 2.93 6.13 0.66
C ASP A 34 4.08 6.82 1.45
N GLY A 35 4.77 6.09 2.33
CA GLY A 35 5.92 6.59 3.11
C GLY A 35 5.54 7.29 4.42
N ASP A 36 4.39 6.96 5.00
CA ASP A 36 3.81 7.59 6.21
C ASP A 36 3.80 6.67 7.45
N LEU A 37 3.82 5.35 7.25
CA LEU A 37 3.92 4.35 8.33
C LEU A 37 5.28 4.46 9.08
N PRO A 38 5.32 4.52 10.42
CA PRO A 38 6.56 4.57 11.19
C PRO A 38 7.29 3.20 11.20
N PRO A 39 8.62 3.16 11.41
CA PRO A 39 9.42 1.94 11.28
C PRO A 39 9.08 0.86 12.32
N MET A 40 8.64 1.26 13.51
CA MET A 40 8.14 0.35 14.57
C MET A 40 6.89 -0.44 14.14
N GLU A 41 5.96 0.19 13.41
CA GLU A 41 4.81 -0.52 12.82
C GLU A 41 5.19 -1.28 11.54
N ALA A 42 6.19 -0.80 10.78
CA ALA A 42 6.62 -1.44 9.54
C ALA A 42 7.09 -2.90 9.72
N GLN A 43 7.69 -3.24 10.87
CA GLN A 43 8.00 -4.63 11.24
C GLN A 43 6.76 -5.41 11.68
N ALA A 44 5.83 -4.77 12.41
CA ALA A 44 4.64 -5.40 12.97
C ALA A 44 3.64 -5.87 11.90
N PHE A 45 3.26 -5.02 10.95
CA PHE A 45 2.41 -5.41 9.81
C PHE A 45 3.18 -6.24 8.75
N GLY A 46 4.51 -6.14 8.74
CA GLY A 46 5.41 -6.86 7.84
C GLY A 46 5.20 -8.37 7.81
N GLN A 47 4.73 -8.95 8.92
CA GLN A 47 4.40 -10.37 9.06
C GLN A 47 3.21 -10.80 8.18
N HIS A 48 2.22 -9.91 7.98
CA HIS A 48 1.08 -10.09 7.07
C HIS A 48 1.37 -9.64 5.63
N LEU A 49 2.37 -8.78 5.43
CA LEU A 49 2.90 -8.39 4.11
C LEU A 49 3.57 -9.55 3.33
N ALA A 50 3.70 -10.74 3.94
CA ALA A 50 3.96 -12.01 3.25
C ALA A 50 2.96 -12.26 2.08
N ASP A 51 3.27 -13.24 1.22
CA ASP A 51 2.54 -13.56 -0.02
C ASP A 51 1.01 -13.65 0.17
N CYS A 52 0.31 -12.59 -0.27
CA CYS A 52 -1.12 -12.36 -0.06
C CYS A 52 -1.66 -11.51 -1.22
N GLU A 53 -2.54 -12.06 -2.06
CA GLU A 53 -3.09 -11.35 -3.23
C GLU A 53 -3.80 -10.05 -2.84
N LYS A 54 -4.58 -10.08 -1.75
CA LYS A 54 -5.26 -8.91 -1.17
C LYS A 54 -4.29 -7.78 -0.79
N CYS A 55 -3.08 -8.13 -0.32
CA CYS A 55 -2.02 -7.16 -0.05
C CYS A 55 -1.40 -6.62 -1.35
N GLN A 56 -1.03 -7.50 -2.29
CA GLN A 56 -0.37 -7.09 -3.55
C GLN A 56 -1.27 -6.19 -4.42
N VAL A 57 -2.59 -6.45 -4.47
CA VAL A 57 -3.59 -5.59 -5.13
C VAL A 57 -3.59 -4.18 -4.53
N GLU A 58 -3.56 -4.05 -3.20
CA GLU A 58 -3.51 -2.74 -2.53
C GLU A 58 -2.17 -2.01 -2.75
N LEU A 59 -1.05 -2.73 -2.81
CA LEU A 59 0.29 -2.14 -3.01
C LEU A 59 0.45 -1.63 -4.45
N THR A 60 0.19 -2.48 -5.45
CA THR A 60 0.37 -2.14 -6.87
C THR A 60 -0.53 -0.98 -7.31
N ARG A 61 -1.70 -0.81 -6.69
CA ARG A 61 -2.58 0.37 -6.87
C ARG A 61 -1.83 1.68 -6.64
N LEU A 62 -0.94 1.73 -5.64
CA LEU A 62 -0.17 2.93 -5.31
C LEU A 62 1.02 3.13 -6.26
N LEU A 63 1.69 2.02 -6.64
CA LEU A 63 2.79 2.07 -7.61
C LEU A 63 2.30 2.51 -8.99
N GLN A 64 1.08 2.11 -9.38
CA GLN A 64 0.46 2.48 -10.65
C GLN A 64 0.24 4.00 -10.78
N LEU A 65 -0.14 4.69 -9.69
CA LEU A 65 -0.30 6.16 -9.66
C LEU A 65 1.02 6.91 -9.91
N ASP A 66 2.14 6.32 -9.51
CA ASP A 66 3.49 6.85 -9.75
C ASP A 66 4.06 6.45 -11.12
N GLN A 67 3.75 5.25 -11.60
CA GLN A 67 4.12 4.73 -12.92
C GLN A 67 3.44 5.50 -14.06
N LEU A 68 2.13 5.79 -13.95
CA LEU A 68 1.42 6.64 -14.92
C LEU A 68 1.77 8.12 -14.74
N GLY A 69 1.79 8.87 -15.85
CA GLY A 69 2.03 10.31 -15.90
C GLY A 69 3.13 10.69 -16.90
N ARG A 70 2.94 11.81 -17.60
CA ARG A 70 3.93 12.35 -18.56
C ARG A 70 5.16 12.89 -17.82
N GLY A 71 6.35 12.64 -18.38
CA GLY A 71 7.64 13.10 -17.84
C GLY A 71 8.29 12.14 -16.83
N TYR A 72 7.57 11.13 -16.34
CA TYR A 72 8.15 10.00 -15.58
C TYR A 72 9.07 9.15 -16.47
N ILE A 73 10.07 8.48 -15.86
CA ILE A 73 11.05 7.62 -16.52
C ILE A 73 11.16 6.27 -15.82
N GLU A 74 11.80 5.29 -16.47
CA GLU A 74 11.99 3.93 -15.96
C GLU A 74 13.42 3.42 -16.18
N ARG A 75 13.81 2.41 -15.38
CA ARG A 75 15.16 1.81 -15.37
C ARG A 75 15.12 0.28 -15.55
N HIS A 76 14.05 -0.21 -16.18
CA HIS A 76 13.87 -1.62 -16.56
C HIS A 76 15.06 -2.18 -17.38
N GLY A 77 15.32 -3.48 -17.25
CA GLY A 77 16.38 -4.15 -18.02
C GLY A 77 16.00 -4.36 -19.50
N PRO A 78 16.98 -4.69 -20.36
CA PRO A 78 16.71 -5.08 -21.75
C PRO A 78 15.96 -6.42 -21.82
N VAL A 79 15.21 -6.63 -22.90
CA VAL A 79 14.48 -7.89 -23.16
C VAL A 79 15.29 -8.74 -24.13
N ASP A 80 15.46 -10.01 -23.77
CA ASP A 80 16.20 -11.03 -24.54
C ASP A 80 15.49 -12.39 -24.40
N ILE A 81 15.54 -13.20 -25.46
CA ILE A 81 14.86 -14.49 -25.56
C ILE A 81 15.80 -15.57 -26.12
N PRO A 82 15.63 -16.85 -25.74
CA PRO A 82 16.48 -17.93 -26.22
C PRO A 82 16.29 -18.19 -27.73
N TRP A 83 17.38 -18.61 -28.37
CA TRP A 83 17.45 -18.88 -29.82
C TRP A 83 18.18 -20.20 -30.15
N HIS A 84 19.19 -20.57 -29.34
CA HIS A 84 19.89 -21.86 -29.43
C HIS A 84 19.08 -23.01 -28.79
N ALA A 85 18.31 -22.72 -27.74
CA ALA A 85 17.38 -23.67 -27.13
C ALA A 85 16.18 -23.94 -28.06
N LEU A 86 15.57 -25.12 -27.90
CA LEU A 86 14.48 -25.59 -28.77
C LEU A 86 13.49 -26.45 -27.94
N PRO A 87 12.18 -26.22 -28.02
CA PRO A 87 11.19 -26.93 -27.21
C PRO A 87 11.09 -28.42 -27.62
N ARG A 88 11.12 -29.33 -26.65
CA ARG A 88 11.07 -30.80 -26.84
C ARG A 88 9.75 -31.26 -27.46
N ASN A 89 8.65 -30.61 -27.11
CA ASN A 89 7.29 -30.86 -27.62
C ASN A 89 6.63 -29.54 -28.09
N ARG A 90 5.69 -29.65 -29.04
CA ARG A 90 5.08 -28.52 -29.78
C ARG A 90 4.29 -27.53 -28.91
N LEU A 13 -32.28 -6.64 23.28
CA LEU A 13 -31.60 -5.33 23.40
C LEU A 13 -30.21 -5.49 24.00
N VAL A 14 -29.31 -4.53 23.74
CA VAL A 14 -27.94 -4.45 24.28
C VAL A 14 -27.54 -3.00 24.59
N PRO A 15 -26.62 -2.75 25.54
CA PRO A 15 -26.09 -1.41 25.79
C PRO A 15 -25.28 -0.90 24.58
N ARG A 16 -25.49 0.36 24.21
CA ARG A 16 -24.72 1.04 23.15
C ARG A 16 -23.27 1.24 23.59
N GLY A 17 -22.32 0.87 22.73
CA GLY A 17 -20.88 1.02 22.96
C GLY A 17 -20.25 2.05 22.01
N SER A 18 -19.02 2.47 22.33
CA SER A 18 -18.22 3.38 21.49
C SER A 18 -17.76 2.72 20.18
N HIS A 19 -17.55 3.53 19.13
CA HIS A 19 -16.91 3.09 17.88
C HIS A 19 -15.42 2.77 18.10
N MET A 20 -14.86 1.92 17.24
CA MET A 20 -13.45 1.52 17.27
C MET A 20 -12.90 1.27 15.87
N MET A 21 -11.74 1.86 15.55
CA MET A 21 -11.08 1.77 14.23
C MET A 21 -10.30 0.46 14.05
N SER A 22 -11.01 -0.67 14.12
CA SER A 22 -10.46 -2.04 13.97
C SER A 22 -10.13 -2.39 12.50
N SER A 23 -9.13 -1.71 11.94
CA SER A 23 -8.56 -1.99 10.61
C SER A 23 -7.78 -3.32 10.55
N SER A 24 -7.28 -3.68 9.36
CA SER A 24 -6.56 -4.94 9.09
C SER A 24 -5.22 -4.68 8.37
N PRO A 25 -4.19 -5.53 8.59
CA PRO A 25 -2.84 -5.28 8.07
C PRO A 25 -2.73 -5.38 6.54
N CYS A 26 -3.70 -6.02 5.88
CA CYS A 26 -3.84 -6.01 4.41
C CYS A 26 -4.14 -4.62 3.81
N ASP A 27 -4.54 -3.64 4.65
CA ASP A 27 -4.81 -2.25 4.27
C ASP A 27 -3.86 -1.25 4.96
N GLN A 28 -3.12 -1.66 6.00
CA GLN A 28 -2.07 -0.86 6.66
C GLN A 28 -0.91 -0.55 5.71
N LEU A 29 -0.68 -1.43 4.72
CA LEU A 29 0.32 -1.25 3.68
C LEU A 29 0.10 0.01 2.83
N GLN A 30 -1.13 0.54 2.84
CA GLN A 30 -1.47 1.78 2.15
C GLN A 30 -0.58 2.95 2.62
N SER A 31 -0.38 3.06 3.94
CA SER A 31 0.52 4.06 4.54
C SER A 31 2.00 3.71 4.36
N PHE A 32 2.36 2.43 4.26
CA PHE A 32 3.74 2.01 3.96
C PHE A 32 4.21 2.52 2.59
N ALA A 33 3.45 2.24 1.52
CA ALA A 33 3.83 2.62 0.16
C ALA A 33 3.83 4.13 -0.06
N ASP A 34 2.89 4.85 0.57
CA ASP A 34 2.82 6.31 0.58
C ASP A 34 3.98 6.98 1.37
N GLY A 35 4.67 6.22 2.24
CA GLY A 35 5.84 6.67 3.00
C GLY A 35 5.50 7.34 4.34
N ASP A 36 4.44 6.88 5.01
CA ASP A 36 3.83 7.52 6.19
C ASP A 36 3.53 6.51 7.33
N LEU A 37 4.30 5.42 7.41
CA LEU A 37 4.16 4.37 8.43
C LEU A 37 5.42 4.34 9.34
N PRO A 38 5.27 4.32 10.68
CA PRO A 38 6.40 4.34 11.61
C PRO A 38 7.15 3.00 11.68
N PRO A 39 8.42 2.98 12.12
CA PRO A 39 9.29 1.79 12.05
C PRO A 39 8.84 0.63 12.94
N MET A 40 8.21 0.91 14.10
CA MET A 40 7.69 -0.13 15.01
C MET A 40 6.49 -0.87 14.39
N GLU A 41 5.53 -0.13 13.84
CA GLU A 41 4.37 -0.69 13.16
C GLU A 41 4.76 -1.36 11.82
N ALA A 42 5.81 -0.86 11.15
CA ALA A 42 6.34 -1.44 9.92
C ALA A 42 6.82 -2.90 10.08
N GLN A 43 7.34 -3.29 11.25
CA GLN A 43 7.64 -4.69 11.57
C GLN A 43 6.35 -5.48 11.91
N ALA A 44 5.41 -4.87 12.64
CA ALA A 44 4.16 -5.52 13.07
C ALA A 44 3.26 -5.96 11.90
N PHE A 45 2.98 -5.08 10.94
CA PHE A 45 2.24 -5.44 9.71
C PHE A 45 3.10 -6.26 8.71
N GLY A 46 4.43 -6.13 8.79
CA GLY A 46 5.40 -6.81 7.93
C GLY A 46 5.24 -8.34 7.88
N GLN A 47 4.80 -8.95 8.98
CA GLN A 47 4.48 -10.38 9.08
C GLN A 47 3.35 -10.81 8.12
N HIS A 48 2.34 -9.95 7.94
CA HIS A 48 1.22 -10.17 6.99
C HIS A 48 1.54 -9.69 5.56
N LEU A 49 2.53 -8.80 5.40
CA LEU A 49 3.06 -8.37 4.09
C LEU A 49 3.78 -9.49 3.30
N ALA A 50 3.96 -10.67 3.91
CA ALA A 50 4.27 -11.92 3.21
C ALA A 50 3.33 -12.19 2.01
N ASP A 51 3.70 -13.13 1.13
CA ASP A 51 2.99 -13.45 -0.13
C ASP A 51 1.47 -13.62 0.05
N CYS A 52 0.73 -12.61 -0.42
CA CYS A 52 -0.71 -12.45 -0.24
C CYS A 52 -1.26 -11.62 -1.41
N GLU A 53 -2.08 -12.21 -2.28
CA GLU A 53 -2.68 -11.51 -3.44
C GLU A 53 -3.41 -10.23 -3.01
N LYS A 54 -4.19 -10.31 -1.93
CA LYS A 54 -4.95 -9.18 -1.37
C LYS A 54 -4.04 -8.00 -0.97
N CYS A 55 -2.84 -8.28 -0.46
CA CYS A 55 -1.82 -7.27 -0.16
C CYS A 55 -1.21 -6.69 -1.45
N GLN A 56 -0.79 -7.54 -2.39
CA GLN A 56 -0.16 -7.10 -3.64
C GLN A 56 -1.10 -6.27 -4.52
N VAL A 57 -2.39 -6.62 -4.57
CA VAL A 57 -3.45 -5.85 -5.25
C VAL A 57 -3.61 -4.46 -4.63
N GLU A 58 -3.56 -4.33 -3.30
CA GLU A 58 -3.59 -3.01 -2.65
C GLU A 58 -2.31 -2.22 -2.95
N LEU A 59 -1.14 -2.85 -2.86
CA LEU A 59 0.15 -2.17 -3.06
C LEU A 59 0.30 -1.63 -4.49
N THR A 60 0.10 -2.49 -5.50
CA THR A 60 0.27 -2.12 -6.92
C THR A 60 -0.68 -1.01 -7.35
N ARG A 61 -1.89 -0.92 -6.76
CA ARG A 61 -2.85 0.16 -6.97
C ARG A 61 -2.26 1.54 -6.66
N LEU A 62 -1.37 1.62 -5.66
CA LEU A 62 -0.68 2.86 -5.29
C LEU A 62 0.49 3.16 -6.23
N LEU A 63 1.25 2.13 -6.62
CA LEU A 63 2.36 2.29 -7.57
C LEU A 63 1.85 2.73 -8.96
N GLN A 64 0.68 2.22 -9.37
CA GLN A 64 0.01 2.58 -10.62
C GLN A 64 -0.27 4.10 -10.73
N LEU A 65 -0.61 4.76 -9.62
CA LEU A 65 -0.82 6.22 -9.57
C LEU A 65 0.49 7.00 -9.72
N ASP A 66 1.60 6.48 -9.18
CA ASP A 66 2.94 7.10 -9.26
C ASP A 66 3.55 7.07 -10.68
N GLN A 67 3.12 6.13 -11.53
CA GLN A 67 3.56 6.00 -12.94
C GLN A 67 2.37 6.01 -13.95
N LEU A 68 1.25 6.64 -13.57
CA LEU A 68 0.02 6.71 -14.36
C LEU A 68 0.28 7.23 -15.79
N GLY A 69 0.09 6.35 -16.78
CA GLY A 69 0.37 6.63 -18.18
C GLY A 69 0.16 5.40 -19.07
N ARG A 70 1.26 4.87 -19.65
CA ARG A 70 1.24 3.67 -20.50
C ARG A 70 0.64 2.46 -19.75
N GLY A 71 -0.23 1.71 -20.44
CA GLY A 71 -0.91 0.52 -19.90
C GLY A 71 -2.35 0.77 -19.46
N TYR A 72 -2.75 2.04 -19.30
CA TYR A 72 -4.16 2.43 -19.08
C TYR A 72 -5.05 2.13 -20.31
N ILE A 73 -6.37 2.16 -20.13
CA ILE A 73 -7.34 1.86 -21.21
C ILE A 73 -7.25 2.86 -22.38
N GLU A 74 -7.72 2.44 -23.56
CA GLU A 74 -7.71 3.29 -24.77
C GLU A 74 -8.65 4.50 -24.64
N ARG A 75 -8.08 5.71 -24.73
CA ARG A 75 -8.77 7.01 -24.52
C ARG A 75 -9.21 7.66 -25.84
N HIS A 76 -9.30 6.87 -26.91
CA HIS A 76 -9.72 7.29 -28.25
C HIS A 76 -11.19 7.73 -28.29
N GLY A 77 -11.51 8.71 -29.14
CA GLY A 77 -12.87 9.26 -29.28
C GLY A 77 -13.85 8.31 -30.00
N PRO A 78 -13.63 8.01 -31.30
CA PRO A 78 -14.45 7.05 -32.04
C PRO A 78 -14.13 5.60 -31.66
N VAL A 79 -15.16 4.75 -31.69
CA VAL A 79 -15.11 3.32 -31.34
C VAL A 79 -16.01 2.54 -32.31
N ASP A 80 -15.56 1.37 -32.76
CA ASP A 80 -16.31 0.48 -33.66
C ASP A 80 -16.89 -0.72 -32.90
N ILE A 81 -17.83 -1.45 -33.52
CA ILE A 81 -18.50 -2.62 -32.94
C ILE A 81 -18.26 -3.84 -33.85
N PRO A 82 -17.11 -4.55 -33.72
CA PRO A 82 -16.80 -5.75 -34.49
C PRO A 82 -17.71 -6.94 -34.11
N TRP A 83 -17.69 -7.98 -34.93
CA TRP A 83 -18.36 -9.26 -34.66
C TRP A 83 -17.83 -9.93 -33.38
N HIS A 84 -18.60 -10.89 -32.83
CA HIS A 84 -18.23 -11.67 -31.64
C HIS A 84 -17.14 -12.76 -31.90
N ALA A 85 -16.38 -12.64 -32.98
CA ALA A 85 -15.29 -13.53 -33.38
C ALA A 85 -14.20 -13.61 -32.30
N LEU A 86 -13.94 -14.82 -31.78
CA LEU A 86 -13.00 -15.08 -30.69
C LEU A 86 -12.53 -16.55 -30.71
N PRO A 87 -11.24 -16.85 -30.45
CA PRO A 87 -10.73 -18.23 -30.42
C PRO A 87 -11.27 -19.01 -29.21
N ARG A 88 -12.24 -19.90 -29.44
CA ARG A 88 -12.89 -20.76 -28.43
C ARG A 88 -11.97 -21.88 -27.97
N ASN A 89 -11.16 -21.61 -26.94
CA ASN A 89 -10.18 -22.53 -26.35
C ASN A 89 -10.86 -23.63 -25.48
N ARG A 90 -11.56 -24.56 -26.13
CA ARG A 90 -12.28 -25.69 -25.52
C ARG A 90 -11.38 -26.94 -25.43
N LEU A 13 -21.49 -14.50 14.52
CA LEU A 13 -20.04 -14.17 14.35
C LEU A 13 -19.89 -12.68 14.05
N VAL A 14 -18.81 -12.06 14.55
CA VAL A 14 -18.46 -10.62 14.39
C VAL A 14 -19.67 -9.64 14.37
N PRO A 15 -20.49 -9.62 15.44
CA PRO A 15 -21.75 -8.86 15.46
C PRO A 15 -21.50 -7.34 15.44
N ARG A 16 -22.38 -6.60 14.76
CA ARG A 16 -22.40 -5.12 14.79
C ARG A 16 -22.95 -4.60 16.12
N GLY A 17 -22.51 -3.40 16.52
CA GLY A 17 -22.92 -2.76 17.78
C GLY A 17 -21.76 -2.05 18.50
N SER A 18 -21.87 -1.93 19.83
CA SER A 18 -20.87 -1.34 20.73
C SER A 18 -19.55 -2.15 20.78
N HIS A 19 -18.64 -1.87 19.83
CA HIS A 19 -17.29 -2.44 19.78
C HIS A 19 -16.30 -1.43 19.16
N MET A 20 -15.07 -1.38 19.67
CA MET A 20 -14.00 -0.52 19.11
C MET A 20 -13.63 -0.97 17.69
N MET A 21 -13.87 -0.11 16.70
CA MET A 21 -13.48 -0.36 15.30
C MET A 21 -11.94 -0.30 15.13
N SER A 22 -11.42 -1.12 14.22
CA SER A 22 -9.98 -1.24 13.91
C SER A 22 -9.77 -1.61 12.42
N SER A 23 -8.53 -1.47 11.94
CA SER A 23 -8.12 -1.74 10.56
C SER A 23 -7.32 -3.04 10.44
N SER A 24 -7.25 -3.62 9.22
CA SER A 24 -6.50 -4.84 8.92
C SER A 24 -5.08 -4.52 8.44
N PRO A 25 -4.06 -5.35 8.73
CA PRO A 25 -2.72 -5.17 8.19
C PRO A 25 -2.65 -5.32 6.66
N CYS A 26 -3.68 -5.91 6.03
CA CYS A 26 -3.82 -5.95 4.57
C CYS A 26 -4.09 -4.56 3.94
N ASP A 27 -4.57 -3.58 4.73
CA ASP A 27 -4.79 -2.20 4.29
C ASP A 27 -3.83 -1.18 4.94
N GLN A 28 -3.08 -1.56 5.99
CA GLN A 28 -2.00 -0.73 6.56
C GLN A 28 -0.84 -0.50 5.59
N LEU A 29 -0.63 -1.42 4.64
CA LEU A 29 0.38 -1.28 3.59
C LEU A 29 0.15 -0.05 2.70
N GLN A 30 -1.07 0.46 2.68
CA GLN A 30 -1.44 1.66 1.93
C GLN A 30 -0.58 2.86 2.39
N SER A 31 -0.44 3.02 3.70
CA SER A 31 0.42 4.04 4.34
C SER A 31 1.91 3.75 4.18
N PHE A 32 2.32 2.47 4.19
CA PHE A 32 3.71 2.05 3.94
C PHE A 32 4.23 2.53 2.59
N ALA A 33 3.49 2.24 1.50
CA ALA A 33 3.92 2.55 0.15
C ALA A 33 3.92 4.07 -0.15
N ASP A 34 2.97 4.81 0.43
CA ASP A 34 2.92 6.28 0.34
C ASP A 34 4.11 6.94 1.06
N GLY A 35 4.56 6.34 2.18
CA GLY A 35 5.76 6.74 2.93
C GLY A 35 5.48 7.31 4.33
N ASP A 36 4.36 6.93 4.95
CA ASP A 36 3.80 7.55 6.17
C ASP A 36 3.54 6.52 7.30
N LEU A 37 4.37 5.47 7.37
CA LEU A 37 4.30 4.41 8.40
C LEU A 37 5.59 4.37 9.25
N PRO A 38 5.50 4.40 10.60
CA PRO A 38 6.67 4.42 11.49
C PRO A 38 7.38 3.04 11.56
N PRO A 39 8.66 2.99 11.97
CA PRO A 39 9.48 1.77 11.91
C PRO A 39 8.99 0.63 12.82
N MET A 40 8.38 0.96 13.96
CA MET A 40 7.83 -0.05 14.89
C MET A 40 6.62 -0.78 14.28
N GLU A 41 5.67 -0.03 13.73
CA GLU A 41 4.49 -0.60 13.06
C GLU A 41 4.86 -1.27 11.72
N ALA A 42 5.90 -0.78 11.04
CA ALA A 42 6.43 -1.38 9.81
C ALA A 42 6.89 -2.84 9.99
N GLN A 43 7.40 -3.21 11.16
CA GLN A 43 7.68 -4.63 11.48
C GLN A 43 6.42 -5.41 11.88
N ALA A 44 5.47 -4.77 12.59
CA ALA A 44 4.24 -5.41 13.05
C ALA A 44 3.32 -5.88 11.90
N PHE A 45 3.04 -5.02 10.91
CA PHE A 45 2.28 -5.41 9.71
C PHE A 45 3.12 -6.24 8.71
N GLY A 46 4.47 -6.14 8.80
CA GLY A 46 5.44 -6.82 7.94
C GLY A 46 5.24 -8.34 7.85
N GLN A 47 4.81 -8.98 8.94
CA GLN A 47 4.45 -10.40 8.99
C GLN A 47 3.30 -10.77 8.03
N HIS A 48 2.28 -9.91 7.91
CA HIS A 48 1.15 -10.09 6.98
C HIS A 48 1.46 -9.63 5.56
N LEU A 49 2.48 -8.76 5.37
CA LEU A 49 3.00 -8.36 4.06
C LEU A 49 3.68 -9.50 3.27
N ALA A 50 3.87 -10.68 3.90
CA ALA A 50 4.17 -11.93 3.20
C ALA A 50 3.18 -12.24 2.05
N ASP A 51 3.58 -13.15 1.14
CA ASP A 51 2.86 -13.51 -0.10
C ASP A 51 1.32 -13.63 0.07
N CYS A 52 0.60 -12.61 -0.37
CA CYS A 52 -0.85 -12.42 -0.17
C CYS A 52 -1.40 -11.59 -1.35
N GLU A 53 -2.27 -12.16 -2.18
CA GLU A 53 -2.85 -11.46 -3.35
C GLU A 53 -3.59 -10.18 -2.95
N LYS A 54 -4.37 -10.22 -1.87
CA LYS A 54 -5.07 -9.04 -1.31
C LYS A 54 -4.10 -7.90 -0.95
N CYS A 55 -2.92 -8.22 -0.42
CA CYS A 55 -1.87 -7.24 -0.14
C CYS A 55 -1.26 -6.69 -1.44
N GLN A 56 -0.88 -7.55 -2.39
CA GLN A 56 -0.28 -7.13 -3.67
C GLN A 56 -1.21 -6.24 -4.49
N VAL A 57 -2.52 -6.53 -4.50
CA VAL A 57 -3.56 -5.71 -5.13
C VAL A 57 -3.65 -4.32 -4.49
N GLU A 58 -3.67 -4.22 -3.15
CA GLU A 58 -3.68 -2.93 -2.45
C GLU A 58 -2.39 -2.12 -2.72
N LEU A 59 -1.23 -2.79 -2.81
CA LEU A 59 0.07 -2.14 -3.05
C LEU A 59 0.20 -1.62 -4.49
N THR A 60 -0.04 -2.47 -5.50
CA THR A 60 0.13 -2.11 -6.92
C THR A 60 -0.79 -0.97 -7.36
N ARG A 61 -1.98 -0.84 -6.72
CA ARG A 61 -2.90 0.29 -6.88
C ARG A 61 -2.26 1.64 -6.57
N LEU A 62 -1.26 1.66 -5.69
CA LEU A 62 -0.50 2.87 -5.35
C LEU A 62 0.70 3.05 -6.29
N LEU A 63 1.40 1.97 -6.63
CA LEU A 63 2.54 2.01 -7.55
C LEU A 63 2.14 2.46 -8.97
N GLN A 64 0.94 2.08 -9.43
CA GLN A 64 0.41 2.49 -10.74
C GLN A 64 0.30 4.03 -10.87
N LEU A 65 0.04 4.70 -9.74
CA LEU A 65 -0.09 6.15 -9.63
C LEU A 65 1.28 6.81 -9.39
N ASP A 66 2.12 6.24 -8.52
CA ASP A 66 3.48 6.72 -8.29
C ASP A 66 4.38 6.65 -9.55
N GLN A 67 4.13 5.66 -10.42
CA GLN A 67 4.83 5.41 -11.68
C GLN A 67 3.97 5.84 -12.91
N LEU A 68 3.14 6.87 -12.74
CA LEU A 68 2.40 7.54 -13.82
C LEU A 68 3.31 7.99 -14.99
N GLY A 69 2.71 8.25 -16.15
CA GLY A 69 3.39 8.73 -17.35
C GLY A 69 2.85 10.08 -17.85
N ARG A 70 3.53 10.67 -18.84
CA ARG A 70 3.13 11.92 -19.51
C ARG A 70 1.68 11.85 -20.01
N GLY A 71 0.87 12.85 -19.61
CA GLY A 71 -0.55 12.97 -19.95
C GLY A 71 -1.48 12.82 -18.74
N TYR A 72 -1.07 12.06 -17.71
CA TYR A 72 -1.81 11.93 -16.45
C TYR A 72 -1.55 13.12 -15.49
N ILE A 73 -2.49 13.39 -14.58
CA ILE A 73 -2.36 14.46 -13.57
C ILE A 73 -1.24 14.17 -12.55
N GLU A 74 -0.66 15.20 -11.94
CA GLU A 74 0.38 15.05 -10.91
C GLU A 74 -0.22 14.93 -9.49
N ARG A 75 0.44 14.17 -8.61
CA ARG A 75 0.05 13.98 -7.19
C ARG A 75 0.02 15.30 -6.40
N HIS A 76 1.06 16.13 -6.55
CA HIS A 76 1.19 17.44 -5.92
C HIS A 76 0.44 18.51 -6.73
N GLY A 77 -0.05 19.55 -6.05
CA GLY A 77 -0.77 20.68 -6.63
C GLY A 77 -1.77 21.32 -5.65
N PRO A 78 -2.50 22.37 -6.08
CA PRO A 78 -3.61 22.93 -5.31
C PRO A 78 -4.78 21.94 -5.21
N VAL A 79 -5.61 22.10 -4.18
CA VAL A 79 -6.85 21.32 -3.97
C VAL A 79 -7.94 22.21 -3.37
N ASP A 80 -9.17 21.99 -3.80
CA ASP A 80 -10.38 22.68 -3.35
C ASP A 80 -11.55 21.69 -3.28
N ILE A 81 -12.59 22.06 -2.53
CA ILE A 81 -13.81 21.27 -2.33
C ILE A 81 -15.07 22.12 -2.60
N PRO A 82 -16.20 21.51 -2.99
CA PRO A 82 -17.46 22.23 -3.15
C PRO A 82 -17.97 22.78 -1.82
N TRP A 83 -18.71 23.89 -1.89
CA TRP A 83 -19.30 24.61 -0.74
C TRP A 83 -20.83 24.75 -0.86
N HIS A 84 -21.44 23.90 -1.69
CA HIS A 84 -22.87 23.87 -2.05
C HIS A 84 -23.58 22.60 -1.53
N ALA A 85 -23.08 22.01 -0.45
CA ALA A 85 -23.56 20.76 0.14
C ALA A 85 -24.10 21.00 1.56
N LEU A 86 -25.42 20.83 1.73
CA LEU A 86 -26.15 21.10 2.97
C LEU A 86 -27.41 20.21 3.13
N PRO A 87 -27.25 18.88 3.31
CA PRO A 87 -28.36 17.95 3.54
C PRO A 87 -29.07 18.22 4.88
N ARG A 88 -30.38 17.92 4.94
CA ARG A 88 -31.29 18.14 6.09
C ARG A 88 -32.00 16.83 6.48
N ASN A 89 -31.20 15.87 6.93
CA ASN A 89 -31.62 14.54 7.36
C ASN A 89 -30.64 13.94 8.39
N ARG A 90 -31.14 13.02 9.23
CA ARG A 90 -30.35 12.30 10.26
C ARG A 90 -30.87 10.88 10.57
N LEU A 13 -11.47 22.80 0.13
CA LEU A 13 -12.32 21.63 0.45
C LEU A 13 -12.13 21.24 1.92
N VAL A 14 -13.22 21.27 2.71
CA VAL A 14 -13.26 20.88 4.13
C VAL A 14 -14.52 20.03 4.40
N PRO A 15 -14.57 18.76 3.93
CA PRO A 15 -15.67 17.84 4.25
C PRO A 15 -15.66 17.40 5.72
N ARG A 16 -16.75 16.76 6.16
CA ARG A 16 -16.95 16.26 7.54
C ARG A 16 -17.65 14.90 7.54
N GLY A 17 -16.96 13.85 7.99
CA GLY A 17 -17.46 12.47 7.99
C GLY A 17 -16.44 11.38 8.34
N SER A 18 -15.51 11.66 9.26
CA SER A 18 -14.48 10.70 9.69
C SER A 18 -15.08 9.41 10.27
N HIS A 19 -14.51 8.26 9.87
CA HIS A 19 -14.77 6.92 10.40
C HIS A 19 -13.51 6.06 10.30
N MET A 20 -13.25 5.24 11.32
CA MET A 20 -12.15 4.27 11.38
C MET A 20 -12.69 2.92 11.88
N MET A 21 -12.71 1.93 10.99
CA MET A 21 -13.20 0.57 11.23
C MET A 21 -12.48 -0.43 10.30
N SER A 22 -12.68 -1.73 10.53
CA SER A 22 -12.02 -2.82 9.78
C SER A 22 -10.48 -2.70 9.73
N SER A 23 -9.88 -2.14 10.78
CA SER A 23 -8.42 -1.93 10.90
C SER A 23 -7.67 -3.27 10.89
N SER A 24 -6.89 -3.51 9.83
CA SER A 24 -6.22 -4.78 9.53
C SER A 24 -4.89 -4.56 8.82
N PRO A 25 -3.88 -5.44 9.01
CA PRO A 25 -2.54 -5.24 8.43
C PRO A 25 -2.52 -5.34 6.90
N CYS A 26 -3.52 -5.98 6.28
CA CYS A 26 -3.71 -5.98 4.81
C CYS A 26 -3.97 -4.59 4.21
N ASP A 27 -4.36 -3.60 5.03
CA ASP A 27 -4.55 -2.20 4.63
C ASP A 27 -3.52 -1.25 5.26
N GLN A 28 -2.77 -1.66 6.30
CA GLN A 28 -1.68 -0.85 6.88
C GLN A 28 -0.52 -0.60 5.90
N LEU A 29 -0.33 -1.51 4.94
CA LEU A 29 0.60 -1.36 3.83
C LEU A 29 0.37 -0.08 3.01
N GLN A 30 -0.83 0.49 3.08
CA GLN A 30 -1.18 1.73 2.40
C GLN A 30 -0.23 2.86 2.83
N SER A 31 0.01 3.01 4.13
CA SER A 31 0.94 4.00 4.69
C SER A 31 2.41 3.64 4.45
N PHE A 32 2.76 2.35 4.43
CA PHE A 32 4.12 1.88 4.09
C PHE A 32 4.55 2.33 2.68
N ALA A 33 3.70 2.11 1.68
CA ALA A 33 4.00 2.46 0.29
C ALA A 33 4.03 3.98 0.05
N ASP A 34 3.09 4.72 0.64
CA ASP A 34 3.03 6.19 0.56
C ASP A 34 4.23 6.88 1.26
N GLY A 35 4.68 6.32 2.39
CA GLY A 35 5.93 6.69 3.08
C GLY A 35 5.77 7.18 4.53
N ASP A 36 4.61 6.93 5.16
CA ASP A 36 4.19 7.55 6.43
C ASP A 36 4.05 6.52 7.59
N LEU A 37 4.64 5.32 7.45
CA LEU A 37 4.63 4.27 8.48
C LEU A 37 5.96 4.26 9.29
N PRO A 38 5.94 4.25 10.64
CA PRO A 38 7.15 4.23 11.47
C PRO A 38 7.85 2.84 11.48
N PRO A 39 9.14 2.76 11.84
CA PRO A 39 9.93 1.52 11.72
C PRO A 39 9.47 0.40 12.66
N MET A 40 8.93 0.75 13.84
CA MET A 40 8.39 -0.22 14.81
C MET A 40 7.16 -0.96 14.25
N GLU A 41 6.20 -0.19 13.71
CA GLU A 41 4.99 -0.75 13.09
C GLU A 41 5.30 -1.44 11.75
N ALA A 42 6.31 -0.97 11.01
CA ALA A 42 6.76 -1.58 9.75
C ALA A 42 7.21 -3.05 9.90
N GLN A 43 7.77 -3.44 11.06
CA GLN A 43 8.03 -4.84 11.37
C GLN A 43 6.75 -5.60 11.81
N ALA A 44 5.88 -4.95 12.58
CA ALA A 44 4.65 -5.56 13.12
C ALA A 44 3.65 -5.98 12.02
N PHE A 45 3.32 -5.09 11.07
CA PHE A 45 2.48 -5.43 9.91
C PHE A 45 3.23 -6.29 8.87
N GLY A 46 4.57 -6.21 8.84
CA GLY A 46 5.47 -6.90 7.92
C GLY A 46 5.27 -8.42 7.86
N GLN A 47 4.93 -9.03 9.00
CA GLN A 47 4.60 -10.45 9.13
C GLN A 47 3.41 -10.88 8.24
N HIS A 48 2.44 -9.98 8.00
CA HIS A 48 1.27 -10.19 7.13
C HIS A 48 1.44 -9.60 5.72
N LEU A 49 2.30 -8.59 5.56
CA LEU A 49 2.69 -8.02 4.25
C LEU A 49 3.45 -9.03 3.36
N ALA A 50 3.99 -10.10 3.94
CA ALA A 50 4.44 -11.30 3.23
C ALA A 50 3.40 -11.77 2.16
N ASP A 51 3.89 -12.32 1.05
CA ASP A 51 3.15 -12.71 -0.17
C ASP A 51 1.66 -13.10 0.05
N CYS A 52 0.76 -12.18 -0.30
CA CYS A 52 -0.69 -12.23 0.00
C CYS A 52 -1.44 -11.45 -1.08
N GLU A 53 -2.32 -12.10 -1.86
CA GLU A 53 -3.06 -11.48 -2.97
C GLU A 53 -3.81 -10.20 -2.54
N LYS A 54 -4.52 -10.26 -1.40
CA LYS A 54 -5.24 -9.12 -0.81
C LYS A 54 -4.32 -7.96 -0.42
N CYS A 55 -3.07 -8.23 -0.02
CA CYS A 55 -2.05 -7.20 0.20
C CYS A 55 -1.54 -6.60 -1.12
N GLN A 56 -1.16 -7.45 -2.09
CA GLN A 56 -0.64 -6.99 -3.39
C GLN A 56 -1.67 -6.17 -4.19
N VAL A 57 -2.96 -6.52 -4.13
CA VAL A 57 -4.08 -5.72 -4.70
C VAL A 57 -4.15 -4.31 -4.10
N GLU A 58 -3.92 -4.17 -2.78
CA GLU A 58 -3.87 -2.85 -2.14
C GLU A 58 -2.60 -2.09 -2.55
N LEU A 59 -1.43 -2.74 -2.50
CA LEU A 59 -0.14 -2.09 -2.78
C LEU A 59 -0.07 -1.54 -4.21
N THR A 60 -0.37 -2.38 -5.21
CA THR A 60 -0.30 -2.00 -6.63
C THR A 60 -1.28 -0.88 -6.98
N ARG A 61 -2.40 -0.74 -6.25
CA ARG A 61 -3.35 0.38 -6.39
C ARG A 61 -2.68 1.74 -6.20
N LEU A 62 -1.71 1.83 -5.29
CA LEU A 62 -0.96 3.04 -5.01
C LEU A 62 0.16 3.25 -6.03
N LEU A 63 0.88 2.18 -6.39
CA LEU A 63 1.95 2.22 -7.39
C LEU A 63 1.41 2.65 -8.76
N GLN A 64 0.21 2.21 -9.13
CA GLN A 64 -0.49 2.56 -10.36
C GLN A 64 -0.75 4.08 -10.48
N LEU A 65 -1.18 4.74 -9.39
CA LEU A 65 -1.35 6.19 -9.34
C LEU A 65 -0.02 6.96 -9.38
N ASP A 66 1.03 6.42 -8.74
CA ASP A 66 2.38 7.01 -8.73
C ASP A 66 3.14 6.85 -10.06
N GLN A 67 2.90 5.76 -10.81
CA GLN A 67 3.49 5.47 -12.12
C GLN A 67 2.89 6.35 -13.24
N LEU A 68 1.61 6.70 -13.14
CA LEU A 68 0.97 7.71 -13.99
C LEU A 68 1.40 9.14 -13.57
N GLY A 69 1.51 10.06 -14.53
CA GLY A 69 1.79 11.48 -14.28
C GLY A 69 3.28 11.86 -14.28
N ARG A 70 4.16 10.98 -14.77
CA ARG A 70 5.62 11.24 -14.89
C ARG A 70 5.91 12.57 -15.60
N GLY A 71 6.53 13.51 -14.89
CA GLY A 71 6.91 14.84 -15.37
C GLY A 71 5.91 15.96 -15.02
N TYR A 72 4.66 15.62 -14.70
CA TYR A 72 3.64 16.58 -14.22
C TYR A 72 3.83 16.86 -12.72
N ILE A 73 4.29 18.07 -12.39
CA ILE A 73 4.41 18.55 -11.01
C ILE A 73 3.04 18.64 -10.31
N GLU A 74 3.04 18.63 -8.97
CA GLU A 74 1.84 18.82 -8.15
C GLU A 74 2.20 19.37 -6.76
N ARG A 75 1.25 20.10 -6.14
CA ARG A 75 1.38 20.66 -4.78
C ARG A 75 0.70 19.81 -3.69
N HIS A 76 -0.39 19.11 -4.05
CA HIS A 76 -1.09 18.17 -3.17
C HIS A 76 -0.18 16.98 -2.84
N GLY A 77 -0.21 16.53 -1.59
CA GLY A 77 0.64 15.47 -1.05
C GLY A 77 -0.05 14.66 0.05
N PRO A 78 0.66 13.74 0.71
CA PRO A 78 0.11 12.94 1.79
C PRO A 78 -0.19 13.78 3.04
N VAL A 79 -0.98 13.23 3.95
CA VAL A 79 -1.47 13.89 5.17
C VAL A 79 -1.28 12.97 6.38
N ASP A 80 -0.55 13.45 7.38
CA ASP A 80 -0.41 12.77 8.67
C ASP A 80 -1.64 13.07 9.52
N ILE A 81 -2.13 12.04 10.22
CA ILE A 81 -3.21 12.16 11.21
C ILE A 81 -2.74 11.60 12.56
N PRO A 82 -3.33 12.03 13.70
CA PRO A 82 -2.99 11.47 15.01
C PRO A 82 -3.43 10.01 15.15
N TRP A 83 -2.70 9.24 15.98
CA TRP A 83 -2.98 7.83 16.29
C TRP A 83 -2.95 7.50 17.79
N HIS A 84 -2.16 8.24 18.59
CA HIS A 84 -2.07 8.11 20.06
C HIS A 84 -2.70 9.27 20.83
N ALA A 85 -3.18 10.32 20.15
CA ALA A 85 -3.98 11.37 20.76
C ALA A 85 -5.39 10.84 21.12
N LEU A 86 -5.91 11.21 22.29
CA LEU A 86 -7.27 10.91 22.78
C LEU A 86 -7.77 9.46 22.49
N PRO A 87 -7.03 8.41 22.93
CA PRO A 87 -7.36 7.02 22.64
C PRO A 87 -8.64 6.53 23.35
N ARG A 88 -9.14 5.36 22.94
CA ARG A 88 -10.38 4.74 23.42
C ARG A 88 -10.24 3.21 23.54
N ASN A 89 -10.61 2.66 24.70
CA ASN A 89 -10.46 1.23 25.01
C ASN A 89 -11.58 0.36 24.38
N ARG A 90 -12.83 0.87 24.37
CA ARG A 90 -13.98 0.26 23.67
C ARG A 90 -13.98 0.61 22.17
N LEU A 13 -33.87 -1.03 18.18
CA LEU A 13 -33.12 0.26 18.20
C LEU A 13 -31.65 0.02 17.83
N VAL A 14 -31.24 0.46 16.63
CA VAL A 14 -29.86 0.35 16.12
C VAL A 14 -29.61 1.41 15.02
N PRO A 15 -28.46 2.13 15.02
CA PRO A 15 -28.13 3.08 13.95
C PRO A 15 -27.73 2.36 12.65
N ARG A 16 -27.81 3.07 11.51
CA ARG A 16 -27.32 2.57 10.21
C ARG A 16 -25.80 2.46 10.20
N GLY A 17 -25.30 1.27 9.87
CA GLY A 17 -23.87 0.91 9.85
C GLY A 17 -23.44 0.27 11.19
N SER A 18 -23.11 -1.02 11.15
CA SER A 18 -22.51 -1.74 12.30
C SER A 18 -21.10 -1.22 12.62
N HIS A 19 -20.56 -1.57 13.79
CA HIS A 19 -19.20 -1.20 14.21
C HIS A 19 -18.14 -1.64 13.18
N MET A 20 -17.30 -0.69 12.76
CA MET A 20 -16.25 -0.83 11.74
C MET A 20 -14.91 -0.20 12.18
N MET A 21 -14.75 0.04 13.49
CA MET A 21 -13.59 0.67 14.16
C MET A 21 -12.31 -0.20 14.19
N SER A 22 -12.04 -0.96 13.12
CA SER A 22 -11.00 -2.00 13.05
C SER A 22 -10.14 -1.82 11.78
N SER A 23 -8.82 -1.95 11.92
CA SER A 23 -7.83 -1.64 10.88
C SER A 23 -6.91 -2.85 10.63
N SER A 24 -7.24 -3.65 9.61
CA SER A 24 -6.50 -4.87 9.25
C SER A 24 -5.14 -4.57 8.58
N PRO A 25 -4.12 -5.44 8.76
CA PRO A 25 -2.77 -5.23 8.23
C PRO A 25 -2.69 -5.30 6.70
N CYS A 26 -3.67 -5.94 6.04
CA CYS A 26 -3.82 -5.91 4.58
C CYS A 26 -4.10 -4.49 4.03
N ASP A 27 -4.55 -3.56 4.87
CA ASP A 27 -4.82 -2.15 4.51
C ASP A 27 -3.78 -1.18 5.12
N GLN A 28 -3.03 -1.61 6.15
CA GLN A 28 -1.95 -0.81 6.77
C GLN A 28 -0.81 -0.52 5.78
N LEU A 29 -0.61 -1.41 4.80
CA LEU A 29 0.35 -1.24 3.72
C LEU A 29 0.13 0.03 2.88
N GLN A 30 -1.10 0.56 2.89
CA GLN A 30 -1.45 1.77 2.16
C GLN A 30 -0.66 2.99 2.68
N SER A 31 -0.36 3.01 3.99
CA SER A 31 0.53 4.02 4.61
C SER A 31 2.01 3.70 4.39
N PHE A 32 2.39 2.42 4.29
CA PHE A 32 3.77 2.01 3.98
C PHE A 32 4.24 2.52 2.62
N ALA A 33 3.50 2.20 1.54
CA ALA A 33 3.92 2.55 0.18
C ALA A 33 3.81 4.06 -0.11
N ASP A 34 2.88 4.75 0.55
CA ASP A 34 2.78 6.22 0.53
C ASP A 34 3.95 6.93 1.26
N GLY A 35 4.64 6.22 2.17
CA GLY A 35 5.82 6.72 2.88
C GLY A 35 5.52 7.39 4.23
N ASP A 36 4.49 6.92 4.94
CA ASP A 36 3.94 7.56 6.15
C ASP A 36 3.68 6.56 7.29
N LEU A 37 4.50 5.51 7.38
CA LEU A 37 4.43 4.44 8.40
C LEU A 37 5.74 4.40 9.25
N PRO A 38 5.66 4.39 10.59
CA PRO A 38 6.84 4.36 11.47
C PRO A 38 7.55 2.98 11.47
N PRO A 39 8.85 2.90 11.84
CA PRO A 39 9.64 1.68 11.74
C PRO A 39 9.16 0.55 12.67
N MET A 40 8.65 0.89 13.86
CA MET A 40 8.07 -0.06 14.81
C MET A 40 6.81 -0.76 14.26
N GLU A 41 5.93 -0.03 13.57
CA GLU A 41 4.74 -0.59 12.93
C GLU A 41 5.08 -1.31 11.62
N ALA A 42 6.11 -0.86 10.91
CA ALA A 42 6.61 -1.47 9.67
C ALA A 42 7.04 -2.93 9.85
N GLN A 43 7.63 -3.29 10.99
CA GLN A 43 7.91 -4.69 11.33
C GLN A 43 6.64 -5.46 11.77
N ALA A 44 5.72 -4.81 12.48
CA ALA A 44 4.49 -5.44 12.99
C ALA A 44 3.54 -5.90 11.87
N PHE A 45 3.21 -5.03 10.90
CA PHE A 45 2.42 -5.42 9.71
C PHE A 45 3.23 -6.24 8.70
N GLY A 46 4.58 -6.13 8.74
CA GLY A 46 5.52 -6.82 7.86
C GLY A 46 5.33 -8.34 7.78
N GLN A 47 4.93 -8.97 8.89
CA GLN A 47 4.58 -10.40 8.96
C GLN A 47 3.40 -10.78 8.06
N HIS A 48 2.37 -9.93 7.97
CA HIS A 48 1.22 -10.11 7.06
C HIS A 48 1.52 -9.68 5.61
N LEU A 49 2.51 -8.81 5.41
CA LEU A 49 3.04 -8.41 4.09
C LEU A 49 3.74 -9.57 3.32
N ALA A 50 3.89 -10.75 3.92
CA ALA A 50 4.18 -12.00 3.23
C ALA A 50 3.22 -12.27 2.05
N ASP A 51 3.56 -13.22 1.16
CA ASP A 51 2.82 -13.54 -0.07
C ASP A 51 1.30 -13.65 0.13
N CYS A 52 0.56 -12.64 -0.31
CA CYS A 52 -0.86 -12.43 -0.08
C CYS A 52 -1.43 -11.61 -1.25
N GLU A 53 -2.27 -12.22 -2.10
CA GLU A 53 -2.89 -11.55 -3.26
C GLU A 53 -3.64 -10.27 -2.86
N LYS A 54 -4.35 -10.31 -1.72
CA LYS A 54 -5.09 -9.16 -1.16
C LYS A 54 -4.15 -8.00 -0.79
N CYS A 55 -2.94 -8.28 -0.29
CA CYS A 55 -1.91 -7.27 -0.04
C CYS A 55 -1.36 -6.69 -1.36
N GLN A 56 -1.01 -7.56 -2.32
CA GLN A 56 -0.39 -7.11 -3.58
C GLN A 56 -1.33 -6.24 -4.42
N VAL A 57 -2.63 -6.57 -4.47
CA VAL A 57 -3.69 -5.77 -5.11
C VAL A 57 -3.80 -4.38 -4.46
N GLU A 58 -3.70 -4.28 -3.13
CA GLU A 58 -3.72 -3.00 -2.41
C GLU A 58 -2.43 -2.20 -2.65
N LEU A 59 -1.26 -2.84 -2.73
CA LEU A 59 0.04 -2.17 -2.93
C LEU A 59 0.16 -1.61 -4.35
N THR A 60 -0.09 -2.43 -5.37
CA THR A 60 0.02 -2.02 -6.79
C THR A 60 -0.93 -0.88 -7.13
N ARG A 61 -2.07 -0.76 -6.43
CA ARG A 61 -3.01 0.37 -6.51
C ARG A 61 -2.33 1.74 -6.28
N LEU A 62 -1.33 1.77 -5.40
CA LEU A 62 -0.55 2.98 -5.09
C LEU A 62 0.60 3.17 -6.10
N LEU A 63 1.30 2.09 -6.46
CA LEU A 63 2.42 2.13 -7.42
C LEU A 63 1.95 2.62 -8.81
N GLN A 64 0.71 2.26 -9.20
CA GLN A 64 0.09 2.67 -10.46
C GLN A 64 0.06 4.20 -10.64
N LEU A 65 -0.11 4.97 -9.56
CA LEU A 65 -0.13 6.44 -9.58
C LEU A 65 1.22 7.03 -10.05
N ASP A 66 2.33 6.38 -9.72
CA ASP A 66 3.68 6.76 -10.16
C ASP A 66 4.06 6.12 -11.51
N GLN A 67 3.51 4.93 -11.81
CA GLN A 67 3.66 4.25 -13.10
C GLN A 67 3.00 5.02 -14.26
N LEU A 68 1.91 5.75 -13.99
CA LEU A 68 1.23 6.64 -14.96
C LEU A 68 2.21 7.68 -15.54
N GLY A 69 2.43 7.63 -16.85
CA GLY A 69 3.31 8.56 -17.59
C GLY A 69 3.45 8.22 -19.07
N ARG A 70 3.97 9.17 -19.85
CA ARG A 70 4.11 9.07 -21.32
C ARG A 70 4.93 7.83 -21.72
N GLY A 71 4.43 7.09 -22.71
CA GLY A 71 5.00 5.83 -23.20
C GLY A 71 4.18 4.58 -22.84
N TYR A 72 3.26 4.68 -21.86
CA TYR A 72 2.29 3.63 -21.54
C TYR A 72 1.38 3.26 -22.74
N ILE A 73 0.92 2.01 -22.78
CA ILE A 73 0.01 1.49 -23.81
C ILE A 73 -1.42 2.04 -23.68
N GLU A 74 -2.30 1.71 -24.63
CA GLU A 74 -3.71 2.10 -24.59
C GLU A 74 -4.48 1.30 -23.52
N ARG A 75 -5.01 1.99 -22.50
CA ARG A 75 -5.73 1.38 -21.37
C ARG A 75 -7.25 1.23 -21.59
N HIS A 76 -7.70 1.19 -22.85
CA HIS A 76 -9.12 1.09 -23.24
C HIS A 76 -9.86 -0.01 -22.45
N GLY A 77 -10.96 0.37 -21.82
CA GLY A 77 -11.73 -0.44 -20.87
C GLY A 77 -13.20 -0.01 -20.76
N PRO A 78 -13.97 -0.58 -19.82
CA PRO A 78 -15.40 -0.31 -19.68
C PRO A 78 -15.66 1.14 -19.22
N VAL A 79 -16.68 1.77 -19.79
CA VAL A 79 -17.15 3.10 -19.40
C VAL A 79 -18.22 2.96 -18.31
N ASP A 80 -17.97 3.57 -17.14
CA ASP A 80 -18.84 3.54 -15.96
C ASP A 80 -18.80 4.88 -15.21
N ILE A 81 -19.91 5.26 -14.57
CA ILE A 81 -20.06 6.53 -13.84
C ILE A 81 -19.08 6.68 -12.67
N PRO A 82 -18.67 7.91 -12.29
CA PRO A 82 -17.76 8.14 -11.17
C PRO A 82 -18.42 7.79 -9.83
N TRP A 83 -17.82 6.85 -9.08
CA TRP A 83 -18.30 6.40 -7.76
C TRP A 83 -17.91 7.38 -6.63
N HIS A 84 -18.23 8.66 -6.84
CA HIS A 84 -17.95 9.80 -5.94
C HIS A 84 -19.20 10.64 -5.60
N ALA A 85 -20.17 10.70 -6.52
CA ALA A 85 -21.48 11.31 -6.27
C ALA A 85 -22.37 10.44 -5.36
N LEU A 86 -23.40 11.04 -4.76
CA LEU A 86 -24.36 10.36 -3.88
C LEU A 86 -25.79 10.96 -4.04
N PRO A 87 -26.46 10.71 -5.19
CA PRO A 87 -27.83 11.17 -5.44
C PRO A 87 -28.87 10.42 -4.59
N ARG A 88 -30.09 10.98 -4.50
CA ARG A 88 -31.21 10.38 -3.75
C ARG A 88 -31.82 9.15 -4.44
N ASN A 89 -31.77 9.11 -5.78
CA ASN A 89 -32.22 7.98 -6.59
C ASN A 89 -31.36 6.72 -6.36
N ARG A 90 -31.95 5.53 -6.61
CA ARG A 90 -31.37 4.19 -6.33
C ARG A 90 -31.59 3.24 -7.51
N LEU A 13 7.36 21.29 17.02
CA LEU A 13 6.07 20.80 16.46
C LEU A 13 5.00 20.67 17.55
N VAL A 14 3.73 20.88 17.19
CA VAL A 14 2.55 20.72 18.08
C VAL A 14 1.41 20.00 17.33
N PRO A 15 1.55 18.69 17.04
CA PRO A 15 0.51 17.89 16.38
C PRO A 15 -0.69 17.63 17.29
N ARG A 16 -1.84 17.26 16.68
CA ARG A 16 -3.08 16.86 17.38
C ARG A 16 -3.16 15.34 17.60
N GLY A 17 -4.16 14.88 18.35
CA GLY A 17 -4.44 13.45 18.55
C GLY A 17 -4.83 12.74 17.24
N SER A 18 -4.19 11.60 16.96
CA SER A 18 -4.39 10.80 15.74
C SER A 18 -5.41 9.68 15.97
N HIS A 19 -6.71 10.03 15.96
CA HIS A 19 -7.83 9.11 16.23
C HIS A 19 -8.11 8.14 15.05
N MET A 20 -7.28 7.10 14.93
CA MET A 20 -7.37 6.03 13.94
C MET A 20 -8.51 5.01 14.25
N MET A 21 -8.75 4.08 13.33
CA MET A 21 -9.79 3.04 13.40
C MET A 21 -9.18 1.64 13.19
N SER A 22 -9.62 0.64 13.96
CA SER A 22 -9.14 -0.75 13.86
C SER A 22 -9.47 -1.38 12.49
N SER A 23 -8.44 -1.93 11.83
CA SER A 23 -8.52 -2.52 10.47
C SER A 23 -7.59 -3.72 10.33
N SER A 24 -7.93 -4.64 9.41
CA SER A 24 -7.10 -5.79 9.03
C SER A 24 -5.76 -5.38 8.37
N PRO A 25 -4.67 -6.14 8.57
CA PRO A 25 -3.33 -5.75 8.11
C PRO A 25 -3.16 -5.73 6.59
N CYS A 26 -4.05 -6.40 5.84
CA CYS A 26 -4.09 -6.36 4.38
C CYS A 26 -4.46 -4.96 3.80
N ASP A 27 -5.06 -4.08 4.62
CA ASP A 27 -5.41 -2.70 4.26
C ASP A 27 -4.47 -1.66 4.92
N GLN A 28 -3.68 -2.08 5.92
CA GLN A 28 -2.69 -1.23 6.63
C GLN A 28 -1.48 -0.89 5.76
N LEU A 29 -1.18 -1.72 4.76
CA LEU A 29 -0.08 -1.50 3.80
C LEU A 29 -0.22 -0.19 3.01
N GLN A 30 -1.43 0.33 2.92
CA GLN A 30 -1.73 1.60 2.25
C GLN A 30 -1.03 2.79 2.93
N SER A 31 -0.79 2.73 4.24
CA SER A 31 0.01 3.73 4.98
C SER A 31 1.53 3.50 4.87
N PHE A 32 1.97 2.26 4.62
CA PHE A 32 3.37 1.94 4.35
C PHE A 32 3.85 2.49 3.01
N ALA A 33 3.14 2.20 1.92
CA ALA A 33 3.52 2.64 0.57
C ALA A 33 3.39 4.16 0.36
N ASP A 34 2.39 4.78 1.00
CA ASP A 34 2.25 6.24 1.12
C ASP A 34 3.40 6.92 1.88
N GLY A 35 4.18 6.17 2.67
CA GLY A 35 5.37 6.67 3.38
C GLY A 35 5.08 7.31 4.75
N ASP A 36 3.95 7.00 5.37
CA ASP A 36 3.48 7.62 6.63
C ASP A 36 3.59 6.70 7.85
N LEU A 37 3.54 5.37 7.65
CA LEU A 37 3.73 4.36 8.70
C LEU A 37 5.16 4.44 9.32
N PRO A 38 5.32 4.48 10.65
CA PRO A 38 6.64 4.50 11.30
C PRO A 38 7.33 3.11 11.25
N PRO A 39 8.68 3.05 11.33
CA PRO A 39 9.44 1.82 11.12
C PRO A 39 9.23 0.75 12.20
N MET A 40 8.84 1.13 13.42
CA MET A 40 8.50 0.17 14.49
C MET A 40 7.17 -0.55 14.22
N GLU A 41 6.14 0.17 13.76
CA GLU A 41 4.86 -0.43 13.35
C GLU A 41 4.97 -1.19 12.01
N ALA A 42 5.93 -0.83 11.16
CA ALA A 42 6.20 -1.54 9.90
C ALA A 42 6.56 -3.02 10.10
N GLN A 43 7.19 -3.40 11.23
CA GLN A 43 7.45 -4.79 11.58
C GLN A 43 6.17 -5.53 12.04
N ALA A 44 5.22 -4.85 12.69
CA ALA A 44 4.01 -5.48 13.22
C ALA A 44 3.06 -6.01 12.13
N PHE A 45 2.76 -5.20 11.09
CA PHE A 45 1.99 -5.64 9.92
C PHE A 45 2.86 -6.35 8.88
N GLY A 46 4.19 -6.12 8.90
CA GLY A 46 5.18 -6.70 7.99
C GLY A 46 5.11 -8.23 7.87
N GLN A 47 4.75 -8.92 8.96
CA GLN A 47 4.53 -10.38 8.99
C GLN A 47 3.38 -10.84 8.08
N HIS A 48 2.33 -10.04 7.91
CA HIS A 48 1.23 -10.27 6.94
C HIS A 48 1.55 -9.75 5.53
N LEU A 49 2.47 -8.77 5.41
CA LEU A 49 3.02 -8.29 4.11
C LEU A 49 3.85 -9.35 3.36
N ALA A 50 4.03 -10.55 3.92
CA ALA A 50 4.45 -11.75 3.19
C ALA A 50 3.55 -12.05 1.95
N ASP A 51 3.98 -12.96 1.08
CA ASP A 51 3.31 -13.32 -0.18
C ASP A 51 1.79 -13.56 -0.04
N CYS A 52 1.00 -12.60 -0.52
CA CYS A 52 -0.45 -12.51 -0.36
C CYS A 52 -1.02 -11.68 -1.54
N GLU A 53 -1.83 -12.28 -2.42
CA GLU A 53 -2.39 -11.60 -3.59
C GLU A 53 -3.20 -10.35 -3.20
N LYS A 54 -4.03 -10.47 -2.15
CA LYS A 54 -4.83 -9.36 -1.60
C LYS A 54 -3.95 -8.17 -1.17
N CYS A 55 -2.77 -8.42 -0.60
CA CYS A 55 -1.79 -7.37 -0.27
C CYS A 55 -1.16 -6.76 -1.54
N GLN A 56 -0.66 -7.60 -2.46
CA GLN A 56 0.01 -7.14 -3.68
C GLN A 56 -0.91 -6.31 -4.60
N VAL A 57 -2.18 -6.71 -4.74
CA VAL A 57 -3.23 -5.99 -5.48
C VAL A 57 -3.54 -4.63 -4.85
N GLU A 58 -3.51 -4.52 -3.52
CA GLU A 58 -3.66 -3.22 -2.84
C GLU A 58 -2.43 -2.33 -3.04
N LEU A 59 -1.20 -2.87 -2.90
CA LEU A 59 0.07 -2.12 -3.03
C LEU A 59 0.24 -1.55 -4.45
N THR A 60 0.12 -2.40 -5.47
CA THR A 60 0.34 -2.00 -6.89
C THR A 60 -0.65 -0.93 -7.35
N ARG A 61 -1.86 -0.87 -6.77
CA ARG A 61 -2.86 0.20 -6.99
C ARG A 61 -2.30 1.59 -6.65
N LEU A 62 -1.44 1.66 -5.64
CA LEU A 62 -0.79 2.89 -5.18
C LEU A 62 0.41 3.21 -6.06
N LEU A 63 1.26 2.21 -6.37
CA LEU A 63 2.41 2.37 -7.25
C LEU A 63 2.02 2.82 -8.66
N GLN A 64 0.85 2.39 -9.15
CA GLN A 64 0.28 2.76 -10.45
C GLN A 64 0.14 4.30 -10.64
N LEU A 65 0.01 5.06 -9.56
CA LEU A 65 -0.16 6.52 -9.56
C LEU A 65 0.92 7.29 -8.77
N ASP A 66 1.61 6.65 -7.82
CA ASP A 66 2.77 7.21 -7.11
C ASP A 66 4.04 7.18 -7.98
N GLN A 67 4.18 6.20 -8.88
CA GLN A 67 5.30 6.04 -9.81
C GLN A 67 4.95 6.57 -11.22
N LEU A 68 4.16 7.64 -11.29
CA LEU A 68 3.74 8.31 -12.54
C LEU A 68 4.96 8.68 -13.42
N GLY A 69 5.05 8.08 -14.61
CA GLY A 69 6.19 8.22 -15.51
C GLY A 69 6.13 9.48 -16.37
N ARG A 70 6.77 10.58 -15.94
CA ARG A 70 6.80 11.88 -16.65
C ARG A 70 7.22 11.72 -18.12
N GLY A 71 6.42 12.26 -19.04
CA GLY A 71 6.62 12.19 -20.49
C GLY A 71 5.97 10.96 -21.17
N TYR A 72 5.81 9.85 -20.43
CA TYR A 72 5.04 8.68 -20.86
C TYR A 72 3.54 8.83 -20.52
N ILE A 73 2.72 7.93 -21.07
CA ILE A 73 1.25 7.92 -20.93
C ILE A 73 0.68 6.52 -20.61
N GLU A 74 1.52 5.50 -20.45
CA GLU A 74 1.14 4.11 -20.19
C GLU A 74 2.27 3.34 -19.47
N ARG A 75 1.93 2.30 -18.70
CA ARG A 75 2.89 1.47 -17.94
C ARG A 75 3.36 0.24 -18.72
N HIS A 76 2.43 -0.49 -19.34
CA HIS A 76 2.73 -1.69 -20.14
C HIS A 76 3.58 -1.37 -21.39
N GLY A 77 4.33 -2.36 -21.88
CA GLY A 77 5.16 -2.26 -23.09
C GLY A 77 4.33 -2.30 -24.40
N PRO A 78 5.01 -2.23 -25.57
CA PRO A 78 4.34 -2.28 -26.87
C PRO A 78 3.63 -3.62 -27.09
N VAL A 79 2.34 -3.56 -27.47
CA VAL A 79 1.51 -4.74 -27.74
C VAL A 79 1.65 -5.13 -29.21
N ASP A 80 1.63 -6.44 -29.49
CA ASP A 80 1.73 -7.04 -30.83
C ASP A 80 0.44 -7.82 -31.20
N ILE A 81 0.43 -8.38 -32.42
CA ILE A 81 -0.70 -9.15 -32.98
C ILE A 81 -0.33 -10.63 -33.16
N PRO A 82 -1.31 -11.55 -33.16
CA PRO A 82 -1.06 -12.98 -33.42
C PRO A 82 -0.61 -13.24 -34.86
N TRP A 83 -0.22 -14.49 -35.12
CA TRP A 83 0.10 -15.03 -36.47
C TRP A 83 -1.10 -14.96 -37.44
N HIS A 84 -0.90 -15.32 -38.72
CA HIS A 84 -1.97 -15.38 -39.75
C HIS A 84 -3.16 -16.30 -39.40
N ALA A 85 -2.98 -17.26 -38.48
CA ALA A 85 -4.06 -18.08 -37.92
C ALA A 85 -5.16 -17.25 -37.21
N LEU A 86 -6.38 -17.79 -37.12
CA LEU A 86 -7.53 -17.15 -36.47
C LEU A 86 -7.29 -16.92 -34.95
N PRO A 87 -7.97 -15.92 -34.33
CA PRO A 87 -7.78 -15.59 -32.91
C PRO A 87 -8.35 -16.63 -31.94
N ARG A 88 -9.30 -17.48 -32.39
CA ARG A 88 -9.89 -18.62 -31.65
C ARG A 88 -10.35 -18.29 -30.22
N ASN A 89 -10.82 -17.06 -30.01
CA ASN A 89 -11.18 -16.47 -28.71
C ASN A 89 -12.69 -16.56 -28.36
N ARG A 90 -13.48 -17.29 -29.16
CA ARG A 90 -14.91 -17.60 -28.92
C ARG A 90 -15.14 -18.40 -27.62
N LEU A 13 -6.35 23.99 12.21
CA LEU A 13 -7.19 23.25 13.19
C LEU A 13 -8.62 23.10 12.69
N VAL A 14 -9.24 21.95 12.96
CA VAL A 14 -10.61 21.58 12.56
C VAL A 14 -11.31 20.76 13.66
N PRO A 15 -12.64 20.78 13.75
CA PRO A 15 -13.39 20.04 14.78
C PRO A 15 -13.46 18.52 14.52
N ARG A 16 -13.37 18.09 13.25
CA ARG A 16 -13.41 16.68 12.84
C ARG A 16 -12.10 15.95 13.22
N GLY A 17 -12.22 14.69 13.64
CA GLY A 17 -11.07 13.85 14.01
C GLY A 17 -10.31 13.27 12.81
N SER A 18 -9.18 12.59 13.10
CA SER A 18 -8.37 11.86 12.12
C SER A 18 -9.12 10.70 11.45
N HIS A 19 -8.56 10.13 10.38
CA HIS A 19 -9.10 8.93 9.72
C HIS A 19 -9.26 7.74 10.70
N MET A 20 -10.23 6.87 10.41
CA MET A 20 -10.54 5.68 11.20
C MET A 20 -9.34 4.71 11.27
N MET A 21 -9.18 4.02 12.40
CA MET A 21 -8.11 3.02 12.61
C MET A 21 -8.24 1.85 11.61
N SER A 22 -7.11 1.33 11.13
CA SER A 22 -7.10 0.26 10.12
C SER A 22 -7.75 -1.04 10.63
N SER A 23 -8.56 -1.69 9.79
CA SER A 23 -9.34 -2.89 10.13
C SER A 23 -8.54 -4.21 10.07
N SER A 24 -7.48 -4.29 9.25
CA SER A 24 -6.58 -5.45 9.15
C SER A 24 -5.22 -5.08 8.55
N PRO A 25 -4.15 -5.87 8.80
CA PRO A 25 -2.82 -5.61 8.24
C PRO A 25 -2.75 -5.79 6.71
N CYS A 26 -3.78 -6.35 6.07
CA CYS A 26 -3.87 -6.49 4.62
C CYS A 26 -4.23 -5.18 3.89
N ASP A 27 -4.79 -4.19 4.60
CA ASP A 27 -5.16 -2.87 4.08
C ASP A 27 -4.31 -1.73 4.68
N GLN A 28 -3.72 -1.97 5.86
CA GLN A 28 -2.87 -1.00 6.58
C GLN A 28 -1.61 -0.62 5.80
N LEU A 29 -1.21 -1.46 4.82
CA LEU A 29 -0.14 -1.20 3.86
C LEU A 29 -0.33 0.09 3.08
N GLN A 30 -1.56 0.62 3.05
CA GLN A 30 -1.88 1.93 2.50
C GLN A 30 -0.91 2.99 3.06
N SER A 31 -0.79 3.05 4.39
CA SER A 31 0.11 3.97 5.12
C SER A 31 1.59 3.68 4.91
N PHE A 32 1.98 2.41 4.71
CA PHE A 32 3.36 2.03 4.37
C PHE A 32 3.79 2.63 3.02
N ALA A 33 3.03 2.37 1.95
CA ALA A 33 3.35 2.84 0.60
C ALA A 33 3.13 4.34 0.40
N ASP A 34 2.14 4.94 1.09
CA ASP A 34 2.00 6.41 1.18
C ASP A 34 3.14 7.09 1.99
N GLY A 35 3.96 6.33 2.73
CA GLY A 35 5.16 6.81 3.41
C GLY A 35 4.89 7.48 4.77
N ASP A 36 3.92 6.97 5.52
CA ASP A 36 3.36 7.60 6.73
C ASP A 36 3.17 6.59 7.88
N LEU A 37 4.08 5.61 8.00
CA LEU A 37 4.03 4.51 8.98
C LEU A 37 5.34 4.46 9.82
N PRO A 38 5.27 4.36 11.16
CA PRO A 38 6.46 4.28 12.01
C PRO A 38 7.15 2.90 11.90
N PRO A 39 8.46 2.80 12.21
CA PRO A 39 9.24 1.58 12.02
C PRO A 39 8.79 0.42 12.92
N MET A 40 8.34 0.72 14.15
CA MET A 40 7.81 -0.27 15.09
C MET A 40 6.56 -0.99 14.55
N GLU A 41 5.69 -0.27 13.83
CA GLU A 41 4.47 -0.83 13.22
C GLU A 41 4.77 -1.45 11.85
N ALA A 42 5.75 -0.92 11.11
CA ALA A 42 6.20 -1.48 9.84
C ALA A 42 6.72 -2.93 9.96
N GLN A 43 7.35 -3.30 11.08
CA GLN A 43 7.69 -4.69 11.38
C GLN A 43 6.48 -5.50 11.87
N ALA A 44 5.57 -4.91 12.65
CA ALA A 44 4.41 -5.58 13.23
C ALA A 44 3.40 -6.10 12.17
N PHE A 45 3.15 -5.33 11.10
CA PHE A 45 2.35 -5.78 9.95
C PHE A 45 3.19 -6.50 8.87
N GLY A 46 4.51 -6.31 8.87
CA GLY A 46 5.45 -6.88 7.89
C GLY A 46 5.33 -8.40 7.75
N GLN A 47 5.03 -9.10 8.86
CA GLN A 47 4.73 -10.54 8.89
C GLN A 47 3.54 -10.97 8.00
N HIS A 48 2.55 -10.08 7.79
CA HIS A 48 1.40 -10.30 6.89
C HIS A 48 1.62 -9.70 5.50
N LEU A 49 2.54 -8.74 5.34
CA LEU A 49 3.00 -8.22 4.04
C LEU A 49 3.76 -9.27 3.18
N ALA A 50 4.09 -10.43 3.75
CA ALA A 50 4.52 -11.62 2.99
C ALA A 50 3.55 -11.97 1.83
N ASP A 51 4.02 -12.75 0.86
CA ASP A 51 3.32 -13.10 -0.39
C ASP A 51 1.82 -13.42 -0.20
N CYS A 52 0.97 -12.46 -0.57
CA CYS A 52 -0.48 -12.44 -0.33
C CYS A 52 -1.16 -11.61 -1.43
N GLU A 53 -2.02 -12.23 -2.24
CA GLU A 53 -2.72 -11.54 -3.34
C GLU A 53 -3.53 -10.33 -2.85
N LYS A 54 -4.28 -10.49 -1.75
CA LYS A 54 -5.05 -9.41 -1.11
C LYS A 54 -4.18 -8.20 -0.72
N CYS A 55 -2.92 -8.43 -0.32
CA CYS A 55 -1.93 -7.37 -0.06
C CYS A 55 -1.37 -6.78 -1.37
N GLN A 56 -0.89 -7.62 -2.29
CA GLN A 56 -0.25 -7.18 -3.54
C GLN A 56 -1.18 -6.37 -4.44
N VAL A 57 -2.45 -6.78 -4.56
CA VAL A 57 -3.50 -6.04 -5.29
C VAL A 57 -3.73 -4.65 -4.67
N GLU A 58 -3.76 -4.53 -3.35
CA GLU A 58 -3.89 -3.22 -2.68
C GLU A 58 -2.62 -2.37 -2.87
N LEU A 59 -1.43 -2.95 -2.69
CA LEU A 59 -0.15 -2.24 -2.79
C LEU A 59 0.07 -1.66 -4.19
N THR A 60 -0.05 -2.51 -5.23
CA THR A 60 0.17 -2.08 -6.61
C THR A 60 -0.83 -1.02 -7.07
N ARG A 61 -2.05 -0.99 -6.50
CA ARG A 61 -3.04 0.06 -6.74
C ARG A 61 -2.49 1.46 -6.41
N LEU A 62 -1.63 1.56 -5.39
CA LEU A 62 -0.97 2.81 -5.03
C LEU A 62 0.20 3.11 -5.97
N LEU A 63 1.04 2.12 -6.30
CA LEU A 63 2.21 2.30 -7.18
C LEU A 63 1.82 2.71 -8.61
N GLN A 64 0.71 2.18 -9.12
CA GLN A 64 0.11 2.53 -10.42
C GLN A 64 -0.22 4.01 -10.55
N LEU A 65 -0.48 4.70 -9.42
CA LEU A 65 -0.87 6.11 -9.34
C LEU A 65 0.31 6.99 -8.91
N ASP A 66 1.11 6.53 -7.94
CA ASP A 66 2.35 7.21 -7.51
C ASP A 66 3.40 7.33 -8.63
N GLN A 67 3.39 6.39 -9.58
CA GLN A 67 4.30 6.32 -10.74
C GLN A 67 3.51 6.19 -12.06
N LEU A 68 2.35 6.86 -12.16
CA LEU A 68 1.57 6.93 -13.40
C LEU A 68 2.40 7.46 -14.58
N GLY A 69 2.07 7.01 -15.80
CA GLY A 69 2.79 7.40 -17.02
C GLY A 69 2.20 6.87 -18.33
N ARG A 70 0.92 6.46 -18.35
CA ARG A 70 0.26 5.93 -19.56
C ARG A 70 0.18 6.97 -20.68
N GLY A 71 0.29 6.48 -21.92
CA GLY A 71 0.28 7.27 -23.16
C GLY A 71 1.68 7.56 -23.70
N TYR A 72 2.70 7.65 -22.84
CA TYR A 72 4.11 7.69 -23.23
C TYR A 72 4.59 6.30 -23.66
N ILE A 73 5.40 6.24 -24.72
CA ILE A 73 5.99 4.99 -25.23
C ILE A 73 6.99 4.38 -24.22
N GLU A 74 7.15 3.06 -24.27
CA GLU A 74 8.12 2.35 -23.43
C GLU A 74 9.50 2.27 -24.12
N ARG A 75 10.56 2.20 -23.31
CA ARG A 75 11.98 2.18 -23.74
C ARG A 75 12.72 0.90 -23.31
N HIS A 76 11.97 -0.20 -23.16
CA HIS A 76 12.48 -1.53 -22.79
C HIS A 76 13.63 -1.97 -23.74
N GLY A 77 14.59 -2.70 -23.19
CA GLY A 77 15.80 -3.13 -23.90
C GLY A 77 16.65 -4.12 -23.11
N PRO A 78 16.11 -5.30 -22.72
CA PRO A 78 16.84 -6.29 -21.95
C PRO A 78 18.04 -6.86 -22.74
N VAL A 79 19.14 -7.10 -22.04
CA VAL A 79 20.37 -7.66 -22.63
C VAL A 79 20.31 -9.18 -22.61
N ASP A 80 20.53 -9.81 -23.77
CA ASP A 80 20.51 -11.26 -23.99
C ASP A 80 21.61 -11.68 -24.99
N ILE A 81 21.76 -12.99 -25.19
CA ILE A 81 22.76 -13.60 -26.08
C ILE A 81 22.10 -14.44 -27.19
N PRO A 82 22.74 -14.59 -28.37
CA PRO A 82 22.19 -15.36 -29.48
C PRO A 82 22.17 -16.87 -29.17
N TRP A 83 21.11 -17.55 -29.62
CA TRP A 83 20.88 -19.00 -29.45
C TRP A 83 21.14 -19.80 -30.74
N HIS A 84 22.14 -19.37 -31.51
CA HIS A 84 22.59 -20.01 -32.77
C HIS A 84 24.04 -20.54 -32.72
N ALA A 85 24.87 -19.99 -31.84
CA ALA A 85 26.24 -20.48 -31.56
C ALA A 85 26.23 -21.73 -30.64
N LEU A 86 27.42 -22.11 -30.15
CA LEU A 86 27.64 -23.23 -29.23
C LEU A 86 28.40 -22.80 -27.95
N PRO A 87 27.85 -21.87 -27.14
CA PRO A 87 28.51 -21.35 -25.94
C PRO A 87 28.64 -22.38 -24.80
N ARG A 88 27.78 -23.42 -24.80
CA ARG A 88 27.74 -24.53 -23.83
C ARG A 88 27.88 -24.09 -22.35
N ASN A 89 27.15 -23.05 -21.97
CA ASN A 89 27.23 -22.37 -20.67
C ASN A 89 25.83 -22.14 -20.10
N ARG A 90 25.62 -22.53 -18.83
CA ARG A 90 24.32 -22.47 -18.11
C ARG A 90 24.52 -22.24 -16.60
N LEU A 13 -6.12 13.35 36.65
CA LEU A 13 -6.69 13.20 35.27
C LEU A 13 -6.48 11.77 34.74
N VAL A 14 -7.40 11.28 33.90
CA VAL A 14 -7.34 9.97 33.23
C VAL A 14 -8.26 9.94 31.98
N PRO A 15 -7.83 10.52 30.85
CA PRO A 15 -8.59 10.44 29.59
C PRO A 15 -8.62 8.99 29.06
N ARG A 16 -9.81 8.51 28.66
CA ARG A 16 -9.96 7.22 27.96
C ARG A 16 -9.26 7.24 26.59
N GLY A 17 -8.93 6.05 26.08
CA GLY A 17 -8.36 5.84 24.75
C GLY A 17 -8.43 4.39 24.28
N SER A 18 -8.51 4.18 22.97
CA SER A 18 -8.60 2.86 22.34
C SER A 18 -7.20 2.23 22.18
N HIS A 19 -7.07 0.94 22.54
CA HIS A 19 -5.86 0.14 22.39
C HIS A 19 -6.19 -1.35 22.23
N MET A 20 -5.28 -2.12 21.62
CA MET A 20 -5.48 -3.54 21.26
C MET A 20 -6.78 -3.83 20.46
N MET A 21 -7.28 -2.83 19.72
CA MET A 21 -8.48 -2.94 18.87
C MET A 21 -8.18 -3.67 17.53
N SER A 22 -9.22 -4.23 16.90
CA SER A 22 -9.12 -4.87 15.60
C SER A 22 -8.92 -3.86 14.46
N SER A 23 -8.14 -4.24 13.44
CA SER A 23 -7.75 -3.40 12.29
C SER A 23 -7.63 -4.23 11.00
N SER A 24 -7.40 -3.56 9.87
CA SER A 24 -7.30 -4.17 8.53
C SER A 24 -5.89 -3.96 7.93
N PRO A 25 -4.89 -4.79 8.28
CA PRO A 25 -3.51 -4.62 7.84
C PRO A 25 -3.31 -4.81 6.33
N CYS A 26 -4.30 -5.40 5.63
CA CYS A 26 -4.33 -5.49 4.16
C CYS A 26 -4.52 -4.12 3.46
N ASP A 27 -4.95 -3.06 4.16
CA ASP A 27 -4.99 -1.69 3.65
C ASP A 27 -4.01 -0.73 4.36
N GLN A 28 -3.41 -1.13 5.49
CA GLN A 28 -2.34 -0.37 6.17
C GLN A 28 -1.11 -0.17 5.27
N LEU A 29 -0.91 -1.08 4.31
CA LEU A 29 0.16 -0.99 3.30
C LEU A 29 0.04 0.25 2.39
N GLN A 30 -1.16 0.82 2.31
CA GLN A 30 -1.44 2.06 1.57
C GLN A 30 -0.51 3.20 2.04
N SER A 31 -0.39 3.35 3.36
CA SER A 31 0.50 4.33 4.01
C SER A 31 1.98 3.95 3.94
N PHE A 32 2.30 2.65 3.96
CA PHE A 32 3.67 2.15 3.80
C PHE A 32 4.27 2.53 2.44
N ALA A 33 3.59 2.19 1.34
CA ALA A 33 4.10 2.43 -0.01
C ALA A 33 4.20 3.93 -0.36
N ASP A 34 3.28 4.74 0.17
CA ASP A 34 3.29 6.20 0.06
C ASP A 34 4.45 6.85 0.85
N GLY A 35 4.99 6.16 1.86
CA GLY A 35 6.16 6.57 2.65
C GLY A 35 5.83 7.31 3.95
N ASP A 36 4.67 7.02 4.56
CA ASP A 36 4.07 7.78 5.67
C ASP A 36 3.65 6.89 6.86
N LEU A 37 4.35 5.76 7.04
CA LEU A 37 4.13 4.79 8.13
C LEU A 37 5.35 4.74 9.08
N PRO A 38 5.18 4.81 10.42
CA PRO A 38 6.29 4.77 11.38
C PRO A 38 6.88 3.35 11.55
N PRO A 39 8.13 3.21 12.04
CA PRO A 39 8.83 1.92 12.07
C PRO A 39 8.19 0.88 13.01
N MET A 40 7.61 1.34 14.12
CA MET A 40 6.88 0.46 15.07
C MET A 40 5.65 -0.21 14.45
N GLU A 41 4.91 0.51 13.60
CA GLU A 41 3.75 -0.04 12.89
C GLU A 41 4.17 -0.79 11.63
N ALA A 42 5.30 -0.41 11.00
CA ALA A 42 5.85 -1.11 9.83
C ALA A 42 6.21 -2.58 10.12
N GLN A 43 6.67 -2.90 11.34
CA GLN A 43 6.85 -4.28 11.78
C GLN A 43 5.50 -4.97 12.10
N ALA A 44 4.55 -4.25 12.72
CA ALA A 44 3.26 -4.79 13.14
C ALA A 44 2.38 -5.29 11.98
N PHE A 45 2.20 -4.48 10.93
CA PHE A 45 1.50 -4.92 9.70
C PHE A 45 2.37 -5.82 8.80
N GLY A 46 3.70 -5.74 8.95
CA GLY A 46 4.70 -6.49 8.18
C GLY A 46 4.49 -8.01 8.17
N GLN A 47 3.97 -8.56 9.27
CA GLN A 47 3.60 -9.98 9.40
C GLN A 47 2.50 -10.38 8.39
N HIS A 48 1.49 -9.52 8.18
CA HIS A 48 0.42 -9.71 7.19
C HIS A 48 0.85 -9.34 5.75
N LEU A 49 1.88 -8.50 5.59
CA LEU A 49 2.48 -8.14 4.29
C LEU A 49 3.18 -9.33 3.59
N ALA A 50 3.26 -10.50 4.23
CA ALA A 50 3.55 -11.78 3.58
C ALA A 50 2.66 -12.05 2.33
N ASP A 51 3.06 -13.02 1.50
CA ASP A 51 2.39 -13.38 0.23
C ASP A 51 0.86 -13.48 0.35
N CYS A 52 0.18 -12.50 -0.23
CA CYS A 52 -1.26 -12.24 -0.10
C CYS A 52 -1.74 -11.42 -1.30
N GLU A 53 -2.50 -12.03 -2.22
CA GLU A 53 -3.02 -11.35 -3.43
C GLU A 53 -3.70 -10.01 -3.09
N LYS A 54 -4.54 -10.00 -2.04
CA LYS A 54 -5.25 -8.80 -1.54
C LYS A 54 -4.29 -7.67 -1.12
N CYS A 55 -3.11 -8.01 -0.58
CA CYS A 55 -2.05 -7.04 -0.30
C CYS A 55 -1.33 -6.58 -1.57
N GLN A 56 -0.87 -7.50 -2.43
CA GLN A 56 -0.13 -7.18 -3.65
C GLN A 56 -0.96 -6.32 -4.64
N VAL A 57 -2.26 -6.59 -4.78
CA VAL A 57 -3.21 -5.78 -5.57
C VAL A 57 -3.29 -4.34 -5.04
N GLU A 58 -3.38 -4.15 -3.72
CA GLU A 58 -3.44 -2.81 -3.12
C GLU A 58 -2.09 -2.07 -3.22
N LEU A 59 -0.97 -2.79 -3.15
CA LEU A 59 0.39 -2.22 -3.25
C LEU A 59 0.70 -1.75 -4.68
N THR A 60 0.55 -2.65 -5.66
CA THR A 60 0.90 -2.37 -7.07
C THR A 60 0.06 -1.25 -7.68
N ARG A 61 -1.17 -1.04 -7.18
CA ARG A 61 -2.02 0.12 -7.49
C ARG A 61 -1.27 1.45 -7.29
N LEU A 62 -0.51 1.56 -6.21
CA LEU A 62 0.20 2.79 -5.85
C LEU A 62 1.47 2.94 -6.70
N LEU A 63 2.19 1.84 -6.94
CA LEU A 63 3.38 1.84 -7.79
C LEU A 63 3.06 2.23 -9.24
N GLN A 64 1.89 1.80 -9.74
CA GLN A 64 1.40 2.13 -11.08
C GLN A 64 1.14 3.63 -11.25
N LEU A 65 0.47 4.28 -10.29
CA LEU A 65 0.24 5.74 -10.32
C LEU A 65 1.53 6.54 -10.10
N ASP A 66 2.46 6.02 -9.28
CA ASP A 66 3.79 6.61 -9.05
C ASP A 66 4.72 6.53 -10.28
N GLN A 67 4.61 5.47 -11.09
CA GLN A 67 5.35 5.32 -12.35
C GLN A 67 4.92 6.35 -13.42
N LEU A 68 3.63 6.71 -13.46
CA LEU A 68 3.10 7.73 -14.36
C LEU A 68 3.59 9.16 -14.02
N GLY A 69 3.59 10.04 -15.02
CA GLY A 69 3.99 11.45 -14.90
C GLY A 69 5.49 11.68 -15.13
N ARG A 70 6.34 11.15 -14.23
CA ARG A 70 7.81 11.19 -14.39
C ARG A 70 8.30 10.22 -15.47
N GLY A 71 9.46 10.51 -16.08
CA GLY A 71 10.09 9.69 -17.12
C GLY A 71 9.44 9.73 -18.51
N TYR A 72 8.19 10.20 -18.61
CA TYR A 72 7.48 10.43 -19.87
C TYR A 72 8.16 11.56 -20.67
N ILE A 73 8.66 11.26 -21.87
CA ILE A 73 9.38 12.20 -22.73
C ILE A 73 8.49 13.38 -23.19
N GLU A 74 9.09 14.56 -23.39
CA GLU A 74 8.38 15.73 -23.91
C GLU A 74 8.08 15.62 -25.42
N ARG A 75 6.99 16.26 -25.88
CA ARG A 75 6.58 16.22 -27.30
C ARG A 75 7.43 17.12 -28.20
N HIS A 76 7.95 18.23 -27.67
CA HIS A 76 8.68 19.27 -28.43
C HIS A 76 10.20 19.07 -28.33
N GLY A 77 10.78 18.33 -29.27
CA GLY A 77 12.23 18.09 -29.35
C GLY A 77 12.59 16.77 -30.06
N PRO A 78 12.18 15.61 -29.51
CA PRO A 78 12.35 14.31 -30.19
C PRO A 78 11.45 14.22 -31.43
N VAL A 79 11.91 13.50 -32.45
CA VAL A 79 11.19 13.29 -33.71
C VAL A 79 9.96 12.41 -33.48
N ASP A 80 8.79 12.89 -33.92
CA ASP A 80 7.51 12.18 -33.83
C ASP A 80 7.26 11.39 -35.13
N ILE A 81 7.35 10.06 -35.05
CA ILE A 81 7.13 9.16 -36.20
C ILE A 81 5.68 9.34 -36.73
N PRO A 82 5.45 9.48 -38.05
CA PRO A 82 4.09 9.61 -38.59
C PRO A 82 3.28 8.31 -38.46
N TRP A 83 1.97 8.45 -38.26
CA TRP A 83 1.01 7.35 -38.08
C TRP A 83 -0.10 7.33 -39.15
N HIS A 84 0.11 8.03 -40.27
CA HIS A 84 -0.84 8.17 -41.39
C HIS A 84 -0.44 7.37 -42.65
N ALA A 85 0.85 7.05 -42.81
CA ALA A 85 1.38 6.24 -43.91
C ALA A 85 0.94 4.77 -43.81
N LEU A 86 1.16 3.99 -44.88
CA LEU A 86 0.82 2.57 -44.98
C LEU A 86 2.06 1.74 -45.38
N PRO A 87 3.05 1.60 -44.47
CA PRO A 87 4.24 0.77 -44.70
C PRO A 87 3.89 -0.73 -44.68
N ARG A 88 4.82 -1.58 -45.14
CA ARG A 88 4.71 -3.04 -45.07
C ARG A 88 4.55 -3.53 -43.62
N ASN A 89 3.46 -4.26 -43.36
CA ASN A 89 3.19 -4.92 -42.08
C ASN A 89 4.21 -6.04 -41.74
N ARG A 90 4.23 -6.45 -40.47
CA ARG A 90 5.14 -7.44 -39.86
C ARG A 90 4.42 -8.29 -38.81
N LEU A 13 -32.82 14.97 0.87
CA LEU A 13 -32.48 13.73 1.61
C LEU A 13 -31.34 12.98 0.90
N VAL A 14 -30.60 12.13 1.62
CA VAL A 14 -29.48 11.32 1.11
C VAL A 14 -29.36 10.00 1.90
N PRO A 15 -29.10 8.84 1.25
CA PRO A 15 -28.82 7.57 1.95
C PRO A 15 -27.43 7.57 2.61
N ARG A 16 -27.05 6.46 3.26
CA ARG A 16 -25.68 6.25 3.79
C ARG A 16 -24.61 6.39 2.71
N GLY A 17 -23.43 6.85 3.11
CA GLY A 17 -22.24 7.01 2.26
C GLY A 17 -21.39 5.73 2.22
N SER A 18 -20.08 5.87 2.47
CA SER A 18 -19.15 4.74 2.60
C SER A 18 -19.52 3.80 3.77
N HIS A 19 -19.08 2.55 3.70
CA HIS A 19 -19.25 1.53 4.75
C HIS A 19 -18.17 1.66 5.85
N MET A 20 -18.33 0.91 6.95
CA MET A 20 -17.32 0.82 8.03
C MET A 20 -15.98 0.31 7.49
N MET A 21 -14.85 0.83 8.00
CA MET A 21 -13.49 0.43 7.59
C MET A 21 -12.74 -0.22 8.75
N SER A 22 -12.50 -1.54 8.65
CA SER A 22 -11.74 -2.34 9.63
C SER A 22 -10.27 -1.94 9.70
N SER A 23 -9.62 -2.17 10.84
CA SER A 23 -8.21 -1.85 11.12
C SER A 23 -7.29 -3.08 10.98
N SER A 24 -7.42 -3.79 9.85
CA SER A 24 -6.65 -5.01 9.53
C SER A 24 -5.28 -4.71 8.91
N PRO A 25 -4.25 -5.56 9.12
CA PRO A 25 -2.90 -5.33 8.59
C PRO A 25 -2.79 -5.46 7.06
N CYS A 26 -3.78 -6.07 6.40
CA CYS A 26 -3.90 -6.10 4.93
C CYS A 26 -4.14 -4.70 4.31
N ASP A 27 -4.54 -3.71 5.11
CA ASP A 27 -4.75 -2.31 4.68
C ASP A 27 -3.73 -1.34 5.32
N GLN A 28 -3.00 -1.76 6.36
CA GLN A 28 -1.93 -0.97 6.99
C GLN A 28 -0.75 -0.68 6.05
N LEU A 29 -0.56 -1.54 5.05
CA LEU A 29 0.42 -1.36 3.97
C LEU A 29 0.22 -0.05 3.17
N GLN A 30 -0.97 0.53 3.23
CA GLN A 30 -1.26 1.83 2.62
C GLN A 30 -0.26 2.90 3.12
N SER A 31 -0.12 2.99 4.45
CA SER A 31 0.81 3.89 5.13
C SER A 31 2.29 3.57 4.86
N PHE A 32 2.63 2.29 4.67
CA PHE A 32 3.97 1.86 4.25
C PHE A 32 4.33 2.40 2.85
N ALA A 33 3.49 2.15 1.84
CA ALA A 33 3.76 2.53 0.47
C ALA A 33 3.68 4.07 0.24
N ASP A 34 2.77 4.74 0.96
CA ASP A 34 2.71 6.21 1.04
C ASP A 34 3.96 6.85 1.68
N GLY A 35 4.77 6.08 2.42
CA GLY A 35 6.03 6.54 3.02
C GLY A 35 5.86 7.24 4.37
N ASP A 36 4.88 6.82 5.18
CA ASP A 36 4.49 7.47 6.45
C ASP A 36 4.30 6.45 7.60
N LEU A 37 5.19 5.44 7.65
CA LEU A 37 5.17 4.36 8.65
C LEU A 37 6.53 4.23 9.36
N PRO A 38 6.57 4.18 10.72
CA PRO A 38 7.83 4.09 11.49
C PRO A 38 8.48 2.69 11.39
N PRO A 39 9.79 2.56 11.64
CA PRO A 39 10.53 1.31 11.44
C PRO A 39 10.10 0.17 12.37
N MET A 40 9.65 0.49 13.59
CA MET A 40 9.17 -0.50 14.57
C MET A 40 7.83 -1.12 14.15
N GLU A 41 6.86 -0.31 13.74
CA GLU A 41 5.56 -0.79 13.24
C GLU A 41 5.71 -1.46 11.86
N ALA A 42 6.64 -1.01 11.03
CA ALA A 42 6.94 -1.62 9.74
C ALA A 42 7.35 -3.11 9.83
N GLN A 43 8.03 -3.52 10.90
CA GLN A 43 8.28 -4.94 11.19
C GLN A 43 7.03 -5.64 11.76
N ALA A 44 6.23 -4.96 12.59
CA ALA A 44 5.03 -5.52 13.23
C ALA A 44 3.93 -5.91 12.22
N PHE A 45 3.53 -5.03 11.30
CA PHE A 45 2.60 -5.39 10.21
C PHE A 45 3.29 -6.24 9.11
N GLY A 46 4.63 -6.15 9.00
CA GLY A 46 5.47 -6.87 8.05
C GLY A 46 5.21 -8.38 8.01
N GLN A 47 4.86 -8.97 9.15
CA GLN A 47 4.49 -10.38 9.30
C GLN A 47 3.31 -10.81 8.39
N HIS A 48 2.34 -9.91 8.16
CA HIS A 48 1.18 -10.12 7.27
C HIS A 48 1.37 -9.53 5.86
N LEU A 49 2.21 -8.51 5.72
CA LEU A 49 2.60 -7.92 4.43
C LEU A 49 3.38 -8.91 3.52
N ALA A 50 3.94 -9.98 4.10
CA ALA A 50 4.42 -11.16 3.39
C ALA A 50 3.44 -11.68 2.32
N ASP A 51 3.97 -12.18 1.19
CA ASP A 51 3.28 -12.53 -0.06
C ASP A 51 1.81 -12.98 0.10
N CYS A 52 0.88 -12.05 -0.18
CA CYS A 52 -0.56 -12.16 0.05
C CYS A 52 -1.29 -11.39 -1.07
N GLU A 53 -2.16 -12.04 -1.84
CA GLU A 53 -2.88 -11.41 -2.97
C GLU A 53 -3.69 -10.19 -2.51
N LYS A 54 -4.43 -10.33 -1.40
CA LYS A 54 -5.21 -9.25 -0.77
C LYS A 54 -4.36 -8.03 -0.40
N CYS A 55 -3.11 -8.25 0.04
CA CYS A 55 -2.14 -7.18 0.28
C CYS A 55 -1.63 -6.57 -1.04
N GLN A 56 -1.22 -7.39 -2.01
CA GLN A 56 -0.65 -6.90 -3.27
C GLN A 56 -1.66 -6.09 -4.11
N VAL A 57 -2.94 -6.48 -4.09
CA VAL A 57 -4.06 -5.72 -4.67
C VAL A 57 -4.18 -4.32 -4.07
N GLU A 58 -4.00 -4.17 -2.75
CA GLU A 58 -3.99 -2.85 -2.11
C GLU A 58 -2.72 -2.06 -2.49
N LEU A 59 -1.55 -2.71 -2.46
CA LEU A 59 -0.26 -2.05 -2.74
C LEU A 59 -0.20 -1.50 -4.17
N THR A 60 -0.54 -2.32 -5.16
CA THR A 60 -0.45 -1.97 -6.60
C THR A 60 -1.42 -0.85 -7.00
N ARG A 61 -2.57 -0.71 -6.33
CA ARG A 61 -3.48 0.45 -6.50
C ARG A 61 -2.77 1.78 -6.23
N LEU A 62 -1.89 1.83 -5.21
CA LEU A 62 -1.13 3.03 -4.88
C LEU A 62 -0.02 3.30 -5.91
N LEU A 63 0.67 2.24 -6.37
CA LEU A 63 1.76 2.37 -7.36
C LEU A 63 1.22 2.82 -8.74
N GLN A 64 0.01 2.36 -9.10
CA GLN A 64 -0.67 2.73 -10.35
C GLN A 64 -0.90 4.25 -10.45
N LEU A 65 -1.53 4.85 -9.44
CA LEU A 65 -1.78 6.30 -9.36
C LEU A 65 -0.52 7.14 -9.05
N ASP A 66 0.54 6.52 -8.53
CA ASP A 66 1.86 7.16 -8.39
C ASP A 66 2.59 7.32 -9.74
N GLN A 67 2.35 6.42 -10.71
CA GLN A 67 2.90 6.52 -12.07
C GLN A 67 2.00 7.36 -13.02
N LEU A 68 0.68 7.14 -12.99
CA LEU A 68 -0.30 7.88 -13.80
C LEU A 68 -0.30 9.37 -13.43
N GLY A 69 -0.08 10.24 -14.43
CA GLY A 69 -0.15 11.70 -14.27
C GLY A 69 1.07 12.32 -13.58
N ARG A 70 2.27 11.76 -13.77
CA ARG A 70 3.54 12.26 -13.20
C ARG A 70 3.69 13.78 -13.34
N GLY A 71 3.82 14.49 -12.22
CA GLY A 71 4.00 15.94 -12.15
C GLY A 71 2.73 16.74 -11.86
N TYR A 72 1.53 16.17 -12.02
CA TYR A 72 0.29 16.79 -11.53
C TYR A 72 0.19 16.76 -9.99
N ILE A 73 -0.63 17.65 -9.44
CA ILE A 73 -0.92 17.74 -8.00
C ILE A 73 -1.67 16.51 -7.47
N GLU A 74 -1.69 16.29 -6.15
CA GLU A 74 -2.47 15.24 -5.48
C GLU A 74 -3.68 15.82 -4.73
N ARG A 75 -4.80 15.09 -4.71
CA ARG A 75 -6.03 15.50 -3.97
C ARG A 75 -5.86 15.43 -2.44
N HIS A 76 -5.16 14.40 -1.94
CA HIS A 76 -4.81 14.25 -0.52
C HIS A 76 -3.80 15.34 -0.09
N GLY A 77 -3.85 15.74 1.18
CA GLY A 77 -3.02 16.84 1.72
C GLY A 77 -2.78 16.73 3.23
N PRO A 78 -3.81 16.87 4.08
CA PRO A 78 -3.68 16.59 5.51
C PRO A 78 -3.48 15.09 5.76
N VAL A 79 -2.71 14.74 6.79
CA VAL A 79 -2.45 13.36 7.22
C VAL A 79 -2.25 13.30 8.74
N ASP A 80 -2.67 12.21 9.34
CA ASP A 80 -2.50 11.89 10.76
C ASP A 80 -2.33 10.37 10.97
N ILE A 81 -1.63 10.01 12.05
CA ILE A 81 -1.35 8.62 12.43
C ILE A 81 -1.71 8.42 13.92
N PRO A 82 -2.08 7.19 14.34
CA PRO A 82 -2.36 6.90 15.74
C PRO A 82 -1.09 6.97 16.59
N TRP A 83 -1.27 7.33 17.87
CA TRP A 83 -0.19 7.45 18.86
C TRP A 83 -0.42 6.50 20.06
N HIS A 84 -1.69 6.27 20.45
CA HIS A 84 -2.07 5.36 21.53
C HIS A 84 -1.95 3.87 21.14
N ALA A 85 -2.19 3.53 19.86
CA ALA A 85 -1.93 2.20 19.31
C ALA A 85 -0.42 1.93 19.22
N LEU A 86 0.09 1.13 20.16
CA LEU A 86 1.49 0.71 20.31
C LEU A 86 1.55 -0.81 20.53
N PRO A 87 1.21 -1.63 19.51
CA PRO A 87 1.23 -3.09 19.59
C PRO A 87 2.67 -3.63 19.68
N ARG A 88 3.19 -3.78 20.90
CA ARG A 88 4.51 -4.38 21.22
C ARG A 88 4.53 -5.90 21.00
N ASN A 89 4.34 -6.31 19.75
CA ASN A 89 4.47 -7.70 19.30
C ASN A 89 5.89 -8.27 19.51
N ARG A 90 6.04 -9.60 19.34
CA ARG A 90 7.32 -10.33 19.50
C ARG A 90 7.40 -11.48 18.48
N LEU A 13 9.80 12.96 24.60
CA LEU A 13 8.75 11.92 24.71
C LEU A 13 7.39 12.59 24.90
N VAL A 14 6.45 12.40 23.96
CA VAL A 14 5.09 12.97 24.02
C VAL A 14 4.09 12.06 23.26
N PRO A 15 2.87 11.79 23.81
CA PRO A 15 1.86 10.93 23.18
C PRO A 15 1.12 11.63 22.01
N ARG A 16 1.83 11.88 20.90
CA ARG A 16 1.28 12.57 19.71
C ARG A 16 0.34 11.69 18.87
N GLY A 17 0.70 10.41 18.67
CA GLY A 17 -0.13 9.45 17.93
C GLY A 17 -1.28 8.92 18.78
N SER A 18 -2.47 8.77 18.18
CA SER A 18 -3.65 8.15 18.80
C SER A 18 -3.56 6.62 18.83
N HIS A 19 -4.56 5.95 19.39
CA HIS A 19 -4.72 4.47 19.36
C HIS A 19 -4.74 3.92 17.93
N MET A 20 -4.38 2.64 17.77
CA MET A 20 -4.39 1.93 16.48
C MET A 20 -5.77 1.94 15.81
N MET A 21 -5.79 2.04 14.46
CA MET A 21 -7.01 1.99 13.65
C MET A 21 -7.62 0.58 13.67
N SER A 22 -8.95 0.48 13.70
CA SER A 22 -9.73 -0.77 13.60
C SER A 22 -9.80 -1.32 12.16
N SER A 23 -8.65 -1.58 11.55
CA SER A 23 -8.51 -2.09 10.17
C SER A 23 -7.51 -3.26 10.08
N SER A 24 -7.78 -4.20 9.18
CA SER A 24 -6.96 -5.40 8.94
C SER A 24 -5.60 -5.07 8.32
N PRO A 25 -4.54 -5.90 8.54
CA PRO A 25 -3.18 -5.61 8.10
C PRO A 25 -3.00 -5.69 6.57
N CYS A 26 -3.92 -6.33 5.86
CA CYS A 26 -3.99 -6.29 4.38
C CYS A 26 -4.30 -4.88 3.83
N ASP A 27 -4.83 -3.98 4.67
CA ASP A 27 -5.17 -2.59 4.33
C ASP A 27 -4.18 -1.59 4.96
N GLN A 28 -3.41 -1.98 5.97
CA GLN A 28 -2.39 -1.13 6.61
C GLN A 28 -1.19 -0.85 5.68
N LEU A 29 -0.97 -1.69 4.67
CA LEU A 29 0.08 -1.50 3.67
C LEU A 29 -0.10 -0.21 2.85
N GLN A 30 -1.33 0.31 2.84
CA GLN A 30 -1.69 1.56 2.17
C GLN A 30 -0.82 2.72 2.71
N SER A 31 -0.75 2.83 4.04
CA SER A 31 0.06 3.81 4.77
C SER A 31 1.57 3.56 4.69
N PHE A 32 1.99 2.30 4.51
CA PHE A 32 3.39 1.94 4.28
C PHE A 32 3.89 2.48 2.93
N ALA A 33 3.18 2.19 1.83
CA ALA A 33 3.60 2.63 0.50
C ALA A 33 3.47 4.15 0.29
N ASP A 34 2.49 4.79 0.95
CA ASP A 34 2.38 6.26 1.06
C ASP A 34 3.55 6.92 1.80
N GLY A 35 4.33 6.16 2.59
CA GLY A 35 5.47 6.67 3.37
C GLY A 35 5.08 7.39 4.66
N ASP A 36 3.93 7.06 5.25
CA ASP A 36 3.37 7.70 6.46
C ASP A 36 3.38 6.79 7.70
N LEU A 37 3.36 5.47 7.52
CA LEU A 37 3.50 4.47 8.59
C LEU A 37 4.88 4.58 9.28
N PRO A 38 4.95 4.61 10.64
CA PRO A 38 6.22 4.64 11.36
C PRO A 38 6.94 3.27 11.34
N PRO A 39 8.28 3.23 11.57
CA PRO A 39 9.07 2.00 11.43
C PRO A 39 8.71 0.90 12.43
N MET A 40 8.20 1.25 13.62
CA MET A 40 7.78 0.28 14.64
C MET A 40 6.54 -0.52 14.20
N GLU A 41 5.50 0.17 13.72
CA GLU A 41 4.30 -0.48 13.17
C GLU A 41 4.59 -1.19 11.83
N ALA A 42 5.63 -0.79 11.09
CA ALA A 42 6.06 -1.45 9.88
C ALA A 42 6.45 -2.94 10.09
N GLN A 43 6.99 -3.29 11.26
CA GLN A 43 7.24 -4.68 11.64
C GLN A 43 5.96 -5.41 12.09
N ALA A 44 5.00 -4.70 12.71
CA ALA A 44 3.77 -5.27 13.24
C ALA A 44 2.82 -5.80 12.14
N PHE A 45 2.67 -5.06 11.02
CA PHE A 45 1.93 -5.54 9.84
C PHE A 45 2.81 -6.34 8.85
N GLY A 46 4.13 -6.17 8.93
CA GLY A 46 5.14 -6.83 8.07
C GLY A 46 4.99 -8.36 7.98
N GLN A 47 4.57 -8.99 9.08
CA GLN A 47 4.27 -10.43 9.16
C GLN A 47 3.13 -10.90 8.23
N HIS A 48 2.16 -10.01 7.92
CA HIS A 48 1.07 -10.26 6.96
C HIS A 48 1.41 -9.77 5.55
N LEU A 49 2.38 -8.85 5.42
CA LEU A 49 2.96 -8.41 4.14
C LEU A 49 3.73 -9.53 3.38
N ALA A 50 3.91 -10.71 3.99
CA ALA A 50 4.28 -11.96 3.30
C ALA A 50 3.40 -12.25 2.06
N ASP A 51 3.83 -13.17 1.20
CA ASP A 51 3.18 -13.52 -0.08
C ASP A 51 1.65 -13.69 0.02
N CYS A 52 0.91 -12.69 -0.45
CA CYS A 52 -0.53 -12.54 -0.32
C CYS A 52 -1.05 -11.72 -1.51
N GLU A 53 -1.79 -12.35 -2.43
CA GLU A 53 -2.35 -11.68 -3.62
C GLU A 53 -3.20 -10.44 -3.26
N LYS A 54 -4.00 -10.52 -2.20
CA LYS A 54 -4.83 -9.41 -1.69
C LYS A 54 -3.96 -8.22 -1.23
N CYS A 55 -2.79 -8.47 -0.63
CA CYS A 55 -1.81 -7.42 -0.31
C CYS A 55 -1.17 -6.83 -1.56
N GLN A 56 -0.68 -7.67 -2.50
CA GLN A 56 0.00 -7.22 -3.71
C GLN A 56 -0.89 -6.36 -4.62
N VAL A 57 -2.17 -6.75 -4.78
CA VAL A 57 -3.19 -5.97 -5.50
C VAL A 57 -3.42 -4.61 -4.85
N GLU A 58 -3.45 -4.52 -3.51
CA GLU A 58 -3.63 -3.26 -2.80
C GLU A 58 -2.39 -2.34 -2.88
N LEU A 59 -1.18 -2.92 -2.88
CA LEU A 59 0.09 -2.19 -2.99
C LEU A 59 0.26 -1.60 -4.41
N THR A 60 0.12 -2.42 -5.45
CA THR A 60 0.29 -1.97 -6.85
C THR A 60 -0.71 -0.89 -7.27
N ARG A 61 -1.91 -0.87 -6.66
CA ARG A 61 -2.91 0.21 -6.83
C ARG A 61 -2.34 1.59 -6.50
N LEU A 62 -1.44 1.67 -5.52
CA LEU A 62 -0.76 2.91 -5.14
C LEU A 62 0.43 3.20 -6.07
N LEU A 63 1.24 2.19 -6.40
CA LEU A 63 2.38 2.36 -7.31
C LEU A 63 1.97 2.82 -8.72
N GLN A 64 0.75 2.45 -9.15
CA GLN A 64 0.15 2.88 -10.41
C GLN A 64 0.10 4.42 -10.59
N LEU A 65 0.02 5.16 -9.49
CA LEU A 65 -0.13 6.63 -9.47
C LEU A 65 0.98 7.37 -8.68
N ASP A 66 1.69 6.67 -7.78
CA ASP A 66 2.86 7.19 -7.06
C ASP A 66 4.20 6.94 -7.81
N GLN A 67 4.28 5.85 -8.59
CA GLN A 67 5.44 5.43 -9.38
C GLN A 67 5.05 5.23 -10.86
N LEU A 68 4.08 6.04 -11.33
CA LEU A 68 3.61 6.06 -12.72
C LEU A 68 4.76 6.23 -13.74
N GLY A 69 4.64 5.56 -14.90
CA GLY A 69 5.66 5.57 -15.97
C GLY A 69 5.97 4.22 -16.63
N ARG A 70 5.09 3.22 -16.49
CA ARG A 70 5.25 1.88 -17.10
C ARG A 70 5.51 1.94 -18.61
N GLY A 71 6.27 0.98 -19.14
CA GLY A 71 6.61 0.87 -20.56
C GLY A 71 7.84 1.67 -21.01
N TYR A 72 8.36 2.57 -20.17
CA TYR A 72 9.63 3.28 -20.40
C TYR A 72 10.82 2.29 -20.40
N ILE A 73 11.84 2.55 -21.24
CA ILE A 73 13.04 1.71 -21.35
C ILE A 73 14.02 1.99 -20.22
N GLU A 74 14.30 0.96 -19.42
CA GLU A 74 15.30 1.00 -18.34
C GLU A 74 15.74 -0.42 -17.90
N ARG A 75 16.85 -0.50 -17.14
CA ARG A 75 17.39 -1.76 -16.59
C ARG A 75 16.48 -2.41 -15.53
N HIS A 76 15.66 -1.60 -14.84
CA HIS A 76 14.64 -2.06 -13.88
C HIS A 76 13.58 -2.92 -14.60
N GLY A 77 13.52 -4.21 -14.26
CA GLY A 77 12.67 -5.20 -14.93
C GLY A 77 12.90 -6.63 -14.40
N PRO A 78 12.35 -7.66 -15.06
CA PRO A 78 12.58 -9.06 -14.72
C PRO A 78 14.04 -9.49 -14.97
N VAL A 79 14.38 -10.69 -14.49
CA VAL A 79 15.71 -11.32 -14.62
C VAL A 79 15.58 -12.77 -15.09
N ASP A 80 16.58 -13.27 -15.81
CA ASP A 80 16.62 -14.62 -16.38
C ASP A 80 17.68 -15.48 -15.69
N ILE A 81 17.46 -16.81 -15.65
CA ILE A 81 18.31 -17.78 -14.95
C ILE A 81 19.13 -18.65 -15.92
N PRO A 82 20.31 -19.17 -15.51
CA PRO A 82 21.12 -20.05 -16.34
C PRO A 82 20.43 -21.40 -16.60
N TRP A 83 20.95 -22.15 -17.59
CA TRP A 83 20.49 -23.51 -17.92
C TRP A 83 20.65 -24.49 -16.74
N HIS A 84 19.94 -25.63 -16.80
CA HIS A 84 20.03 -26.74 -15.81
C HIS A 84 21.34 -27.56 -15.89
N ALA A 85 22.42 -26.97 -16.42
CA ALA A 85 23.76 -27.57 -16.46
C ALA A 85 24.25 -27.96 -15.06
N LEU A 86 24.93 -29.12 -14.96
CA LEU A 86 25.42 -29.71 -13.71
C LEU A 86 26.87 -30.21 -13.88
N PRO A 87 27.85 -29.29 -14.06
CA PRO A 87 29.26 -29.65 -14.18
C PRO A 87 29.83 -30.16 -12.85
N ARG A 88 30.96 -30.89 -12.91
CA ARG A 88 31.73 -31.46 -11.79
C ARG A 88 32.45 -30.43 -10.88
N ASN A 89 31.79 -29.30 -10.61
CA ASN A 89 32.22 -28.22 -9.71
C ASN A 89 32.43 -28.66 -8.25
N ARG A 90 33.01 -27.78 -7.42
CA ARG A 90 33.31 -27.98 -6.00
C ARG A 90 32.71 -26.87 -5.12
N LEU A 13 -11.35 -4.59 33.47
CA LEU A 13 -10.39 -5.26 32.55
C LEU A 13 -9.93 -4.31 31.43
N VAL A 14 -10.80 -3.97 30.47
CA VAL A 14 -10.49 -3.09 29.32
C VAL A 14 -11.53 -1.97 29.16
N PRO A 15 -11.16 -0.81 28.55
CA PRO A 15 -12.11 0.27 28.27
C PRO A 15 -13.18 -0.16 27.26
N ARG A 16 -14.41 0.34 27.44
CA ARG A 16 -15.57 0.14 26.54
C ARG A 16 -16.48 1.38 26.54
N GLY A 17 -17.22 1.56 25.45
CA GLY A 17 -18.20 2.66 25.29
C GLY A 17 -18.44 3.08 23.84
N SER A 18 -17.43 2.94 22.98
CA SER A 18 -17.48 3.30 21.54
C SER A 18 -16.84 2.22 20.68
N HIS A 19 -17.39 2.01 19.47
CA HIS A 19 -16.87 1.05 18.48
C HIS A 19 -15.50 1.46 17.90
N MET A 20 -14.88 0.54 17.16
CA MET A 20 -13.60 0.71 16.45
C MET A 20 -13.69 0.18 15.01
N MET A 21 -12.93 0.79 14.10
CA MET A 21 -12.76 0.30 12.72
C MET A 21 -11.85 -0.93 12.65
N SER A 22 -11.96 -1.70 11.56
CA SER A 22 -11.22 -2.97 11.35
C SER A 22 -9.69 -2.81 11.41
N SER A 23 -9.16 -1.74 10.81
CA SER A 23 -7.73 -1.35 10.76
C SER A 23 -6.75 -2.51 10.44
N SER A 24 -7.17 -3.44 9.59
CA SER A 24 -6.46 -4.69 9.26
C SER A 24 -5.09 -4.45 8.60
N PRO A 25 -4.08 -5.33 8.82
CA PRO A 25 -2.73 -5.15 8.29
C PRO A 25 -2.64 -5.25 6.75
N CYS A 26 -3.64 -5.86 6.11
CA CYS A 26 -3.80 -5.87 4.65
C CYS A 26 -4.06 -4.46 4.04
N ASP A 27 -4.40 -3.47 4.87
CA ASP A 27 -4.62 -2.07 4.48
C ASP A 27 -3.63 -1.09 5.18
N GLN A 28 -2.91 -1.54 6.22
CA GLN A 28 -1.81 -0.78 6.83
C GLN A 28 -0.66 -0.53 5.85
N LEU A 29 -0.47 -1.44 4.88
CA LEU A 29 0.53 -1.34 3.82
C LEU A 29 0.33 -0.11 2.92
N GLN A 30 -0.88 0.44 2.88
CA GLN A 30 -1.19 1.67 2.16
C GLN A 30 -0.31 2.83 2.68
N SER A 31 -0.12 2.93 3.99
CA SER A 31 0.78 3.90 4.63
C SER A 31 2.27 3.56 4.45
N PHE A 32 2.63 2.27 4.30
CA PHE A 32 4.01 1.84 4.05
C PHE A 32 4.54 2.36 2.70
N ALA A 33 3.83 2.05 1.60
CA ALA A 33 4.24 2.47 0.26
C ALA A 33 4.15 3.99 0.05
N ASP A 34 3.18 4.67 0.70
CA ASP A 34 3.07 6.13 0.68
C ASP A 34 4.13 6.85 1.54
N GLY A 35 4.83 6.12 2.44
CA GLY A 35 5.94 6.63 3.24
C GLY A 35 5.54 7.26 4.58
N ASP A 36 4.34 6.96 5.09
CA ASP A 36 3.74 7.56 6.29
C ASP A 36 3.73 6.61 7.51
N LEU A 37 3.86 5.29 7.31
CA LEU A 37 3.93 4.29 8.38
C LEU A 37 5.24 4.43 9.20
N PRO A 38 5.20 4.42 10.56
CA PRO A 38 6.40 4.48 11.40
C PRO A 38 7.20 3.16 11.37
N PRO A 39 8.52 3.19 11.65
CA PRO A 39 9.40 2.03 11.50
C PRO A 39 9.11 0.89 12.49
N MET A 40 8.62 1.20 13.70
CA MET A 40 8.22 0.20 14.68
C MET A 40 7.00 -0.64 14.23
N GLU A 41 6.04 0.00 13.57
CA GLU A 41 4.84 -0.66 13.02
C GLU A 41 5.17 -1.39 11.70
N ALA A 42 6.20 -0.92 10.97
CA ALA A 42 6.67 -1.52 9.72
C ALA A 42 7.13 -2.99 9.87
N GLN A 43 7.67 -3.37 11.03
CA GLN A 43 7.94 -4.78 11.36
C GLN A 43 6.67 -5.54 11.77
N ALA A 44 5.76 -4.90 12.52
CA ALA A 44 4.54 -5.51 13.03
C ALA A 44 3.55 -5.95 11.94
N PHE A 45 3.24 -5.06 10.97
CA PHE A 45 2.44 -5.43 9.79
C PHE A 45 3.23 -6.28 8.78
N GLY A 46 4.57 -6.19 8.80
CA GLY A 46 5.50 -6.91 7.93
C GLY A 46 5.29 -8.42 7.89
N GLN A 47 4.85 -9.01 9.02
CA GLN A 47 4.48 -10.43 9.13
C GLN A 47 3.33 -10.82 8.19
N HIS A 48 2.32 -9.94 8.04
CA HIS A 48 1.17 -10.13 7.13
C HIS A 48 1.47 -9.67 5.69
N LEU A 49 2.48 -8.82 5.49
CA LEU A 49 2.99 -8.44 4.16
C LEU A 49 3.67 -9.60 3.39
N ALA A 50 3.80 -10.78 4.02
CA ALA A 50 4.06 -12.04 3.32
C ALA A 50 3.08 -12.30 2.15
N ASP A 51 3.42 -13.24 1.27
CA ASP A 51 2.66 -13.60 0.04
C ASP A 51 1.14 -13.69 0.25
N CYS A 52 0.42 -12.67 -0.22
CA CYS A 52 -1.00 -12.43 -0.02
C CYS A 52 -1.56 -11.59 -1.18
N GLU A 53 -2.48 -12.13 -1.98
CA GLU A 53 -3.04 -11.44 -3.15
C GLU A 53 -3.73 -10.12 -2.76
N LYS A 54 -4.53 -10.13 -1.68
CA LYS A 54 -5.21 -8.97 -1.11
C LYS A 54 -4.23 -7.84 -0.71
N CYS A 55 -3.03 -8.20 -0.22
CA CYS A 55 -1.97 -7.22 0.05
C CYS A 55 -1.39 -6.63 -1.25
N GLN A 56 -1.04 -7.47 -2.22
CA GLN A 56 -0.47 -7.01 -3.50
C GLN A 56 -1.43 -6.12 -4.29
N VAL A 57 -2.73 -6.39 -4.26
CA VAL A 57 -3.79 -5.54 -4.83
C VAL A 57 -3.78 -4.14 -4.21
N GLU A 58 -3.68 -4.03 -2.88
CA GLU A 58 -3.63 -2.73 -2.21
C GLU A 58 -2.31 -1.97 -2.47
N LEU A 59 -1.19 -2.69 -2.59
CA LEU A 59 0.12 -2.09 -2.86
C LEU A 59 0.20 -1.55 -4.31
N THR A 60 -0.10 -2.40 -5.30
CA THR A 60 0.01 -2.04 -6.74
C THR A 60 -0.92 -0.89 -7.14
N ARG A 61 -2.07 -0.74 -6.48
CA ARG A 61 -2.98 0.42 -6.61
C ARG A 61 -2.27 1.75 -6.38
N LEU A 62 -1.34 1.80 -5.41
CA LEU A 62 -0.56 3.01 -5.12
C LEU A 62 0.53 3.22 -6.17
N LEU A 63 1.23 2.14 -6.56
CA LEU A 63 2.32 2.21 -7.55
C LEU A 63 1.80 2.65 -8.92
N GLN A 64 0.58 2.26 -9.28
CA GLN A 64 -0.09 2.64 -10.52
C GLN A 64 -0.29 4.16 -10.62
N LEU A 65 -0.96 4.77 -9.64
CA LEU A 65 -1.17 6.22 -9.60
C LEU A 65 0.11 7.03 -9.34
N ASP A 66 1.13 6.43 -8.72
CA ASP A 66 2.49 6.99 -8.61
C ASP A 66 3.20 7.03 -9.98
N GLN A 67 3.03 6.00 -10.81
CA GLN A 67 3.62 5.92 -12.16
C GLN A 67 3.03 6.95 -13.14
N LEU A 68 1.72 7.19 -13.07
CA LEU A 68 0.98 8.13 -13.93
C LEU A 68 1.15 9.59 -13.47
N GLY A 69 2.16 10.28 -14.03
CA GLY A 69 2.33 11.74 -13.91
C GLY A 69 3.60 12.25 -14.57
N ARG A 70 3.58 13.52 -15.03
CA ARG A 70 4.79 14.23 -15.52
C ARG A 70 5.69 14.69 -14.37
N GLY A 71 6.96 14.95 -14.67
CA GLY A 71 7.96 15.45 -13.71
C GLY A 71 8.83 14.36 -13.05
N TYR A 72 8.45 13.08 -13.18
CA TYR A 72 9.29 11.93 -12.78
C TYR A 72 10.54 11.80 -13.66
N ILE A 73 11.58 11.12 -13.15
CA ILE A 73 12.84 10.89 -13.88
C ILE A 73 12.61 10.14 -15.19
N GLU A 74 13.35 10.55 -16.23
CA GLU A 74 13.16 10.05 -17.58
C GLU A 74 13.44 8.54 -17.69
N ARG A 75 12.62 7.85 -18.48
CA ARG A 75 12.72 6.40 -18.80
C ARG A 75 13.79 6.10 -19.86
N HIS A 76 14.93 6.80 -19.78
CA HIS A 76 16.13 6.52 -20.58
C HIS A 76 16.61 5.07 -20.35
N GLY A 77 17.26 4.47 -21.37
CA GLY A 77 17.78 3.10 -21.31
C GLY A 77 18.61 2.82 -20.04
N PRO A 78 18.14 2.00 -19.09
CA PRO A 78 18.87 1.74 -17.85
C PRO A 78 20.14 0.92 -18.10
N VAL A 79 21.14 1.11 -17.23
CA VAL A 79 22.39 0.33 -17.27
C VAL A 79 22.11 -1.13 -16.91
N ASP A 80 22.66 -2.06 -17.70
CA ASP A 80 22.50 -3.51 -17.59
C ASP A 80 23.81 -4.23 -17.95
N ILE A 81 23.82 -5.56 -17.86
CA ILE A 81 24.95 -6.42 -18.25
C ILE A 81 25.42 -6.19 -19.71
N PRO A 82 26.71 -6.41 -20.02
CA PRO A 82 27.26 -6.27 -21.37
C PRO A 82 26.75 -7.36 -22.33
N TRP A 83 26.91 -7.11 -23.64
CA TRP A 83 26.48 -8.01 -24.74
C TRP A 83 27.64 -8.45 -25.65
N HIS A 84 28.65 -7.60 -25.87
CA HIS A 84 29.88 -7.95 -26.61
C HIS A 84 30.80 -8.89 -25.82
N ALA A 85 30.75 -8.82 -24.48
CA ALA A 85 31.48 -9.68 -23.56
C ALA A 85 30.87 -11.10 -23.47
N LEU A 86 31.42 -11.93 -22.58
CA LEU A 86 31.04 -13.32 -22.36
C LEU A 86 30.93 -13.64 -20.85
N PRO A 87 30.10 -14.64 -20.46
CA PRO A 87 29.94 -15.06 -19.06
C PRO A 87 31.21 -15.73 -18.49
N ARG A 88 31.17 -16.06 -17.19
CA ARG A 88 32.25 -16.70 -16.43
C ARG A 88 31.76 -17.92 -15.65
N ASN A 89 32.70 -18.80 -15.26
CA ASN A 89 32.41 -20.07 -14.58
C ASN A 89 32.04 -19.92 -13.09
N ARG A 90 32.34 -18.76 -12.48
CA ARG A 90 32.11 -18.44 -11.05
C ARG A 90 30.85 -17.57 -10.84
N LEU A 13 -2.04 12.84 27.30
CA LEU A 13 -2.70 12.77 25.96
C LEU A 13 -3.02 11.33 25.53
N VAL A 14 -2.02 10.46 25.34
CA VAL A 14 -2.20 9.06 24.89
C VAL A 14 -2.82 8.18 26.00
N PRO A 15 -3.80 7.31 25.71
CA PRO A 15 -4.32 6.34 26.69
C PRO A 15 -3.29 5.25 27.02
N ARG A 16 -3.35 4.70 28.24
CA ARG A 16 -2.41 3.65 28.70
C ARG A 16 -2.63 2.32 27.96
N GLY A 17 -1.54 1.66 27.60
CA GLY A 17 -1.51 0.43 26.81
C GLY A 17 -1.62 0.69 25.30
N SER A 18 -1.07 -0.21 24.47
CA SER A 18 -1.16 -0.11 23.01
C SER A 18 -2.60 -0.36 22.53
N HIS A 19 -3.13 0.53 21.68
CA HIS A 19 -4.48 0.45 21.10
C HIS A 19 -4.43 0.86 19.61
N MET A 20 -4.39 -0.16 18.75
CA MET A 20 -4.13 -0.06 17.30
C MET A 20 -5.18 -0.79 16.45
N MET A 21 -6.41 -0.87 16.98
CA MET A 21 -7.51 -1.67 16.42
C MET A 21 -8.47 -0.77 15.62
N SER A 22 -8.16 -0.57 14.33
CA SER A 22 -8.91 0.33 13.43
C SER A 22 -9.29 -0.37 12.10
N SER A 23 -8.37 -1.12 11.48
CA SER A 23 -8.62 -1.91 10.27
C SER A 23 -7.58 -3.04 10.07
N SER A 24 -7.83 -3.94 9.13
CA SER A 24 -6.99 -5.12 8.85
C SER A 24 -5.59 -4.78 8.27
N PRO A 25 -4.56 -5.62 8.51
CA PRO A 25 -3.20 -5.37 8.02
C PRO A 25 -3.05 -5.46 6.49
N CYS A 26 -4.01 -6.08 5.79
CA CYS A 26 -4.06 -6.15 4.33
C CYS A 26 -4.29 -4.79 3.62
N ASP A 27 -4.73 -3.76 4.36
CA ASP A 27 -4.85 -2.39 3.87
C ASP A 27 -4.04 -1.36 4.68
N GLN A 28 -3.38 -1.78 5.78
CA GLN A 28 -2.35 -0.99 6.47
C GLN A 28 -1.17 -0.66 5.55
N LEU A 29 -0.86 -1.55 4.62
CA LEU A 29 0.19 -1.37 3.60
C LEU A 29 0.02 -0.12 2.73
N GLN A 30 -1.20 0.44 2.68
CA GLN A 30 -1.48 1.70 2.02
C GLN A 30 -0.58 2.82 2.54
N SER A 31 -0.47 2.92 3.87
CA SER A 31 0.40 3.88 4.55
C SER A 31 1.89 3.63 4.35
N PHE A 32 2.31 2.35 4.20
CA PHE A 32 3.70 1.99 3.90
C PHE A 32 4.14 2.55 2.54
N ALA A 33 3.38 2.26 1.47
CA ALA A 33 3.71 2.75 0.12
C ALA A 33 3.52 4.27 -0.04
N ASP A 34 2.53 4.86 0.65
CA ASP A 34 2.38 6.33 0.75
C ASP A 34 3.48 7.03 1.59
N GLY A 35 4.29 6.29 2.35
CA GLY A 35 5.39 6.84 3.15
C GLY A 35 4.96 7.50 4.48
N ASP A 36 3.89 7.00 5.09
CA ASP A 36 3.20 7.57 6.26
C ASP A 36 2.99 6.52 7.39
N LEU A 37 3.91 5.58 7.55
CA LEU A 37 3.85 4.48 8.54
C LEU A 37 5.12 4.43 9.42
N PRO A 38 5.01 4.47 10.76
CA PRO A 38 6.16 4.48 11.67
C PRO A 38 6.84 3.11 11.80
N PRO A 39 8.13 3.04 12.23
CA PRO A 39 8.92 1.80 12.22
C PRO A 39 8.38 0.71 13.14
N MET A 40 7.83 1.09 14.29
CA MET A 40 7.20 0.18 15.27
C MET A 40 5.97 -0.56 14.70
N GLU A 41 5.16 0.12 13.87
CA GLU A 41 4.01 -0.48 13.20
C GLU A 41 4.39 -1.17 11.88
N ALA A 42 5.44 -0.69 11.20
CA ALA A 42 5.96 -1.29 9.97
C ALA A 42 6.41 -2.75 10.14
N GLN A 43 6.94 -3.11 11.31
CA GLN A 43 7.23 -4.52 11.66
C GLN A 43 5.95 -5.30 12.00
N ALA A 44 4.98 -4.68 12.70
CA ALA A 44 3.74 -5.33 13.15
C ALA A 44 2.86 -5.82 11.98
N PHE A 45 2.58 -4.96 10.99
CA PHE A 45 1.87 -5.38 9.76
C PHE A 45 2.76 -6.17 8.78
N GLY A 46 4.09 -6.00 8.87
CA GLY A 46 5.10 -6.65 8.03
C GLY A 46 4.98 -8.18 7.96
N GLN A 47 4.53 -8.80 9.05
CA GLN A 47 4.26 -10.24 9.14
C GLN A 47 3.13 -10.70 8.18
N HIS A 48 2.11 -9.86 7.96
CA HIS A 48 1.03 -10.10 6.99
C HIS A 48 1.36 -9.61 5.57
N LEU A 49 2.31 -8.69 5.42
CA LEU A 49 2.89 -8.27 4.13
C LEU A 49 3.68 -9.39 3.39
N ALA A 50 3.84 -10.57 4.02
CA ALA A 50 4.21 -11.81 3.33
C ALA A 50 3.30 -12.13 2.11
N ASP A 51 3.73 -13.05 1.26
CA ASP A 51 3.09 -13.42 -0.03
C ASP A 51 1.56 -13.60 0.06
N CYS A 52 0.82 -12.58 -0.40
CA CYS A 52 -0.64 -12.45 -0.28
C CYS A 52 -1.17 -11.63 -1.47
N GLU A 53 -2.01 -12.23 -2.32
CA GLU A 53 -2.57 -11.54 -3.51
C GLU A 53 -3.35 -10.28 -3.13
N LYS A 54 -4.18 -10.34 -2.08
CA LYS A 54 -4.95 -9.20 -1.58
C LYS A 54 -4.06 -8.03 -1.11
N CYS A 55 -2.88 -8.32 -0.56
CA CYS A 55 -1.88 -7.30 -0.25
C CYS A 55 -1.25 -6.70 -1.53
N GLN A 56 -0.82 -7.55 -2.47
CA GLN A 56 -0.19 -7.08 -3.72
C GLN A 56 -1.15 -6.26 -4.60
N VAL A 57 -2.44 -6.60 -4.65
CA VAL A 57 -3.49 -5.81 -5.32
C VAL A 57 -3.59 -4.40 -4.72
N GLU A 58 -3.59 -4.27 -3.39
CA GLU A 58 -3.61 -2.95 -2.74
C GLU A 58 -2.30 -2.18 -2.98
N LEU A 59 -1.14 -2.85 -2.94
CA LEU A 59 0.16 -2.18 -3.12
C LEU A 59 0.29 -1.64 -4.55
N THR A 60 0.06 -2.48 -5.56
CA THR A 60 0.21 -2.11 -6.98
C THR A 60 -0.77 -1.03 -7.43
N ARG A 61 -1.96 -0.92 -6.82
CA ARG A 61 -2.88 0.22 -6.99
C ARG A 61 -2.23 1.58 -6.73
N LEU A 62 -1.30 1.66 -5.77
CA LEU A 62 -0.55 2.88 -5.47
C LEU A 62 0.62 3.05 -6.44
N LEU A 63 1.40 1.98 -6.67
CA LEU A 63 2.52 1.97 -7.61
C LEU A 63 2.08 2.31 -9.05
N GLN A 64 0.82 2.05 -9.41
CA GLN A 64 0.24 2.36 -10.72
C GLN A 64 0.41 3.84 -11.13
N LEU A 65 0.48 4.75 -10.13
CA LEU A 65 0.69 6.19 -10.31
C LEU A 65 1.90 6.74 -9.53
N ASP A 66 2.40 6.04 -8.51
CA ASP A 66 3.57 6.44 -7.73
C ASP A 66 4.92 6.04 -8.35
N GLN A 67 4.92 5.12 -9.34
CA GLN A 67 6.11 4.81 -10.16
C GLN A 67 6.55 5.97 -11.08
N LEU A 68 5.66 6.91 -11.42
CA LEU A 68 5.98 8.08 -12.22
C LEU A 68 6.97 9.00 -11.49
N GLY A 69 7.90 9.61 -12.23
CA GLY A 69 9.04 10.37 -11.67
C GLY A 69 8.61 11.58 -10.84
N ARG A 70 7.74 12.45 -11.39
CA ARG A 70 7.10 13.55 -10.66
C ARG A 70 5.95 13.04 -9.78
N GLY A 71 5.76 13.67 -8.62
CA GLY A 71 4.70 13.34 -7.64
C GLY A 71 5.14 12.38 -6.52
N TYR A 72 6.29 11.72 -6.66
CA TYR A 72 6.90 10.87 -5.62
C TYR A 72 7.26 11.64 -4.32
N ILE A 73 7.41 10.89 -3.22
CA ILE A 73 7.64 11.41 -1.85
C ILE A 73 8.63 10.54 -1.06
N GLU A 74 9.50 9.79 -1.74
CA GLU A 74 10.43 8.81 -1.15
C GLU A 74 11.88 8.95 -1.67
N ARG A 75 12.83 8.19 -1.09
CA ARG A 75 14.27 8.25 -1.41
C ARG A 75 14.95 6.88 -1.58
N HIS A 76 14.47 5.83 -0.90
CA HIS A 76 14.91 4.44 -1.05
C HIS A 76 13.93 3.68 -1.95
N GLY A 77 14.40 3.26 -3.12
CA GLY A 77 13.64 2.43 -4.06
C GLY A 77 13.59 0.94 -3.66
N PRO A 78 12.91 0.09 -4.44
CA PRO A 78 12.92 -1.37 -4.26
C PRO A 78 14.30 -1.98 -4.57
N VAL A 79 14.47 -3.27 -4.23
CA VAL A 79 15.70 -4.04 -4.46
C VAL A 79 15.37 -5.46 -4.92
N ASP A 80 16.25 -6.04 -5.73
CA ASP A 80 16.13 -7.38 -6.33
C ASP A 80 17.50 -8.05 -6.50
N ILE A 81 17.49 -9.37 -6.72
CA ILE A 81 18.72 -10.17 -6.96
C ILE A 81 19.47 -9.71 -8.23
N PRO A 82 20.80 -9.90 -8.31
CA PRO A 82 21.57 -9.60 -9.52
C PRO A 82 21.20 -10.56 -10.69
N TRP A 83 21.46 -10.12 -11.91
CA TRP A 83 21.16 -10.84 -13.16
C TRP A 83 22.43 -11.06 -14.02
N HIS A 84 23.54 -11.40 -13.34
CA HIS A 84 24.84 -11.72 -13.95
C HIS A 84 25.26 -13.19 -13.76
N ALA A 85 24.90 -13.82 -12.63
CA ALA A 85 25.07 -15.26 -12.40
C ALA A 85 23.92 -16.08 -13.03
N LEU A 86 24.20 -17.33 -13.38
CA LEU A 86 23.23 -18.29 -13.92
C LEU A 86 23.61 -19.73 -13.49
N PRO A 87 23.44 -20.08 -12.19
CA PRO A 87 23.73 -21.42 -11.68
C PRO A 87 22.71 -22.47 -12.17
N ARG A 88 23.00 -23.75 -11.94
CA ARG A 88 22.08 -24.87 -12.23
C ARG A 88 20.79 -24.80 -11.40
N ASN A 89 19.76 -25.54 -11.85
CA ASN A 89 18.44 -25.66 -11.22
C ASN A 89 18.19 -27.08 -10.69
N ARG A 90 17.14 -27.25 -9.87
CA ARG A 90 16.64 -28.54 -9.36
C ARG A 90 15.60 -29.16 -10.29
N LEU A 13 1.92 21.39 14.95
CA LEU A 13 2.65 20.65 13.88
C LEU A 13 3.70 19.73 14.52
N VAL A 14 3.27 18.56 15.01
CA VAL A 14 4.12 17.53 15.67
C VAL A 14 3.63 16.13 15.26
N PRO A 15 4.50 15.18 14.86
CA PRO A 15 4.12 13.83 14.46
C PRO A 15 3.69 12.95 15.66
N ARG A 16 2.44 13.11 16.11
CA ARG A 16 1.81 12.37 17.22
C ARG A 16 0.64 11.48 16.75
N GLY A 17 0.99 10.51 15.90
CA GLY A 17 0.09 9.47 15.39
C GLY A 17 -0.03 8.29 16.36
N SER A 18 -0.88 8.43 17.39
CA SER A 18 -1.23 7.35 18.33
C SER A 18 -1.89 6.13 17.67
N HIS A 19 -2.04 5.02 18.42
CA HIS A 19 -2.68 3.78 17.96
C HIS A 19 -4.14 3.69 18.43
N MET A 20 -4.97 2.93 17.69
CA MET A 20 -6.41 2.70 17.96
C MET A 20 -6.94 1.50 17.14
N MET A 21 -8.26 1.26 17.18
CA MET A 21 -8.97 0.32 16.28
C MET A 21 -8.88 0.74 14.80
N SER A 22 -7.81 0.35 14.13
CA SER A 22 -7.60 0.52 12.68
C SER A 22 -8.11 -0.69 11.86
N SER A 23 -8.18 -0.52 10.54
CA SER A 23 -8.48 -1.58 9.56
C SER A 23 -7.42 -2.70 9.52
N SER A 24 -7.74 -3.82 8.86
CA SER A 24 -6.89 -5.02 8.74
C SER A 24 -5.49 -4.77 8.15
N PRO A 25 -4.49 -5.61 8.49
CA PRO A 25 -3.11 -5.42 8.03
C PRO A 25 -2.92 -5.63 6.52
N CYS A 26 -3.89 -6.26 5.84
CA CYS A 26 -3.89 -6.43 4.39
C CYS A 26 -4.08 -5.12 3.61
N ASP A 27 -4.74 -4.12 4.19
CA ASP A 27 -4.96 -2.80 3.59
C ASP A 27 -4.20 -1.66 4.29
N GLN A 28 -3.68 -1.90 5.51
CA GLN A 28 -2.87 -0.91 6.24
C GLN A 28 -1.60 -0.54 5.47
N LEU A 29 -1.11 -1.45 4.61
CA LEU A 29 0.03 -1.27 3.71
C LEU A 29 -0.06 -0.02 2.83
N GLN A 30 -1.27 0.51 2.63
CA GLN A 30 -1.44 1.76 1.91
C GLN A 30 -0.62 2.89 2.57
N SER A 31 -0.64 2.96 3.90
CA SER A 31 0.15 3.91 4.70
C SER A 31 1.67 3.68 4.58
N PHE A 32 2.11 2.42 4.49
CA PHE A 32 3.52 2.08 4.22
C PHE A 32 3.97 2.62 2.86
N ALA A 33 3.22 2.33 1.79
CA ALA A 33 3.59 2.70 0.43
C ALA A 33 3.48 4.23 0.17
N ASP A 34 2.47 4.89 0.77
CA ASP A 34 2.34 6.35 0.78
C ASP A 34 3.47 7.06 1.56
N GLY A 35 4.18 6.34 2.43
CA GLY A 35 5.35 6.84 3.18
C GLY A 35 5.00 7.50 4.51
N ASP A 36 3.97 7.01 5.21
CA ASP A 36 3.38 7.62 6.42
C ASP A 36 3.13 6.60 7.56
N LEU A 37 3.98 5.56 7.65
CA LEU A 37 3.91 4.50 8.67
C LEU A 37 5.18 4.47 9.55
N PRO A 38 5.05 4.39 10.89
CA PRO A 38 6.20 4.36 11.82
C PRO A 38 6.93 3.00 11.79
N PRO A 39 8.21 2.95 12.23
CA PRO A 39 9.06 1.74 12.12
C PRO A 39 8.59 0.56 12.99
N MET A 40 7.95 0.83 14.13
CA MET A 40 7.45 -0.21 15.04
C MET A 40 6.21 -0.92 14.49
N GLU A 41 5.25 -0.16 13.94
CA GLU A 41 4.07 -0.71 13.28
C GLU A 41 4.43 -1.37 11.93
N ALA A 42 5.48 -0.88 11.25
CA ALA A 42 5.99 -1.45 10.01
C ALA A 42 6.47 -2.92 10.14
N GLN A 43 7.01 -3.31 11.31
CA GLN A 43 7.29 -4.72 11.60
C GLN A 43 6.03 -5.49 12.02
N ALA A 44 5.11 -4.85 12.76
CA ALA A 44 3.88 -5.49 13.24
C ALA A 44 2.95 -5.98 12.10
N PHE A 45 2.72 -5.16 11.06
CA PHE A 45 1.99 -5.61 9.85
C PHE A 45 2.89 -6.38 8.87
N GLY A 46 4.22 -6.20 8.94
CA GLY A 46 5.22 -6.82 8.07
C GLY A 46 5.10 -8.35 7.96
N GLN A 47 4.68 -9.00 9.05
CA GLN A 47 4.38 -10.44 9.11
C GLN A 47 3.26 -10.86 8.13
N HIS A 48 2.19 -10.06 8.01
CA HIS A 48 1.09 -10.27 7.05
C HIS A 48 1.43 -9.78 5.63
N LEU A 49 2.38 -8.84 5.49
CA LEU A 49 2.91 -8.37 4.21
C LEU A 49 3.71 -9.45 3.44
N ALA A 50 3.91 -10.64 4.01
CA ALA A 50 4.33 -11.84 3.29
C ALA A 50 3.43 -12.12 2.05
N ASP A 51 3.92 -12.99 1.15
CA ASP A 51 3.29 -13.30 -0.15
C ASP A 51 1.76 -13.56 -0.05
N CYS A 52 0.98 -12.59 -0.52
CA CYS A 52 -0.48 -12.51 -0.37
C CYS A 52 -1.06 -11.69 -1.53
N GLU A 53 -1.91 -12.30 -2.36
CA GLU A 53 -2.50 -11.63 -3.53
C GLU A 53 -3.24 -10.34 -3.13
N LYS A 54 -4.08 -10.42 -2.08
CA LYS A 54 -4.84 -9.27 -1.57
C LYS A 54 -3.93 -8.09 -1.18
N CYS A 55 -2.79 -8.37 -0.55
CA CYS A 55 -1.78 -7.35 -0.23
C CYS A 55 -1.13 -6.75 -1.50
N GLN A 56 -0.64 -7.59 -2.42
CA GLN A 56 0.06 -7.11 -3.60
C GLN A 56 -0.85 -6.31 -4.54
N VAL A 57 -2.12 -6.72 -4.69
CA VAL A 57 -3.17 -5.98 -5.41
C VAL A 57 -3.41 -4.61 -4.78
N GLU A 58 -3.44 -4.51 -3.45
CA GLU A 58 -3.60 -3.22 -2.75
C GLU A 58 -2.37 -2.31 -2.89
N LEU A 59 -1.16 -2.88 -2.89
CA LEU A 59 0.11 -2.13 -3.00
C LEU A 59 0.29 -1.58 -4.42
N THR A 60 0.22 -2.45 -5.43
CA THR A 60 0.41 -2.07 -6.85
C THR A 60 -0.62 -1.03 -7.34
N ARG A 61 -1.82 -1.02 -6.73
CA ARG A 61 -2.85 0.01 -6.98
C ARG A 61 -2.36 1.43 -6.71
N LEU A 62 -1.48 1.61 -5.72
CA LEU A 62 -0.85 2.90 -5.41
C LEU A 62 0.33 3.17 -6.34
N LEU A 63 1.18 2.16 -6.57
CA LEU A 63 2.36 2.30 -7.44
C LEU A 63 1.97 2.66 -8.88
N GLN A 64 0.83 2.16 -9.37
CA GLN A 64 0.26 2.50 -10.67
C GLN A 64 0.00 4.02 -10.82
N LEU A 65 -0.50 4.67 -9.76
CA LEU A 65 -0.74 6.12 -9.74
C LEU A 65 0.57 6.92 -9.62
N ASP A 66 1.58 6.38 -8.91
CA ASP A 66 2.90 7.00 -8.79
C ASP A 66 3.76 6.89 -10.07
N GLN A 67 3.59 5.82 -10.85
CA GLN A 67 4.30 5.58 -12.11
C GLN A 67 3.94 6.64 -13.17
N LEU A 68 2.66 6.95 -13.31
CA LEU A 68 2.15 7.97 -14.23
C LEU A 68 2.40 9.39 -13.66
N GLY A 69 3.06 10.25 -14.42
CA GLY A 69 3.38 11.62 -14.02
C GLY A 69 4.44 11.74 -12.90
N ARG A 70 5.30 10.73 -12.74
CA ARG A 70 6.44 10.74 -11.79
C ARG A 70 7.25 12.03 -11.89
N GLY A 71 7.38 12.74 -10.77
CA GLY A 71 8.15 14.00 -10.66
C GLY A 71 7.31 15.28 -10.71
N TYR A 72 6.04 15.22 -11.16
CA TYR A 72 5.08 16.33 -11.00
C TYR A 72 4.66 16.52 -9.54
N ILE A 73 4.05 17.67 -9.24
CA ILE A 73 3.49 18.03 -7.93
C ILE A 73 2.46 16.99 -7.45
N GLU A 74 2.57 16.58 -6.18
CA GLU A 74 1.69 15.59 -5.53
C GLU A 74 0.58 16.29 -4.72
N ARG A 75 -0.54 15.58 -4.49
CA ARG A 75 -1.71 16.07 -3.73
C ARG A 75 -1.79 15.55 -2.28
N HIS A 76 -1.25 14.36 -2.01
CA HIS A 76 -1.14 13.79 -0.66
C HIS A 76 0.06 14.41 0.08
N GLY A 77 -0.21 15.04 1.23
CA GLY A 77 0.81 15.75 2.04
C GLY A 77 0.30 16.17 3.42
N PRO A 78 -0.66 17.12 3.51
CA PRO A 78 -1.32 17.46 4.76
C PRO A 78 -2.29 16.33 5.20
N VAL A 79 -2.43 16.14 6.52
CA VAL A 79 -3.31 15.14 7.14
C VAL A 79 -3.97 15.74 8.39
N ASP A 80 -5.27 15.52 8.55
CA ASP A 80 -6.09 15.91 9.71
C ASP A 80 -5.83 14.97 10.91
N ILE A 81 -4.66 15.12 11.54
CA ILE A 81 -4.27 14.37 12.75
C ILE A 81 -5.30 14.53 13.89
N PRO A 82 -5.45 13.52 14.78
CA PRO A 82 -6.37 13.60 15.92
C PRO A 82 -5.88 14.61 16.97
N TRP A 83 -6.82 15.33 17.60
CA TRP A 83 -6.54 16.30 18.67
C TRP A 83 -7.17 15.86 20.00
N HIS A 84 -8.51 15.70 20.04
CA HIS A 84 -9.23 15.27 21.26
C HIS A 84 -9.08 13.78 21.55
N ALA A 85 -8.86 12.95 20.52
CA ALA A 85 -8.54 11.53 20.69
C ALA A 85 -7.12 11.39 21.29
N LEU A 86 -7.06 11.08 22.58
CA LEU A 86 -5.82 10.89 23.36
C LEU A 86 -5.89 9.52 24.06
N PRO A 87 -5.79 8.41 23.29
CA PRO A 87 -5.77 7.05 23.83
C PRO A 87 -4.46 6.77 24.59
N ARG A 88 -4.43 5.65 25.31
CA ARG A 88 -3.28 5.19 26.11
C ARG A 88 -2.46 4.13 25.37
N ASN A 89 -1.20 3.94 25.77
CA ASN A 89 -0.26 3.00 25.15
C ASN A 89 0.48 2.16 26.21
N ARG A 90 0.44 0.83 26.02
CA ARG A 90 0.95 -0.21 26.92
C ARG A 90 1.23 -1.54 26.18
N LEU A 13 -19.79 7.25 1.04
CA LEU A 13 -21.07 7.45 1.79
C LEU A 13 -21.20 6.42 2.94
N VAL A 14 -20.33 6.53 3.95
CA VAL A 14 -20.27 5.63 5.12
C VAL A 14 -19.91 6.40 6.42
N PRO A 15 -20.73 7.38 6.86
CA PRO A 15 -20.46 8.19 8.05
C PRO A 15 -20.60 7.41 9.36
N ARG A 16 -21.44 6.37 9.39
CA ARG A 16 -21.62 5.42 10.51
C ARG A 16 -20.43 4.47 10.67
N GLY A 17 -20.24 3.96 11.89
CA GLY A 17 -19.22 2.96 12.24
C GLY A 17 -18.99 2.85 13.75
N SER A 18 -18.21 1.85 14.17
CA SER A 18 -17.76 1.70 15.56
C SER A 18 -16.66 2.72 15.90
N HIS A 19 -16.63 3.22 17.15
CA HIS A 19 -15.53 4.06 17.65
C HIS A 19 -14.21 3.28 17.74
N MET A 20 -13.11 3.94 17.37
CA MET A 20 -11.73 3.40 17.42
C MET A 20 -11.56 2.05 16.68
N MET A 21 -12.37 1.78 15.65
CA MET A 21 -12.39 0.51 14.91
C MET A 21 -11.02 0.17 14.29
N SER A 22 -10.39 -0.92 14.75
CA SER A 22 -9.10 -1.39 14.24
C SER A 22 -9.18 -1.84 12.77
N SER A 23 -8.16 -1.47 11.99
CA SER A 23 -8.03 -1.79 10.56
C SER A 23 -7.15 -3.03 10.34
N SER A 24 -7.47 -3.85 9.34
CA SER A 24 -6.72 -5.08 9.03
C SER A 24 -5.36 -4.79 8.36
N PRO A 25 -4.34 -5.65 8.56
CA PRO A 25 -2.99 -5.42 8.03
C PRO A 25 -2.89 -5.44 6.50
N CYS A 26 -3.89 -6.01 5.81
CA CYS A 26 -3.99 -5.98 4.35
C CYS A 26 -4.27 -4.56 3.78
N ASP A 27 -4.71 -3.60 4.61
CA ASP A 27 -4.84 -2.19 4.23
C ASP A 27 -3.87 -1.24 4.97
N GLN A 28 -3.17 -1.72 6.01
CA GLN A 28 -2.10 -0.97 6.69
C GLN A 28 -0.93 -0.65 5.75
N LEU A 29 -0.73 -1.49 4.72
CA LEU A 29 0.27 -1.29 3.67
C LEU A 29 0.06 -0.02 2.84
N GLN A 30 -1.17 0.53 2.85
CA GLN A 30 -1.52 1.78 2.19
C GLN A 30 -0.58 2.91 2.64
N SER A 31 -0.40 3.06 3.95
CA SER A 31 0.50 4.04 4.57
C SER A 31 1.98 3.69 4.40
N PHE A 32 2.34 2.41 4.32
CA PHE A 32 3.71 1.98 4.03
C PHE A 32 4.18 2.45 2.65
N ALA A 33 3.42 2.18 1.59
CA ALA A 33 3.80 2.54 0.23
C ALA A 33 3.79 4.06 -0.01
N ASP A 34 2.87 4.78 0.64
CA ASP A 34 2.84 6.25 0.68
C ASP A 34 4.02 6.87 1.46
N GLY A 35 4.78 6.08 2.23
CA GLY A 35 5.96 6.52 2.98
C GLY A 35 5.62 7.25 4.29
N ASP A 36 4.53 6.87 4.96
CA ASP A 36 3.95 7.56 6.13
C ASP A 36 3.63 6.59 7.30
N LEU A 37 4.40 5.49 7.39
CA LEU A 37 4.27 4.45 8.42
C LEU A 37 5.56 4.39 9.28
N PRO A 38 5.48 4.45 10.63
CA PRO A 38 6.65 4.39 11.51
C PRO A 38 7.23 2.96 11.62
N PRO A 39 8.51 2.80 12.01
CA PRO A 39 9.18 1.49 12.02
C PRO A 39 8.55 0.48 12.99
N MET A 40 7.98 0.96 14.11
CA MET A 40 7.27 0.14 15.10
C MET A 40 6.02 -0.56 14.53
N GLU A 41 5.24 0.10 13.67
CA GLU A 41 4.15 -0.54 12.93
C GLU A 41 4.65 -1.29 11.69
N ALA A 42 5.71 -0.80 11.03
CA ALA A 42 6.25 -1.41 9.82
C ALA A 42 6.71 -2.86 10.02
N GLN A 43 7.27 -3.21 11.18
CA GLN A 43 7.57 -4.59 11.54
C GLN A 43 6.29 -5.38 11.93
N ALA A 44 5.32 -4.75 12.60
CA ALA A 44 4.08 -5.39 13.06
C ALA A 44 3.19 -5.89 11.92
N PHE A 45 2.90 -5.06 10.91
CA PHE A 45 2.16 -5.47 9.70
C PHE A 45 3.03 -6.27 8.72
N GLY A 46 4.36 -6.12 8.80
CA GLY A 46 5.36 -6.78 7.94
C GLY A 46 5.21 -8.31 7.85
N GLN A 47 4.80 -8.95 8.95
CA GLN A 47 4.51 -10.39 9.01
C GLN A 47 3.37 -10.81 8.07
N HIS A 48 2.33 -9.97 7.92
CA HIS A 48 1.22 -10.18 6.97
C HIS A 48 1.53 -9.69 5.55
N LEU A 49 2.50 -8.79 5.39
CA LEU A 49 3.02 -8.35 4.08
C LEU A 49 3.77 -9.46 3.30
N ALA A 50 3.94 -10.65 3.89
CA ALA A 50 4.26 -11.90 3.19
C ALA A 50 3.33 -12.16 1.98
N ASP A 51 3.72 -13.09 1.10
CA ASP A 51 3.01 -13.46 -0.14
C ASP A 51 1.47 -13.59 0.04
N CYS A 52 0.74 -12.59 -0.46
CA CYS A 52 -0.68 -12.39 -0.24
C CYS A 52 -1.27 -11.56 -1.40
N GLU A 53 -2.02 -12.20 -2.30
CA GLU A 53 -2.64 -11.52 -3.45
C GLU A 53 -3.45 -10.27 -3.06
N LYS A 54 -4.18 -10.34 -1.94
CA LYS A 54 -4.96 -9.22 -1.38
C LYS A 54 -4.07 -8.03 -0.95
N CYS A 55 -2.85 -8.29 -0.47
CA CYS A 55 -1.86 -7.24 -0.19
C CYS A 55 -1.26 -6.67 -1.48
N GLN A 56 -0.83 -7.53 -2.41
CA GLN A 56 -0.19 -7.10 -3.67
C GLN A 56 -1.14 -6.26 -4.56
N VAL A 57 -2.44 -6.61 -4.62
CA VAL A 57 -3.49 -5.81 -5.27
C VAL A 57 -3.59 -4.41 -4.65
N GLU A 58 -3.51 -4.29 -3.32
CA GLU A 58 -3.57 -2.99 -2.65
C GLU A 58 -2.29 -2.17 -2.84
N LEU A 59 -1.12 -2.81 -2.86
CA LEU A 59 0.18 -2.15 -3.06
C LEU A 59 0.32 -1.61 -4.49
N THR A 60 0.11 -2.46 -5.50
CA THR A 60 0.28 -2.09 -6.91
C THR A 60 -0.65 -0.97 -7.36
N ARG A 61 -1.83 -0.85 -6.73
CA ARG A 61 -2.77 0.27 -6.90
C ARG A 61 -2.08 1.63 -6.71
N LEU A 62 -1.19 1.71 -5.72
CA LEU A 62 -0.50 2.95 -5.34
C LEU A 62 0.70 3.20 -6.26
N LEU A 63 1.42 2.14 -6.65
CA LEU A 63 2.54 2.24 -7.60
C LEU A 63 2.06 2.65 -9.01
N GLN A 64 0.88 2.18 -9.41
CA GLN A 64 0.22 2.51 -10.67
C GLN A 64 -0.06 4.01 -10.77
N LEU A 65 -0.75 4.60 -9.79
CA LEU A 65 -1.01 6.04 -9.75
C LEU A 65 0.24 6.88 -9.50
N ASP A 66 1.26 6.36 -8.79
CA ASP A 66 2.55 7.05 -8.63
C ASP A 66 3.34 7.20 -9.95
N GLN A 67 3.02 6.42 -10.99
CA GLN A 67 3.61 6.54 -12.32
C GLN A 67 3.19 7.83 -13.06
N LEU A 68 2.02 8.42 -12.74
CA LEU A 68 1.60 9.71 -13.31
C LEU A 68 2.49 10.86 -12.81
N GLY A 69 2.72 11.87 -13.65
CA GLY A 69 3.55 13.04 -13.31
C GLY A 69 2.74 14.34 -13.28
N ARG A 70 3.13 15.27 -12.40
CA ARG A 70 2.48 16.59 -12.25
C ARG A 70 2.56 17.40 -13.56
N GLY A 71 1.45 18.02 -13.93
CA GLY A 71 1.29 18.82 -15.17
C GLY A 71 0.13 18.34 -16.06
N TYR A 72 -0.35 17.12 -15.84
CA TYR A 72 -1.59 16.61 -16.44
C TYR A 72 -2.82 17.51 -16.12
N ILE A 73 -3.78 17.56 -17.05
CA ILE A 73 -5.03 18.32 -16.90
C ILE A 73 -6.24 17.44 -17.26
N GLU A 74 -7.35 17.62 -16.55
CA GLU A 74 -8.61 16.88 -16.74
C GLU A 74 -9.82 17.74 -16.31
N ARG A 75 -11.04 17.33 -16.71
CA ARG A 75 -12.33 17.93 -16.32
C ARG A 75 -12.61 17.95 -14.81
N HIS A 76 -11.93 17.09 -14.04
CA HIS A 76 -12.01 16.99 -12.57
C HIS A 76 -10.66 17.33 -11.95
N GLY A 77 -10.67 18.01 -10.80
CA GLY A 77 -9.48 18.37 -10.05
C GLY A 77 -8.87 17.20 -9.26
N PRO A 78 -7.79 17.44 -8.50
CA PRO A 78 -7.24 16.46 -7.56
C PRO A 78 -8.22 16.16 -6.40
N VAL A 79 -7.94 15.10 -5.65
CA VAL A 79 -8.76 14.64 -4.51
C VAL A 79 -7.90 14.60 -3.26
N ASP A 80 -8.42 15.16 -2.17
CA ASP A 80 -7.76 15.22 -0.85
C ASP A 80 -8.53 14.32 0.14
N ILE A 81 -7.81 13.43 0.83
CA ILE A 81 -8.33 12.44 1.75
C ILE A 81 -7.74 12.70 3.15
N PRO A 82 -8.56 12.86 4.21
CA PRO A 82 -8.07 13.04 5.57
C PRO A 82 -7.47 11.73 6.12
N TRP A 83 -6.59 11.85 7.12
CA TRP A 83 -5.84 10.73 7.73
C TRP A 83 -6.09 10.57 9.24
N HIS A 84 -7.06 11.32 9.78
CA HIS A 84 -7.41 11.35 11.21
C HIS A 84 -8.49 10.34 11.62
N ALA A 85 -9.43 10.03 10.71
CA ALA A 85 -10.44 8.99 10.86
C ALA A 85 -9.93 7.61 10.42
N LEU A 86 -10.78 6.58 10.54
CA LEU A 86 -10.50 5.18 10.15
C LEU A 86 -11.62 4.63 9.22
N PRO A 87 -11.80 5.21 8.01
CA PRO A 87 -12.83 4.79 7.07
C PRO A 87 -12.51 3.42 6.42
N ARG A 88 -13.53 2.81 5.80
CA ARG A 88 -13.42 1.56 5.03
C ARG A 88 -12.68 1.78 3.70
N ASN A 89 -12.16 0.67 3.13
CA ASN A 89 -11.56 0.60 1.80
C ASN A 89 -11.82 -0.80 1.18
N ARG A 90 -11.56 -1.00 -0.11
CA ARG A 90 -11.95 -2.21 -0.88
C ARG A 90 -10.79 -3.21 -1.07
N LEU A 13 7.25 14.31 27.71
CA LEU A 13 6.43 14.51 28.94
C LEU A 13 5.15 13.65 29.01
N VAL A 14 4.47 13.37 27.88
CA VAL A 14 3.25 12.53 27.79
C VAL A 14 3.44 11.39 26.77
N PRO A 15 4.32 10.40 27.05
CA PRO A 15 4.55 9.26 26.16
C PRO A 15 3.28 8.39 26.05
N ARG A 16 2.71 8.31 24.84
CA ARG A 16 1.47 7.57 24.53
C ARG A 16 1.63 6.82 23.20
N GLY A 17 1.44 5.50 23.22
CA GLY A 17 1.81 4.58 22.14
C GLY A 17 0.75 3.50 21.88
N SER A 18 -0.45 3.93 21.49
CA SER A 18 -1.60 3.08 21.16
C SER A 18 -1.44 2.36 19.81
N HIS A 19 -2.35 1.41 19.52
CA HIS A 19 -2.46 0.74 18.21
C HIS A 19 -2.71 1.72 17.05
N MET A 20 -2.32 1.33 15.82
CA MET A 20 -2.50 2.12 14.59
C MET A 20 -3.36 1.41 13.53
N MET A 21 -3.54 0.09 13.62
CA MET A 21 -4.52 -0.68 12.84
C MET A 21 -5.97 -0.23 13.10
N SER A 22 -6.81 -0.27 12.06
CA SER A 22 -8.20 0.23 12.09
C SER A 22 -9.23 -0.76 11.51
N SER A 23 -8.87 -1.52 10.48
CA SER A 23 -9.75 -2.50 9.81
C SER A 23 -9.07 -3.87 9.67
N SER A 24 -7.95 -3.94 8.95
CA SER A 24 -7.18 -5.17 8.74
C SER A 24 -5.72 -4.89 8.31
N PRO A 25 -4.76 -5.79 8.60
CA PRO A 25 -3.37 -5.58 8.18
C PRO A 25 -3.15 -5.71 6.67
N CYS A 26 -4.11 -6.29 5.93
CA CYS A 26 -4.09 -6.33 4.46
C CYS A 26 -4.28 -4.95 3.79
N ASP A 27 -4.88 -3.98 4.49
CA ASP A 27 -5.05 -2.59 4.01
C ASP A 27 -4.15 -1.57 4.71
N GLN A 28 -3.49 -1.96 5.83
CA GLN A 28 -2.47 -1.16 6.51
C GLN A 28 -1.26 -0.83 5.64
N LEU A 29 -0.99 -1.66 4.62
CA LEU A 29 0.06 -1.42 3.65
C LEU A 29 -0.10 -0.12 2.86
N GLN A 30 -1.31 0.46 2.82
CA GLN A 30 -1.53 1.73 2.13
C GLN A 30 -0.67 2.84 2.77
N SER A 31 -0.66 2.93 4.09
CA SER A 31 0.20 3.87 4.85
C SER A 31 1.69 3.57 4.69
N PHE A 32 2.09 2.30 4.59
CA PHE A 32 3.48 1.89 4.31
C PHE A 32 3.96 2.41 2.94
N ALA A 33 3.22 2.10 1.87
CA ALA A 33 3.61 2.45 0.50
C ALA A 33 3.56 3.97 0.24
N ASP A 34 2.59 4.67 0.84
CA ASP A 34 2.47 6.13 0.79
C ASP A 34 3.63 6.85 1.55
N GLY A 35 4.29 6.15 2.48
CA GLY A 35 5.49 6.62 3.19
C GLY A 35 5.21 7.31 4.53
N ASP A 36 4.13 6.91 5.22
CA ASP A 36 3.58 7.60 6.41
C ASP A 36 3.32 6.63 7.60
N LEU A 37 4.06 5.51 7.65
CA LEU A 37 3.98 4.49 8.71
C LEU A 37 5.27 4.45 9.55
N PRO A 38 5.19 4.45 10.90
CA PRO A 38 6.38 4.41 11.78
C PRO A 38 7.01 3.00 11.82
N PRO A 39 8.31 2.88 12.19
CA PRO A 39 9.05 1.61 12.11
C PRO A 39 8.50 0.51 13.03
N MET A 40 8.03 0.89 14.22
CA MET A 40 7.43 -0.02 15.20
C MET A 40 6.16 -0.70 14.69
N GLU A 41 5.31 0.03 13.94
CA GLU A 41 4.10 -0.53 13.31
C GLU A 41 4.42 -1.22 11.98
N ALA A 42 5.44 -0.75 11.25
CA ALA A 42 5.89 -1.35 9.99
C ALA A 42 6.35 -2.82 10.15
N GLN A 43 6.99 -3.17 11.27
CA GLN A 43 7.29 -4.57 11.59
C GLN A 43 6.05 -5.35 12.07
N ALA A 44 5.12 -4.71 12.79
CA ALA A 44 3.91 -5.35 13.33
C ALA A 44 2.95 -5.83 12.23
N PHE A 45 2.57 -4.97 11.27
CA PHE A 45 1.77 -5.38 10.10
C PHE A 45 2.59 -6.19 9.08
N GLY A 46 3.92 -6.01 9.09
CA GLY A 46 4.90 -6.68 8.22
C GLY A 46 4.75 -8.21 8.14
N GLN A 47 4.33 -8.84 9.25
CA GLN A 47 4.04 -10.28 9.33
C GLN A 47 2.96 -10.74 8.31
N HIS A 48 1.95 -9.90 8.05
CA HIS A 48 0.89 -10.16 7.06
C HIS A 48 1.17 -9.57 5.68
N LEU A 49 2.00 -8.52 5.60
CA LEU A 49 2.47 -7.91 4.34
C LEU A 49 3.36 -8.87 3.52
N ALA A 50 3.88 -9.94 4.12
CA ALA A 50 4.45 -11.10 3.43
C ALA A 50 3.56 -11.61 2.26
N ASP A 51 4.18 -12.17 1.23
CA ASP A 51 3.58 -12.50 -0.08
C ASP A 51 2.11 -12.99 -0.03
N CYS A 52 1.20 -12.10 -0.41
CA CYS A 52 -0.26 -12.25 -0.28
C CYS A 52 -0.94 -11.51 -1.45
N GLU A 53 -1.80 -12.19 -2.23
CA GLU A 53 -2.49 -11.60 -3.39
C GLU A 53 -3.31 -10.36 -2.99
N LYS A 54 -4.14 -10.48 -1.94
CA LYS A 54 -4.98 -9.39 -1.43
C LYS A 54 -4.15 -8.16 -1.01
N CYS A 55 -2.94 -8.37 -0.48
CA CYS A 55 -1.99 -7.28 -0.20
C CYS A 55 -1.41 -6.69 -1.49
N GLN A 56 -0.89 -7.51 -2.40
CA GLN A 56 -0.23 -7.05 -3.63
C GLN A 56 -1.18 -6.26 -4.54
N VAL A 57 -2.45 -6.68 -4.63
CA VAL A 57 -3.54 -5.96 -5.31
C VAL A 57 -3.75 -4.55 -4.75
N GLU A 58 -3.67 -4.37 -3.43
CA GLU A 58 -3.82 -3.06 -2.78
C GLU A 58 -2.55 -2.20 -2.90
N LEU A 59 -1.36 -2.82 -2.84
CA LEU A 59 -0.06 -2.14 -2.97
C LEU A 59 0.14 -1.60 -4.38
N THR A 60 0.01 -2.46 -5.40
CA THR A 60 0.23 -2.09 -6.81
C THR A 60 -0.75 -1.01 -7.28
N ARG A 61 -1.95 -0.93 -6.69
CA ARG A 61 -2.92 0.16 -6.92
C ARG A 61 -2.32 1.53 -6.66
N LEU A 62 -1.51 1.67 -5.60
CA LEU A 62 -0.84 2.92 -5.25
C LEU A 62 0.37 3.18 -6.16
N LEU A 63 1.15 2.14 -6.47
CA LEU A 63 2.32 2.26 -7.36
C LEU A 63 1.92 2.68 -8.78
N GLN A 64 0.78 2.19 -9.27
CA GLN A 64 0.23 2.52 -10.57
C GLN A 64 -0.13 4.03 -10.68
N LEU A 65 -0.75 4.60 -9.64
CA LEU A 65 -1.04 6.04 -9.55
C LEU A 65 0.23 6.89 -9.44
N ASP A 66 1.23 6.43 -8.69
CA ASP A 66 2.52 7.13 -8.51
C ASP A 66 3.38 7.11 -9.78
N GLN A 67 3.39 6.01 -10.54
CA GLN A 67 4.13 5.87 -11.80
C GLN A 67 3.46 6.67 -12.95
N LEU A 68 2.14 6.77 -12.96
CA LEU A 68 1.37 7.57 -13.93
C LEU A 68 1.71 9.07 -13.79
N GLY A 69 2.35 9.64 -14.82
CA GLY A 69 2.76 11.04 -14.86
C GLY A 69 3.52 11.38 -16.14
N ARG A 70 2.92 12.20 -17.00
CA ARG A 70 3.51 12.67 -18.28
C ARG A 70 4.89 13.31 -18.08
N GLY A 71 5.82 13.00 -18.99
CA GLY A 71 7.22 13.45 -18.96
C GLY A 71 8.25 12.30 -18.95
N TYR A 72 7.81 11.07 -18.68
CA TYR A 72 8.61 9.85 -18.87
C TYR A 72 9.01 9.62 -20.34
N ILE A 73 9.91 8.65 -20.57
CA ILE A 73 10.33 8.19 -21.91
C ILE A 73 9.14 7.78 -22.79
N GLU A 74 8.85 8.59 -23.81
CA GLU A 74 7.80 8.30 -24.80
C GLU A 74 8.06 6.97 -25.53
N ARG A 75 7.03 6.12 -25.58
CA ARG A 75 7.10 4.73 -26.10
C ARG A 75 6.07 4.40 -27.19
N HIS A 76 4.98 5.17 -27.25
CA HIS A 76 3.93 5.08 -28.28
C HIS A 76 3.92 6.36 -29.12
N GLY A 77 3.45 6.26 -30.36
CA GLY A 77 3.33 7.40 -31.28
C GLY A 77 2.18 8.36 -30.93
N PRO A 78 1.96 9.41 -31.74
CA PRO A 78 0.80 10.29 -31.60
C PRO A 78 -0.53 9.54 -31.84
N VAL A 79 -1.63 10.12 -31.37
CA VAL A 79 -2.98 9.54 -31.47
C VAL A 79 -3.89 10.49 -32.26
N ASP A 80 -4.26 10.06 -33.46
CA ASP A 80 -5.11 10.81 -34.40
C ASP A 80 -6.49 10.15 -34.50
N ILE A 81 -7.44 10.67 -33.72
CA ILE A 81 -8.84 10.21 -33.69
C ILE A 81 -9.53 10.31 -35.08
N PRO A 82 -10.51 9.45 -35.40
CA PRO A 82 -11.27 9.54 -36.64
C PRO A 82 -12.19 10.78 -36.69
N TRP A 83 -12.67 11.12 -37.88
CA TRP A 83 -13.61 12.23 -38.11
C TRP A 83 -14.94 12.05 -37.35
N HIS A 84 -15.70 13.15 -37.17
CA HIS A 84 -17.03 13.17 -36.55
C HIS A 84 -18.16 12.57 -37.45
N ALA A 85 -17.80 11.70 -38.39
CA ALA A 85 -18.73 10.91 -39.20
C ALA A 85 -19.67 10.06 -38.31
N LEU A 86 -20.84 9.69 -38.85
CA LEU A 86 -21.89 8.97 -38.12
C LEU A 86 -22.38 7.72 -38.90
N PRO A 87 -21.50 6.72 -39.13
CA PRO A 87 -21.83 5.49 -39.85
C PRO A 87 -22.79 4.57 -39.08
N ARG A 88 -23.23 3.49 -39.73
CA ARG A 88 -24.25 2.54 -39.23
C ARG A 88 -23.65 1.13 -39.10
N ASN A 89 -22.77 0.96 -38.11
CA ASN A 89 -22.06 -0.29 -37.78
C ASN A 89 -22.08 -0.55 -36.25
N ARG A 90 -21.57 -1.72 -35.83
CA ARG A 90 -21.43 -2.16 -34.43
C ARG A 90 -20.24 -3.12 -34.22
#